data_4WR8
#
_entry.id   4WR8
#
_cell.length_a   138.644
_cell.length_b   138.644
_cell.length_c   266.586
_cell.angle_alpha   90.00
_cell.angle_beta   90.00
_cell.angle_gamma   90.00
#
_symmetry.space_group_name_H-M   'P 4 21 2'
#
loop_
_entity.id
_entity.type
_entity.pdbx_description
1 polymer 'Macrophage migration inhibitory factor'
2 non-polymer 'SULFATE ION'
3 non-polymer 4-[4-(quinolin-2-yl)-1H-1,2,3-triazol-1-yl]phenol
4 non-polymer 'SODIUM ION'
5 water water
#
_entity_poly.entity_id   1
_entity_poly.type   'polypeptide(L)'
_entity_poly.pdbx_seq_one_letter_code
;PMFIVNTNVPRASVPDGFLSELTQQLAQATGKPPQYIAVHVVPDQLMAFGGSSEPCALCSLHSIGKIGGAQNRSYSKLLC
GLLAERLRISPDRVYINYYDMNAANVGWNNSTFA
;
_entity_poly.pdbx_strand_id   A,B,C,D,E,F,G,H,I,J,K,L,M,N,O,P,Q,R
#
# COMPACT_ATOMS: atom_id res chain seq x y z
N PRO A 1 -25.53 21.61 6.28
CA PRO A 1 -25.65 21.13 4.92
C PRO A 1 -24.35 21.25 4.16
N MET A 2 -24.20 20.51 3.08
CA MET A 2 -22.90 20.32 2.44
C MET A 2 -23.13 20.24 0.96
N PHE A 3 -22.57 21.20 0.24
CA PHE A 3 -22.70 21.25 -1.21
C PHE A 3 -21.33 21.11 -1.86
N ILE A 4 -21.23 20.16 -2.77
CA ILE A 4 -19.99 19.88 -3.45
C ILE A 4 -20.32 19.92 -4.92
N VAL A 5 -19.47 20.58 -5.70
CA VAL A 5 -19.64 20.56 -7.15
C VAL A 5 -18.29 20.30 -7.78
N ASN A 6 -18.26 19.34 -8.71
CA ASN A 6 -17.07 19.03 -9.48
C ASN A 6 -17.40 19.41 -10.89
N THR A 7 -16.49 20.10 -11.55
CA THR A 7 -16.72 20.58 -12.89
C THR A 7 -15.41 20.64 -13.66
N ASN A 8 -15.50 20.43 -14.98
CA ASN A 8 -14.38 20.53 -15.93
C ASN A 8 -14.19 21.97 -16.43
N VAL A 9 -14.94 22.90 -15.86
CA VAL A 9 -14.69 24.33 -16.06
C VAL A 9 -13.39 24.71 -15.31
N PRO A 10 -12.56 25.63 -15.89
CA PRO A 10 -11.29 26.02 -15.24
C PRO A 10 -11.42 26.80 -13.93
N ARG A 11 -10.36 26.80 -13.12
CA ARG A 11 -10.31 27.56 -11.87
C ARG A 11 -10.62 29.04 -12.09
N ALA A 12 -10.11 29.59 -13.19
CA ALA A 12 -10.24 31.01 -13.53
C ALA A 12 -11.65 31.42 -13.98
N SER A 13 -12.43 30.48 -14.50
CA SER A 13 -13.85 30.74 -14.81
C SER A 13 -14.73 30.86 -13.55
N VAL A 14 -14.20 30.47 -12.40
CA VAL A 14 -14.96 30.55 -11.16
C VAL A 14 -14.79 31.98 -10.65
N PRO A 15 -15.87 32.77 -10.62
CA PRO A 15 -15.72 34.14 -10.17
C PRO A 15 -15.56 34.19 -8.67
N ASP A 16 -14.95 35.27 -8.18
CA ASP A 16 -14.81 35.51 -6.75
C ASP A 16 -16.24 35.65 -6.17
N GLY A 17 -16.40 35.32 -4.90
CA GLY A 17 -17.72 35.38 -4.28
C GLY A 17 -18.64 34.19 -4.46
N PHE A 18 -18.29 33.31 -5.40
CA PHE A 18 -19.09 32.15 -5.72
C PHE A 18 -19.32 31.27 -4.50
N LEU A 19 -18.29 30.98 -3.73
CA LEU A 19 -18.44 30.15 -2.52
C LEU A 19 -19.35 30.82 -1.52
N SER A 20 -19.15 32.12 -1.34
CA SER A 20 -19.97 32.91 -0.43
C SER A 20 -21.41 32.97 -0.90
N GLU A 21 -21.58 33.12 -2.21
CA GLU A 21 -22.92 33.15 -2.78
C GLU A 21 -23.64 31.82 -2.58
N LEU A 22 -22.94 30.69 -2.81
CA LEU A 22 -23.55 29.37 -2.59
C LEU A 22 -23.95 29.19 -1.15
N THR A 23 -23.07 29.62 -0.25
CA THR A 23 -23.29 29.52 1.19
C THR A 23 -24.57 30.22 1.58
N GLN A 24 -24.82 31.38 1.00
CA GLN A 24 -25.95 32.24 1.38
C GLN A 24 -27.24 31.72 0.79
N GLN A 25 -27.19 31.39 -0.50
CA GLN A 25 -28.34 30.84 -1.19
C GLN A 25 -28.78 29.52 -0.57
N LEU A 26 -27.83 28.67 -0.23
CA LEU A 26 -28.11 27.40 0.46
C LEU A 26 -28.65 27.61 1.86
N ALA A 27 -28.16 28.63 2.56
CA ALA A 27 -28.73 29.01 3.86
C ALA A 27 -30.22 29.35 3.75
N GLN A 28 -30.55 30.18 2.76
CA GLN A 28 -31.97 30.52 2.49
C GLN A 28 -32.76 29.26 2.10
N ALA A 29 -32.26 28.54 1.11
CA ALA A 29 -33.00 27.40 0.57
C ALA A 29 -33.17 26.30 1.60
N THR A 30 -32.09 25.95 2.29
CA THR A 30 -32.15 24.90 3.31
C THR A 30 -32.84 25.36 4.59
N GLY A 31 -32.90 26.67 4.80
CA GLY A 31 -33.46 27.22 6.03
C GLY A 31 -32.52 27.01 7.20
N LYS A 32 -31.24 26.81 6.90
CA LYS A 32 -30.21 26.59 7.92
C LYS A 32 -29.35 27.84 8.01
N PRO A 33 -28.84 28.15 9.21
CA PRO A 33 -27.96 29.32 9.31
C PRO A 33 -26.66 29.07 8.60
N PRO A 34 -26.07 30.11 7.99
CA PRO A 34 -24.87 29.86 7.19
C PRO A 34 -23.73 29.29 8.03
N GLN A 35 -23.71 29.57 9.33
CA GLN A 35 -22.75 28.95 10.23
C GLN A 35 -22.60 27.43 9.96
N TYR A 36 -23.66 26.75 9.51
CA TYR A 36 -23.64 25.30 9.32
C TYR A 36 -23.52 24.82 7.87
N ILE A 37 -23.39 25.76 6.94
CA ILE A 37 -23.28 25.43 5.52
C ILE A 37 -21.82 25.33 5.13
N ALA A 38 -21.49 24.27 4.40
CA ALA A 38 -20.19 24.04 3.85
C ALA A 38 -20.31 23.89 2.34
N VAL A 39 -19.45 24.57 1.59
CA VAL A 39 -19.45 24.42 0.17
C VAL A 39 -18.02 24.17 -0.31
N HIS A 40 -17.91 23.52 -1.47
CA HIS A 40 -16.67 22.95 -1.96
C HIS A 40 -16.74 22.83 -3.48
N VAL A 41 -15.95 23.62 -4.18
CA VAL A 41 -15.97 23.61 -5.64
C VAL A 41 -14.70 23.02 -6.21
N VAL A 42 -14.83 22.13 -7.19
CA VAL A 42 -13.66 21.45 -7.74
C VAL A 42 -13.59 21.63 -9.23
N PRO A 43 -12.82 22.65 -9.67
CA PRO A 43 -12.69 22.94 -11.11
C PRO A 43 -11.59 22.12 -11.79
N ASP A 44 -11.47 22.25 -13.10
CA ASP A 44 -10.36 21.67 -13.89
C ASP A 44 -10.42 20.15 -14.02
N GLN A 45 -11.57 19.56 -13.71
CA GLN A 45 -11.69 18.12 -13.57
C GLN A 45 -11.73 17.42 -14.90
N LEU A 46 -11.24 16.18 -14.91
CA LEU A 46 -11.28 15.37 -16.12
C LEU A 46 -12.60 14.61 -16.10
N MET A 47 -13.55 15.08 -16.91
CA MET A 47 -14.88 14.49 -16.94
C MET A 47 -15.64 14.70 -18.25
N ALA A 48 -16.72 13.93 -18.38
CA ALA A 48 -17.50 13.87 -19.57
C ALA A 48 -18.95 13.62 -19.19
N PHE A 49 -19.87 14.16 -19.99
CA PHE A 49 -21.29 14.04 -19.73
C PHE A 49 -21.92 13.75 -21.08
N GLY A 50 -22.63 12.64 -21.16
CA GLY A 50 -23.10 12.16 -22.45
C GLY A 50 -21.93 11.95 -23.41
N GLY A 51 -20.80 11.49 -22.89
CA GLY A 51 -19.58 11.30 -23.68
C GLY A 51 -19.09 12.52 -24.46
N SER A 52 -19.32 13.70 -23.90
CA SER A 52 -18.94 14.97 -24.53
C SER A 52 -18.19 15.76 -23.48
N SER A 53 -17.17 16.50 -23.90
CA SER A 53 -16.36 17.26 -22.94
C SER A 53 -16.70 18.74 -22.87
N GLU A 54 -17.87 19.11 -23.40
CA GLU A 54 -18.42 20.43 -23.16
C GLU A 54 -18.59 20.67 -21.67
N PRO A 55 -18.80 21.93 -21.25
CA PRO A 55 -18.92 22.19 -19.82
C PRO A 55 -20.06 21.39 -19.16
N CYS A 56 -19.79 20.86 -17.98
CA CYS A 56 -20.71 19.99 -17.27
C CYS A 56 -20.34 20.04 -15.81
N ALA A 57 -21.16 19.46 -14.95
CA ALA A 57 -20.86 19.46 -13.52
C ALA A 57 -21.56 18.35 -12.79
N LEU A 58 -20.91 17.80 -11.76
CA LEU A 58 -21.48 16.75 -10.93
C LEU A 58 -21.47 17.21 -9.49
N CYS A 59 -22.65 17.32 -8.89
CA CYS A 59 -22.73 17.91 -7.55
C CYS A 59 -23.39 16.97 -6.58
N SER A 60 -23.28 17.28 -5.31
CA SER A 60 -24.12 16.62 -4.32
C SER A 60 -24.52 17.59 -3.22
N LEU A 61 -25.66 17.31 -2.60
CA LEU A 61 -26.13 18.06 -1.45
C LEU A 61 -26.50 17.07 -0.34
N HIS A 62 -25.78 17.15 0.77
CA HIS A 62 -26.02 16.34 1.96
C HIS A 62 -26.65 17.21 3.06
N SER A 63 -27.75 16.77 3.66
CA SER A 63 -28.39 17.52 4.72
C SER A 63 -29.13 16.60 5.65
N ILE A 64 -29.18 16.96 6.93
CA ILE A 64 -29.96 16.24 7.92
C ILE A 64 -31.39 16.76 7.79
N GLY A 65 -32.21 16.01 7.06
CA GLY A 65 -33.54 16.47 6.67
C GLY A 65 -33.39 17.62 5.68
N LYS A 66 -34.50 18.29 5.41
CA LYS A 66 -34.60 19.28 4.34
C LYS A 66 -34.46 18.68 2.93
N ILE A 67 -34.61 17.38 2.82
CA ILE A 67 -34.45 16.72 1.54
C ILE A 67 -35.74 16.00 1.22
N GLY A 68 -36.29 16.25 0.05
CA GLY A 68 -37.52 15.59 -0.40
C GLY A 68 -37.93 16.10 -1.78
N GLY A 69 -39.02 15.52 -2.31
CA GLY A 69 -39.48 15.79 -3.67
C GLY A 69 -39.55 17.27 -4.03
N ALA A 70 -40.40 18.02 -3.36
CA ALA A 70 -40.64 19.41 -3.74
C ALA A 70 -39.42 20.26 -3.46
N GLN A 71 -38.72 19.94 -2.38
CA GLN A 71 -37.55 20.70 -2.01
C GLN A 71 -36.42 20.48 -3.00
N ASN A 72 -36.15 19.23 -3.34
CA ASN A 72 -35.07 18.94 -4.27
C ASN A 72 -35.33 19.62 -5.61
N ARG A 73 -36.57 19.58 -6.10
CA ARG A 73 -36.91 20.30 -7.33
C ARG A 73 -36.54 21.81 -7.23
N SER A 74 -36.78 22.38 -6.07
CA SER A 74 -36.46 23.76 -5.79
C SER A 74 -34.93 23.99 -5.68
N TYR A 75 -34.21 23.09 -5.01
CA TYR A 75 -32.75 23.16 -5.00
C TYR A 75 -32.17 23.10 -6.40
N SER A 76 -32.60 22.12 -7.18
CA SER A 76 -32.09 21.96 -8.53
C SER A 76 -32.25 23.23 -9.34
N LYS A 77 -33.42 23.83 -9.26
CA LYS A 77 -33.69 25.06 -10.02
C LYS A 77 -32.76 26.19 -9.58
N LEU A 78 -32.53 26.28 -8.28
CA LEU A 78 -31.66 27.29 -7.69
C LEU A 78 -30.20 27.05 -8.09
N LEU A 79 -29.75 25.81 -7.87
CA LEU A 79 -28.37 25.44 -8.11
C LEU A 79 -27.99 25.36 -9.58
N CYS A 80 -28.90 24.89 -10.43
CA CYS A 80 -28.61 24.89 -11.88
C CYS A 80 -28.52 26.32 -12.40
N GLY A 81 -29.29 27.22 -11.78
CA GLY A 81 -29.26 28.63 -12.15
C GLY A 81 -27.91 29.28 -11.84
N LEU A 82 -27.40 29.02 -10.63
CA LEU A 82 -26.10 29.53 -10.24
C LEU A 82 -24.98 28.92 -11.09
N LEU A 83 -25.11 27.65 -11.45
CA LEU A 83 -24.08 27.01 -12.29
C LEU A 83 -24.13 27.47 -13.75
N ALA A 84 -25.31 27.88 -14.22
CA ALA A 84 -25.42 28.48 -15.54
C ALA A 84 -24.93 29.93 -15.52
N GLU A 85 -25.43 30.70 -14.54
CA GLU A 85 -25.22 32.13 -14.53
C GLU A 85 -23.75 32.45 -14.24
N ARG A 86 -23.12 31.66 -13.38
CA ARG A 86 -21.76 31.94 -12.91
C ARG A 86 -20.65 31.12 -13.57
N LEU A 87 -20.93 29.88 -13.99
CA LEU A 87 -19.91 29.03 -14.62
C LEU A 87 -20.19 28.67 -16.09
N ARG A 88 -21.26 29.25 -16.66
CA ARG A 88 -21.64 29.03 -18.05
C ARG A 88 -21.84 27.55 -18.40
N ILE A 89 -22.34 26.79 -17.42
CA ILE A 89 -22.67 25.38 -17.61
C ILE A 89 -24.17 25.19 -17.95
N SER A 90 -24.44 24.52 -19.07
CA SER A 90 -25.82 24.25 -19.47
C SER A 90 -26.51 23.37 -18.40
N PRO A 91 -27.72 23.74 -17.98
CA PRO A 91 -28.42 22.96 -16.95
C PRO A 91 -28.70 21.49 -17.26
N ASP A 92 -28.71 21.12 -18.55
CA ASP A 92 -28.84 19.71 -18.93
C ASP A 92 -27.49 18.96 -19.01
N ARG A 93 -26.48 19.51 -18.36
CA ARG A 93 -25.19 18.84 -18.17
C ARG A 93 -24.77 18.97 -16.72
N VAL A 94 -25.76 19.06 -15.82
CA VAL A 94 -25.55 19.06 -14.40
C VAL A 94 -26.36 17.93 -13.81
N TYR A 95 -25.70 17.10 -13.00
CA TYR A 95 -26.36 16.14 -12.14
C TYR A 95 -26.10 16.55 -10.71
N ILE A 96 -27.13 16.45 -9.87
CA ILE A 96 -27.02 16.73 -8.45
C ILE A 96 -27.65 15.59 -7.67
N ASN A 97 -26.90 14.92 -6.81
CA ASN A 97 -27.47 13.91 -5.92
C ASN A 97 -27.85 14.54 -4.58
N TYR A 98 -29.02 14.22 -4.09
CA TYR A 98 -29.44 14.70 -2.81
C TYR A 98 -29.41 13.51 -1.85
N TYR A 99 -28.91 13.76 -0.64
CA TYR A 99 -28.80 12.74 0.40
C TYR A 99 -29.40 13.27 1.67
N ASP A 100 -30.42 12.57 2.18
CA ASP A 100 -30.97 12.86 3.51
C ASP A 100 -30.20 12.08 4.54
N MET A 101 -29.31 12.74 5.26
CA MET A 101 -28.47 12.10 6.26
C MET A 101 -29.21 12.03 7.59
N ASN A 102 -29.06 10.90 8.30
CA ASN A 102 -29.51 10.77 9.66
C ASN A 102 -28.56 11.53 10.57
N ALA A 103 -29.10 12.24 11.56
CA ALA A 103 -28.25 12.96 12.52
C ALA A 103 -27.09 12.09 13.05
N ALA A 104 -27.41 10.88 13.47
CA ALA A 104 -26.42 9.94 13.98
C ALA A 104 -25.27 9.62 12.99
N ASN A 105 -25.49 9.80 11.69
CA ASN A 105 -24.48 9.47 10.72
C ASN A 105 -23.71 10.68 10.21
N VAL A 106 -23.78 11.78 10.95
CA VAL A 106 -23.00 12.96 10.60
C VAL A 106 -22.21 13.40 11.80
N GLY A 107 -20.90 13.50 11.60
CA GLY A 107 -19.98 13.94 12.63
C GLY A 107 -19.65 15.42 12.50
N TRP A 108 -19.48 16.06 13.64
CA TRP A 108 -19.03 17.44 13.71
C TRP A 108 -18.58 17.73 15.13
N ASN A 109 -17.47 18.45 15.25
CA ASN A 109 -17.01 18.97 16.52
C ASN A 109 -16.84 17.92 17.60
N ASN A 110 -16.04 16.90 17.31
CA ASN A 110 -15.72 15.80 18.25
C ASN A 110 -16.89 14.91 18.63
N SER A 111 -17.98 15.00 17.87
CA SER A 111 -19.17 14.21 18.16
C SER A 111 -20.05 14.06 16.93
N THR A 112 -21.27 13.60 17.15
CA THR A 112 -22.24 13.46 16.10
C THR A 112 -23.45 14.30 16.41
N PHE A 113 -24.26 14.54 15.39
CA PHE A 113 -25.50 15.25 15.55
C PHE A 113 -26.56 14.42 16.28
N ALA A 114 -26.44 13.10 16.23
CA ALA A 114 -27.46 12.22 16.80
C ALA A 114 -28.52 12.95 17.65
N PRO B 1 -26.64 7.77 -15.39
CA PRO B 1 -25.75 7.23 -14.37
C PRO B 1 -24.46 8.02 -14.22
N MET B 2 -23.70 7.72 -13.18
CA MET B 2 -22.56 8.53 -12.81
C MET B 2 -21.51 7.64 -12.22
N PHE B 3 -20.36 7.57 -12.88
CA PHE B 3 -19.22 6.79 -12.40
C PHE B 3 -18.06 7.73 -12.10
N ILE B 4 -17.48 7.58 -10.93
CA ILE B 4 -16.36 8.40 -10.51
C ILE B 4 -15.22 7.47 -10.16
N VAL B 5 -14.03 7.76 -10.69
CA VAL B 5 -12.82 7.07 -10.27
C VAL B 5 -11.84 8.03 -9.62
N ASN B 6 -11.34 7.64 -8.44
CA ASN B 6 -10.23 8.35 -7.81
C ASN B 6 -9.03 7.41 -7.66
N THR B 7 -7.92 7.77 -8.30
CA THR B 7 -6.77 6.88 -8.38
C THR B 7 -5.45 7.62 -8.23
N ASN B 8 -4.51 6.98 -7.51
CA ASN B 8 -3.15 7.48 -7.31
C ASN B 8 -2.26 7.29 -8.55
N VAL B 9 -2.85 6.71 -9.60
CA VAL B 9 -2.22 6.62 -10.90
C VAL B 9 -2.10 8.02 -11.49
N PRO B 10 -0.90 8.39 -11.99
CA PRO B 10 -0.74 9.73 -12.56
C PRO B 10 -1.47 9.92 -13.89
N ARG B 11 -1.82 11.18 -14.20
CA ARG B 11 -2.63 11.52 -15.38
C ARG B 11 -2.07 10.93 -16.67
N ALA B 12 -0.74 10.93 -16.79
CA ALA B 12 -0.07 10.46 -18.01
C ALA B 12 -0.46 9.01 -18.36
N SER B 13 -0.61 8.18 -17.32
CA SER B 13 -0.94 6.75 -17.48
C SER B 13 -2.42 6.51 -17.81
N VAL B 14 -3.26 7.54 -17.65
CA VAL B 14 -4.62 7.50 -18.16
C VAL B 14 -4.58 7.71 -19.67
N PRO B 15 -5.12 6.75 -20.45
CA PRO B 15 -5.17 6.90 -21.90
C PRO B 15 -6.18 7.92 -22.41
N ASP B 16 -5.90 8.50 -23.57
CA ASP B 16 -6.94 9.12 -24.39
C ASP B 16 -7.91 8.00 -24.81
N GLY B 17 -9.18 8.37 -24.96
CA GLY B 17 -10.23 7.38 -25.24
C GLY B 17 -10.84 6.72 -23.99
N PHE B 18 -10.26 6.96 -22.81
CA PHE B 18 -10.68 6.27 -21.57
C PHE B 18 -12.08 6.66 -21.10
N LEU B 19 -12.43 7.95 -21.17
CA LEU B 19 -13.77 8.40 -20.77
C LEU B 19 -14.83 7.91 -21.74
N SER B 20 -14.54 8.00 -23.04
CA SER B 20 -15.44 7.42 -24.06
C SER B 20 -15.69 5.93 -23.85
N GLU B 21 -14.68 5.21 -23.39
CA GLU B 21 -14.79 3.77 -23.19
C GLU B 21 -15.67 3.48 -21.97
N LEU B 22 -15.35 4.14 -20.87
CA LEU B 22 -16.19 4.08 -19.68
C LEU B 22 -17.65 4.41 -19.99
N THR B 23 -17.86 5.43 -20.81
CA THR B 23 -19.20 5.86 -21.20
C THR B 23 -19.91 4.75 -21.98
N GLN B 24 -19.30 4.24 -23.04
CA GLN B 24 -19.95 3.20 -23.86
C GLN B 24 -20.11 1.86 -23.12
N GLN B 25 -19.10 1.47 -22.36
CA GLN B 25 -19.21 0.22 -21.60
C GLN B 25 -20.29 0.30 -20.51
N LEU B 26 -20.39 1.41 -19.80
CA LEU B 26 -21.42 1.56 -18.75
C LEU B 26 -22.84 1.66 -19.33
N ALA B 27 -22.96 2.31 -20.48
CA ALA B 27 -24.23 2.32 -21.18
C ALA B 27 -24.66 0.90 -21.52
N GLN B 28 -23.73 0.08 -21.98
CA GLN B 28 -24.08 -1.26 -22.41
C GLN B 28 -24.49 -2.09 -21.20
N ALA B 29 -23.81 -1.90 -20.09
CA ALA B 29 -24.06 -2.73 -18.91
C ALA B 29 -25.32 -2.32 -18.11
N THR B 30 -25.58 -1.02 -18.02
CA THR B 30 -26.74 -0.49 -17.31
C THR B 30 -28.00 -0.50 -18.18
N GLY B 31 -27.83 -0.42 -19.50
CA GLY B 31 -28.97 -0.28 -20.41
C GLY B 31 -29.41 1.17 -20.55
N LYS B 32 -28.81 2.06 -19.76
CA LYS B 32 -29.10 3.49 -19.84
C LYS B 32 -28.41 4.04 -21.06
N PRO B 33 -29.10 4.90 -21.84
CA PRO B 33 -28.43 5.45 -23.02
C PRO B 33 -27.20 6.31 -22.67
N PRO B 34 -26.15 6.26 -23.53
CA PRO B 34 -24.91 7.00 -23.27
C PRO B 34 -25.13 8.49 -22.92
N GLN B 35 -26.14 9.09 -23.52
CA GLN B 35 -26.49 10.49 -23.31
C GLN B 35 -26.70 10.85 -21.84
N TYR B 36 -27.00 9.86 -21.00
CA TYR B 36 -27.31 10.09 -19.59
C TYR B 36 -26.19 9.66 -18.66
N ILE B 37 -25.08 9.21 -19.23
CA ILE B 37 -23.95 8.65 -18.47
C ILE B 37 -22.93 9.75 -18.25
N ALA B 38 -22.44 9.88 -17.02
CA ALA B 38 -21.37 10.81 -16.72
C ALA B 38 -20.20 10.08 -16.09
N VAL B 39 -18.99 10.44 -16.49
CA VAL B 39 -17.79 9.81 -15.97
C VAL B 39 -16.83 10.87 -15.44
N HIS B 40 -16.13 10.56 -14.37
CA HIS B 40 -15.27 11.51 -13.72
C HIS B 40 -14.04 10.78 -13.25
N VAL B 41 -12.92 11.02 -13.92
CA VAL B 41 -11.65 10.39 -13.56
C VAL B 41 -10.76 11.38 -12.80
N VAL B 42 -10.23 10.96 -11.66
CA VAL B 42 -9.40 11.82 -10.81
C VAL B 42 -8.05 11.14 -10.57
N PRO B 43 -7.05 11.46 -11.41
CA PRO B 43 -5.70 10.89 -11.25
C PRO B 43 -4.83 11.67 -10.27
N ASP B 44 -3.59 11.21 -10.11
CA ASP B 44 -2.55 11.90 -9.33
C ASP B 44 -2.92 12.06 -7.87
N GLN B 45 -3.78 11.18 -7.38
CA GLN B 45 -4.36 11.34 -6.05
C GLN B 45 -3.49 10.84 -4.90
N LEU B 46 -3.67 11.47 -3.76
CA LEU B 46 -2.94 11.11 -2.56
C LEU B 46 -3.71 10.09 -1.71
N MET B 47 -3.59 8.81 -2.08
CA MET B 47 -4.33 7.73 -1.42
C MET B 47 -3.49 6.49 -1.14
N ALA B 48 -3.96 5.70 -0.17
CA ALA B 48 -3.39 4.39 0.14
C ALA B 48 -4.51 3.35 0.20
N PHE B 49 -4.13 2.10 0.03
CA PHE B 49 -5.03 0.95 0.18
C PHE B 49 -4.30 -0.04 1.07
N GLY B 50 -4.84 -0.30 2.24
CA GLY B 50 -4.20 -1.25 3.14
C GLY B 50 -2.77 -0.87 3.51
N GLY B 51 -2.56 0.41 3.81
CA GLY B 51 -1.27 0.95 4.25
C GLY B 51 -0.23 1.22 3.17
N SER B 52 -0.51 0.81 1.93
CA SER B 52 0.46 0.84 0.84
C SER B 52 -0.02 1.76 -0.27
N SER B 53 0.94 2.40 -0.92
CA SER B 53 0.66 3.35 -2.00
C SER B 53 0.94 2.78 -3.40
N GLU B 54 0.89 1.46 -3.54
CA GLU B 54 0.83 0.86 -4.89
C GLU B 54 -0.46 1.33 -5.59
N PRO B 55 -0.51 1.28 -6.94
CA PRO B 55 -1.70 1.78 -7.65
C PRO B 55 -3.02 1.25 -7.08
N CYS B 56 -4.00 2.14 -6.92
CA CYS B 56 -5.29 1.73 -6.41
C CYS B 56 -6.42 2.64 -6.90
N ALA B 57 -7.66 2.23 -6.66
CA ALA B 57 -8.81 2.98 -7.14
C ALA B 57 -9.96 2.98 -6.16
N LEU B 58 -10.46 4.17 -5.88
CA LEU B 58 -11.69 4.36 -5.14
C LEU B 58 -12.72 4.97 -6.07
N CYS B 59 -13.83 4.28 -6.23
CA CYS B 59 -14.81 4.62 -7.23
C CYS B 59 -16.22 4.61 -6.63
N SER B 60 -17.19 5.08 -7.40
CA SER B 60 -18.60 5.03 -7.07
C SER B 60 -19.44 4.99 -8.34
N LEU B 61 -20.58 4.31 -8.31
CA LEU B 61 -21.52 4.32 -9.42
C LEU B 61 -22.89 4.65 -8.86
N HIS B 62 -23.43 5.80 -9.25
CA HIS B 62 -24.79 6.18 -8.90
C HIS B 62 -25.68 5.89 -10.08
N SER B 63 -26.81 5.25 -9.84
CA SER B 63 -27.80 5.10 -10.90
C SER B 63 -29.20 5.04 -10.31
N ILE B 64 -30.14 5.60 -11.08
CA ILE B 64 -31.58 5.47 -10.81
C ILE B 64 -32.05 4.09 -11.28
N GLY B 65 -31.98 3.11 -10.40
CA GLY B 65 -32.23 1.73 -10.78
C GLY B 65 -31.03 1.08 -11.46
N LYS B 66 -31.23 -0.15 -11.91
CA LYS B 66 -30.18 -0.95 -12.46
C LYS B 66 -29.05 -1.10 -11.46
N ILE B 67 -29.41 -1.20 -10.18
CA ILE B 67 -28.49 -1.49 -9.10
C ILE B 67 -29.08 -2.65 -8.29
N GLY B 68 -28.23 -3.61 -7.92
CA GLY B 68 -28.61 -4.76 -7.11
C GLY B 68 -27.53 -5.82 -7.13
N GLY B 69 -27.71 -6.88 -6.36
CA GLY B 69 -26.71 -7.93 -6.20
C GLY B 69 -26.02 -8.43 -7.46
N ALA B 70 -26.76 -9.06 -8.36
CA ALA B 70 -26.18 -9.64 -9.57
C ALA B 70 -25.65 -8.55 -10.50
N GLN B 71 -26.40 -7.47 -10.64
CA GLN B 71 -25.93 -6.36 -11.49
C GLN B 71 -24.63 -5.76 -10.97
N ASN B 72 -24.57 -5.50 -9.66
CA ASN B 72 -23.36 -4.96 -9.04
C ASN B 72 -22.16 -5.88 -9.18
N ARG B 73 -22.40 -7.20 -9.12
CA ARG B 73 -21.37 -8.23 -9.30
C ARG B 73 -20.81 -8.11 -10.71
N SER B 74 -21.72 -8.03 -11.66
CA SER B 74 -21.38 -7.87 -13.08
C SER B 74 -20.64 -6.56 -13.36
N TYR B 75 -21.21 -5.45 -12.87
CA TYR B 75 -20.56 -4.15 -13.02
C TYR B 75 -19.13 -4.13 -12.50
N SER B 76 -18.90 -4.70 -11.32
CA SER B 76 -17.57 -4.75 -10.73
C SER B 76 -16.58 -5.58 -11.55
N LYS B 77 -17.06 -6.59 -12.26
CA LYS B 77 -16.21 -7.39 -13.13
C LYS B 77 -15.78 -6.53 -14.32
N LEU B 78 -16.75 -5.82 -14.89
CA LEU B 78 -16.51 -4.90 -16.01
C LEU B 78 -15.58 -3.73 -15.66
N LEU B 79 -15.70 -3.19 -14.45
CA LEU B 79 -14.98 -1.99 -14.09
C LEU B 79 -13.57 -2.30 -13.63
N CYS B 80 -13.45 -3.21 -12.66
CA CYS B 80 -12.14 -3.73 -12.26
C CYS B 80 -11.35 -4.15 -13.48
N GLY B 81 -12.04 -4.76 -14.44
CA GLY B 81 -11.45 -5.17 -15.70
C GLY B 81 -10.83 -4.03 -16.45
N LEU B 82 -11.58 -2.95 -16.65
CA LEU B 82 -11.06 -1.77 -17.36
C LEU B 82 -9.97 -1.05 -16.58
N LEU B 83 -10.14 -0.98 -15.26
CA LEU B 83 -9.11 -0.38 -14.42
C LEU B 83 -7.80 -1.18 -14.43
N ALA B 84 -7.90 -2.51 -14.53
CA ALA B 84 -6.71 -3.36 -14.74
C ALA B 84 -6.12 -3.21 -16.14
N GLU B 85 -6.93 -3.41 -17.17
CA GLU B 85 -6.47 -3.32 -18.54
C GLU B 85 -5.81 -1.96 -18.79
N ARG B 86 -6.52 -0.87 -18.49
CA ARG B 86 -6.12 0.47 -18.90
C ARG B 86 -5.24 1.27 -17.94
N LEU B 87 -5.44 1.10 -16.63
CA LEU B 87 -4.65 1.85 -15.65
C LEU B 87 -3.70 0.93 -14.86
N ARG B 88 -3.70 -0.37 -15.19
CA ARG B 88 -2.80 -1.34 -14.58
C ARG B 88 -2.94 -1.37 -13.05
N ILE B 89 -4.17 -1.21 -12.60
CA ILE B 89 -4.49 -1.32 -11.18
C ILE B 89 -4.97 -2.74 -10.95
N SER B 90 -4.60 -3.34 -9.83
CA SER B 90 -5.02 -4.71 -9.54
C SER B 90 -6.39 -4.69 -8.85
N PRO B 91 -7.32 -5.56 -9.28
CA PRO B 91 -8.69 -5.61 -8.76
C PRO B 91 -8.82 -5.68 -7.24
N ASP B 92 -7.90 -6.34 -6.56
CA ASP B 92 -8.00 -6.41 -5.11
C ASP B 92 -7.53 -5.11 -4.42
N ARG B 93 -7.20 -4.10 -5.21
CA ARG B 93 -6.89 -2.77 -4.69
C ARG B 93 -7.90 -1.74 -5.23
N VAL B 94 -9.09 -2.21 -5.60
CA VAL B 94 -10.20 -1.37 -6.05
C VAL B 94 -11.40 -1.51 -5.11
N TYR B 95 -11.99 -0.38 -4.69
CA TYR B 95 -13.27 -0.38 -3.97
C TYR B 95 -14.28 0.44 -4.74
N ILE B 96 -15.48 -0.11 -4.94
CA ILE B 96 -16.57 0.60 -5.62
C ILE B 96 -17.78 0.67 -4.74
N ASN B 97 -18.32 1.89 -4.62
CA ASN B 97 -19.54 2.14 -3.89
C ASN B 97 -20.71 2.22 -4.87
N TYR B 98 -21.77 1.45 -4.64
CA TYR B 98 -22.93 1.45 -5.53
C TYR B 98 -24.14 2.12 -4.88
N TYR B 99 -24.77 3.05 -5.59
CA TYR B 99 -25.89 3.80 -5.07
C TYR B 99 -27.09 3.61 -5.96
N ASP B 100 -28.18 3.11 -5.38
CA ASP B 100 -29.45 3.06 -6.06
C ASP B 100 -30.18 4.32 -5.70
N MET B 101 -30.12 5.30 -6.59
CA MET B 101 -30.74 6.58 -6.33
C MET B 101 -32.25 6.56 -6.66
N ASN B 102 -33.06 7.18 -5.80
CA ASN B 102 -34.46 7.45 -6.07
C ASN B 102 -34.51 8.63 -7.05
N ALA B 103 -35.44 8.62 -8.00
CA ALA B 103 -35.55 9.69 -9.02
C ALA B 103 -35.78 11.08 -8.42
N ALA B 104 -36.36 11.11 -7.24
CA ALA B 104 -36.66 12.35 -6.54
C ALA B 104 -35.40 13.01 -5.98
N ASN B 105 -34.41 12.19 -5.67
CA ASN B 105 -33.11 12.65 -5.16
C ASN B 105 -32.02 12.85 -6.25
N VAL B 106 -32.41 12.99 -7.51
CA VAL B 106 -31.45 13.32 -8.53
C VAL B 106 -31.93 14.50 -9.31
N GLY B 107 -31.13 15.57 -9.26
CA GLY B 107 -31.41 16.81 -9.96
C GLY B 107 -30.74 16.90 -11.32
N TRP B 108 -31.50 17.40 -12.29
CA TRP B 108 -31.03 17.56 -13.66
C TRP B 108 -31.94 18.56 -14.39
N ASN B 109 -31.33 19.45 -15.16
CA ASN B 109 -32.09 20.36 -16.02
C ASN B 109 -33.12 21.20 -15.26
N ASN B 110 -32.68 21.79 -14.15
CA ASN B 110 -33.49 22.69 -13.32
C ASN B 110 -34.54 21.99 -12.48
N SER B 111 -34.58 20.66 -12.54
CA SER B 111 -35.58 19.92 -11.82
C SER B 111 -34.97 18.58 -11.39
N THR B 112 -35.81 17.63 -11.01
CA THR B 112 -35.37 16.29 -10.71
C THR B 112 -36.01 15.31 -11.68
N PHE B 113 -35.61 14.06 -11.61
CA PHE B 113 -36.10 13.04 -12.52
C PHE B 113 -37.49 12.54 -12.15
N ALA B 114 -37.90 12.76 -10.91
CA ALA B 114 -39.19 12.28 -10.41
C ALA B 114 -40.35 12.65 -11.36
N PRO C 1 -12.89 -0.66 4.65
CA PRO C 1 -13.59 0.63 4.69
C PRO C 1 -12.95 1.66 3.80
N MET C 2 -13.72 2.72 3.53
CA MET C 2 -13.27 3.79 2.66
C MET C 2 -13.34 5.11 3.43
N PHE C 3 -12.20 5.79 3.52
CA PHE C 3 -12.12 7.07 4.20
C PHE C 3 -11.52 8.16 3.30
N ILE C 4 -12.25 9.25 3.14
CA ILE C 4 -11.81 10.39 2.35
C ILE C 4 -11.83 11.67 3.20
N VAL C 5 -10.77 12.48 3.08
CA VAL C 5 -10.72 13.82 3.67
C VAL C 5 -10.50 14.82 2.56
N ASN C 6 -11.46 15.70 2.37
CA ASN C 6 -11.26 16.87 1.51
C ASN C 6 -10.94 18.06 2.41
N THR C 7 -10.01 18.90 1.99
CA THR C 7 -9.61 20.02 2.83
C THR C 7 -8.94 21.17 2.07
N ASN C 8 -9.12 22.37 2.62
CA ASN C 8 -8.51 23.58 2.08
C ASN C 8 -7.06 23.76 2.55
N VAL C 9 -6.70 23.10 3.66
CA VAL C 9 -5.30 23.01 4.13
C VAL C 9 -4.39 22.58 2.97
N PRO C 10 -3.19 23.19 2.82
CA PRO C 10 -2.37 22.86 1.66
C PRO C 10 -1.56 21.57 1.81
N ARG C 11 -1.05 21.06 0.69
CA ARG C 11 -0.37 19.75 0.63
C ARG C 11 0.82 19.68 1.57
N ALA C 12 1.69 20.70 1.51
CA ALA C 12 2.87 20.79 2.37
C ALA C 12 2.55 20.67 3.85
N SER C 13 1.38 21.13 4.28
CA SER C 13 0.98 21.00 5.70
C SER C 13 0.51 19.61 6.11
N VAL C 14 0.33 18.69 5.16
CA VAL C 14 -0.03 17.30 5.49
C VAL C 14 1.22 16.49 5.82
N PRO C 15 1.35 16.04 7.08
CA PRO C 15 2.59 15.37 7.44
C PRO C 15 2.76 14.05 6.72
N ASP C 16 4.02 13.60 6.62
CA ASP C 16 4.33 12.29 6.08
C ASP C 16 3.96 11.25 7.14
N GLY C 17 3.30 10.18 6.71
CA GLY C 17 2.77 9.16 7.62
C GLY C 17 1.34 9.42 8.08
N PHE C 18 0.69 10.44 7.51
CA PHE C 18 -0.67 10.82 7.89
C PHE C 18 -1.64 9.75 7.41
N LEU C 19 -1.49 9.35 6.15
CA LEU C 19 -2.19 8.19 5.60
C LEU C 19 -1.99 6.94 6.48
N SER C 20 -0.73 6.63 6.82
CA SER C 20 -0.42 5.46 7.66
C SER C 20 -1.14 5.53 9.00
N GLU C 21 -1.10 6.70 9.61
CA GLU C 21 -1.69 6.88 10.91
C GLU C 21 -3.21 6.77 10.82
N LEU C 22 -3.77 7.19 9.69
CA LEU C 22 -5.22 7.10 9.51
C LEU C 22 -5.61 5.65 9.31
N THR C 23 -4.93 4.99 8.39
CA THR C 23 -5.07 3.56 8.20
C THR C 23 -5.00 2.85 9.55
N GLN C 24 -3.89 3.04 10.28
CA GLN C 24 -3.71 2.35 11.57
C GLN C 24 -4.79 2.71 12.62
N GLN C 25 -5.23 3.97 12.63
CA GLN C 25 -6.23 4.43 13.60
C GLN C 25 -7.63 3.99 13.28
N LEU C 26 -8.02 4.08 12.01
CA LEU C 26 -9.31 3.57 11.59
C LEU C 26 -9.42 2.08 11.81
N ALA C 27 -8.29 1.36 11.68
CA ALA C 27 -8.25 -0.09 11.98
C ALA C 27 -8.62 -0.37 13.43
N GLN C 28 -7.92 0.23 14.39
CA GLN C 28 -8.21 0.05 15.82
C GLN C 28 -9.68 0.31 16.16
N ALA C 29 -10.18 1.44 15.68
CA ALA C 29 -11.50 1.92 16.03
C ALA C 29 -12.61 1.03 15.46
N THR C 30 -12.50 0.70 14.17
CA THR C 30 -13.52 -0.10 13.48
C THR C 30 -13.43 -1.61 13.76
N GLY C 31 -12.24 -2.11 14.09
CA GLY C 31 -12.02 -3.55 14.20
C GLY C 31 -11.78 -4.20 12.84
N LYS C 32 -11.70 -3.39 11.77
CA LYS C 32 -11.41 -3.90 10.43
C LYS C 32 -9.90 -3.99 10.26
N PRO C 33 -9.43 -4.96 9.47
CA PRO C 33 -8.00 -5.15 9.34
C PRO C 33 -7.37 -4.01 8.54
N PRO C 34 -6.18 -3.53 8.96
CA PRO C 34 -5.44 -2.45 8.26
C PRO C 34 -5.37 -2.64 6.74
N GLN C 35 -5.18 -3.88 6.31
CA GLN C 35 -4.96 -4.21 4.89
C GLN C 35 -6.14 -3.91 3.96
N TYR C 36 -7.34 -3.73 4.51
CA TYR C 36 -8.53 -3.42 3.68
C TYR C 36 -9.06 -2.00 3.85
N ILE C 37 -8.46 -1.25 4.76
CA ILE C 37 -8.78 0.15 4.95
C ILE C 37 -8.09 0.87 3.81
N ALA C 38 -8.83 1.72 3.11
CA ALA C 38 -8.27 2.60 2.08
C ALA C 38 -8.57 4.05 2.47
N VAL C 39 -7.57 4.90 2.30
CA VAL C 39 -7.63 6.28 2.78
C VAL C 39 -7.27 7.21 1.66
N HIS C 40 -7.77 8.42 1.73
CA HIS C 40 -7.67 9.34 0.62
C HIS C 40 -7.74 10.76 1.17
N VAL C 41 -6.73 11.57 0.87
CA VAL C 41 -6.64 12.93 1.36
C VAL C 41 -6.59 13.84 0.18
N VAL C 42 -7.45 14.85 0.17
CA VAL C 42 -7.48 15.81 -0.94
C VAL C 42 -7.29 17.20 -0.35
N PRO C 43 -6.05 17.73 -0.45
CA PRO C 43 -5.71 19.02 0.13
C PRO C 43 -5.72 20.12 -0.92
N ASP C 44 -5.48 21.36 -0.51
CA ASP C 44 -5.49 22.52 -1.42
C ASP C 44 -6.84 22.70 -2.13
N GLN C 45 -7.94 22.43 -1.44
CA GLN C 45 -9.26 22.57 -2.05
C GLN C 45 -9.93 23.93 -1.80
N LEU C 46 -10.65 24.41 -2.82
CA LEU C 46 -11.43 25.64 -2.71
C LEU C 46 -12.71 25.32 -1.99
N MET C 47 -12.75 25.58 -0.69
CA MET C 47 -13.96 25.33 0.06
C MET C 47 -14.17 26.33 1.19
N ALA C 48 -15.40 26.40 1.67
CA ALA C 48 -15.72 27.28 2.81
C ALA C 48 -16.62 26.54 3.77
N PHE C 49 -16.46 26.81 5.05
CA PHE C 49 -17.33 26.25 6.07
C PHE C 49 -17.86 27.45 6.85
N GLY C 50 -19.18 27.57 6.92
CA GLY C 50 -19.80 28.68 7.64
C GLY C 50 -19.63 30.05 6.99
N GLY C 51 -19.33 30.08 5.70
CA GLY C 51 -19.03 31.32 4.97
C GLY C 51 -17.55 31.71 4.96
N SER C 52 -16.76 30.99 5.75
CA SER C 52 -15.39 31.35 6.05
C SER C 52 -14.48 30.34 5.37
N SER C 53 -13.27 30.76 5.04
CA SER C 53 -12.27 29.84 4.50
C SER C 53 -11.06 29.71 5.43
N GLU C 54 -11.27 29.92 6.73
CA GLU C 54 -10.36 29.37 7.73
C GLU C 54 -10.27 27.85 7.47
N PRO C 55 -9.18 27.21 7.90
CA PRO C 55 -9.05 25.74 7.74
C PRO C 55 -10.30 24.94 8.16
N CYS C 56 -10.67 23.96 7.34
CA CYS C 56 -11.85 23.14 7.57
C CYS C 56 -11.75 21.83 6.77
N ALA C 57 -12.65 20.88 7.04
CA ALA C 57 -12.65 19.60 6.31
C ALA C 57 -14.03 18.95 6.19
N LEU C 58 -14.22 18.29 5.05
CA LEU C 58 -15.39 17.42 4.78
C LEU C 58 -14.90 16.00 4.54
N CYS C 59 -15.35 15.08 5.38
CA CYS C 59 -14.88 13.72 5.31
C CYS C 59 -16.00 12.76 4.95
N SER C 60 -15.64 11.51 4.68
CA SER C 60 -16.61 10.42 4.58
C SER C 60 -15.96 9.12 4.95
N LEU C 61 -16.68 8.30 5.71
CA LEU C 61 -16.28 6.94 6.01
C LEU C 61 -17.38 5.98 5.53
N HIS C 62 -17.09 5.18 4.50
CA HIS C 62 -17.97 4.08 4.06
C HIS C 62 -17.52 2.78 4.65
N SER C 63 -18.45 1.94 5.10
CA SER C 63 -18.08 0.66 5.71
C SER C 63 -19.23 -0.30 5.81
N ILE C 64 -18.97 -1.57 5.52
CA ILE C 64 -19.96 -2.62 5.71
C ILE C 64 -19.98 -2.93 7.20
N GLY C 65 -21.01 -2.41 7.88
CA GLY C 65 -21.13 -2.57 9.32
C GLY C 65 -20.20 -1.65 10.09
N LYS C 66 -20.21 -1.78 11.41
CA LYS C 66 -19.36 -0.96 12.29
C LYS C 66 -19.70 0.52 12.17
N ILE C 67 -20.95 0.81 11.86
CA ILE C 67 -21.44 2.15 11.65
C ILE C 67 -22.68 2.25 12.49
N GLY C 68 -22.70 3.17 13.43
CA GLY C 68 -23.83 3.26 14.36
C GLY C 68 -23.71 4.47 15.25
N GLY C 69 -24.69 4.68 16.11
CA GLY C 69 -24.67 5.82 17.03
C GLY C 69 -23.34 5.97 17.76
N ALA C 70 -23.07 5.06 18.69
CA ALA C 70 -21.87 5.13 19.54
C ALA C 70 -20.55 5.01 18.78
N GLN C 71 -20.55 4.21 17.72
CA GLN C 71 -19.35 4.03 16.95
C GLN C 71 -19.02 5.32 16.24
N ASN C 72 -20.01 5.93 15.61
CA ASN C 72 -19.79 7.17 14.89
C ASN C 72 -19.33 8.26 15.82
N ARG C 73 -19.92 8.31 17.01
CA ARG C 73 -19.52 9.30 18.00
C ARG C 73 -18.05 9.09 18.33
N SER C 74 -17.67 7.83 18.50
CA SER C 74 -16.28 7.49 18.83
C SER C 74 -15.36 7.88 17.69
N TYR C 75 -15.78 7.56 16.47
CA TYR C 75 -14.94 7.86 15.30
C TYR C 75 -14.71 9.35 15.11
N SER C 76 -15.74 10.15 15.41
CA SER C 76 -15.66 11.59 15.18
C SER C 76 -14.72 12.25 16.17
N LYS C 77 -14.68 11.75 17.41
CA LYS C 77 -13.69 12.22 18.37
C LYS C 77 -12.29 11.88 17.88
N LEU C 78 -12.14 10.64 17.44
CA LEU C 78 -10.89 10.14 16.91
C LEU C 78 -10.43 10.91 15.67
N LEU C 79 -11.32 11.12 14.70
CA LEU C 79 -10.92 11.76 13.46
C LEU C 79 -10.76 13.28 13.58
N CYS C 80 -11.60 13.93 14.38
CA CYS C 80 -11.41 15.35 14.67
C CYS C 80 -10.09 15.52 15.42
N GLY C 81 -9.89 14.77 16.50
CA GLY C 81 -8.61 14.73 17.19
C GLY C 81 -7.43 14.75 16.22
N LEU C 82 -7.37 13.77 15.33
CA LEU C 82 -6.30 13.67 14.33
C LEU C 82 -6.23 14.87 13.38
N LEU C 83 -7.39 15.34 12.94
CA LEU C 83 -7.43 16.49 12.03
C LEU C 83 -6.90 17.76 12.73
N ALA C 84 -7.30 17.97 13.98
CA ALA C 84 -6.78 19.07 14.80
C ALA C 84 -5.28 18.95 15.03
N GLU C 85 -4.84 17.84 15.62
CA GLU C 85 -3.44 17.61 15.95
C GLU C 85 -2.54 17.78 14.72
N ARG C 86 -2.81 17.02 13.67
CA ARG C 86 -1.90 16.90 12.53
C ARG C 86 -2.10 17.92 11.45
N LEU C 87 -3.34 18.39 11.25
CA LEU C 87 -3.63 19.39 10.20
C LEU C 87 -4.00 20.78 10.71
N ARG C 88 -4.09 20.91 12.03
CA ARG C 88 -4.38 22.18 12.68
C ARG C 88 -5.74 22.72 12.26
N ILE C 89 -6.71 21.82 12.14
CA ILE C 89 -8.07 22.18 11.76
C ILE C 89 -8.95 22.10 12.99
N SER C 90 -9.77 23.12 13.20
CA SER C 90 -10.67 23.11 14.34
C SER C 90 -11.80 22.07 14.12
N PRO C 91 -12.12 21.29 15.17
CA PRO C 91 -13.13 20.23 15.05
C PRO C 91 -14.49 20.77 14.62
N ASP C 92 -14.88 21.93 15.14
CA ASP C 92 -16.15 22.56 14.75
C ASP C 92 -16.17 23.05 13.29
N ARG C 93 -15.10 22.83 12.54
CA ARG C 93 -15.07 23.08 11.10
C ARG C 93 -14.82 21.78 10.32
N VAL C 94 -15.33 20.68 10.88
CA VAL C 94 -15.26 19.35 10.27
C VAL C 94 -16.63 18.71 10.23
N TYR C 95 -17.01 18.24 9.04
CA TYR C 95 -18.17 17.36 8.87
C TYR C 95 -17.65 16.00 8.46
N ILE C 96 -18.20 14.96 9.08
CA ILE C 96 -17.94 13.57 8.66
C ILE C 96 -19.25 12.92 8.32
N ASN C 97 -19.38 12.42 7.11
CA ASN C 97 -20.55 11.59 6.77
C ASN C 97 -20.19 10.13 6.92
N TYR C 98 -20.94 9.42 7.77
CA TYR C 98 -20.80 7.97 7.91
C TYR C 98 -21.86 7.23 7.05
N TYR C 99 -21.40 6.30 6.19
CA TYR C 99 -22.30 5.47 5.36
C TYR C 99 -22.16 3.97 5.65
N ASP C 100 -23.22 3.37 6.18
CA ASP C 100 -23.24 1.92 6.42
C ASP C 100 -23.64 1.24 5.13
N MET C 101 -22.70 0.54 4.50
CA MET C 101 -22.95 -0.05 3.20
C MET C 101 -23.45 -1.48 3.32
N ASN C 102 -24.41 -1.82 2.48
CA ASN C 102 -24.80 -3.19 2.27
C ASN C 102 -23.70 -3.81 1.40
N ALA C 103 -23.35 -5.06 1.68
CA ALA C 103 -22.23 -5.77 1.02
C ALA C 103 -22.45 -5.95 -0.45
N ALA C 104 -23.70 -6.10 -0.87
CA ALA C 104 -24.00 -6.23 -2.29
C ALA C 104 -23.68 -4.94 -3.06
N ASN C 105 -23.65 -3.82 -2.34
CA ASN C 105 -23.37 -2.50 -2.92
C ASN C 105 -21.89 -2.08 -2.80
N VAL C 106 -21.02 -2.99 -2.38
CA VAL C 106 -19.59 -2.67 -2.39
C VAL C 106 -18.82 -3.65 -3.26
N GLY C 107 -18.29 -3.14 -4.36
CA GLY C 107 -17.49 -3.91 -5.28
C GLY C 107 -16.04 -3.96 -4.85
N TRP C 108 -15.40 -5.10 -5.09
CA TRP C 108 -14.00 -5.33 -4.77
C TRP C 108 -13.54 -6.64 -5.38
N ASN C 109 -12.45 -6.60 -6.13
CA ASN C 109 -11.80 -7.79 -6.64
C ASN C 109 -12.69 -8.54 -7.61
N ASN C 110 -13.10 -7.83 -8.66
CA ASN C 110 -13.95 -8.38 -9.74
C ASN C 110 -15.40 -8.83 -9.37
N SER C 111 -15.77 -8.71 -8.09
CA SER C 111 -17.09 -9.08 -7.63
C SER C 111 -17.58 -8.03 -6.61
N THR C 112 -18.49 -8.39 -5.71
CA THR C 112 -18.83 -7.55 -4.57
C THR C 112 -18.57 -8.32 -3.30
N PHE C 113 -18.84 -7.70 -2.16
CA PHE C 113 -18.67 -8.38 -0.91
C PHE C 113 -19.77 -9.39 -0.60
N ALA C 114 -20.88 -9.32 -1.32
CA ALA C 114 -21.99 -10.26 -1.11
C ALA C 114 -21.90 -11.46 -2.06
N PRO D 1 -31.97 -36.67 4.98
CA PRO D 1 -31.85 -36.24 6.36
C PRO D 1 -30.56 -36.68 6.99
N MET D 2 -30.13 -35.98 8.02
CA MET D 2 -28.79 -36.14 8.57
C MET D 2 -28.87 -36.03 10.09
N PHE D 3 -28.58 -37.10 10.79
CA PHE D 3 -28.61 -37.07 12.22
C PHE D 3 -27.19 -37.16 12.78
N ILE D 4 -26.81 -36.19 13.61
CA ILE D 4 -25.51 -36.21 14.29
C ILE D 4 -25.78 -36.27 15.76
N VAL D 5 -24.96 -37.01 16.50
CA VAL D 5 -25.07 -37.07 17.95
C VAL D 5 -23.69 -37.14 18.59
N ASN D 6 -23.39 -36.21 19.49
CA ASN D 6 -22.12 -36.17 20.15
C ASN D 6 -22.40 -36.47 21.57
N THR D 7 -21.56 -37.28 22.20
CA THR D 7 -21.78 -37.69 23.57
C THR D 7 -20.47 -37.98 24.27
N ASN D 8 -20.51 -37.83 25.60
CA ASN D 8 -19.38 -38.17 26.49
C ASN D 8 -19.38 -39.67 26.84
N VAL D 9 -20.40 -40.39 26.40
CA VAL D 9 -20.46 -41.84 26.61
C VAL D 9 -19.40 -42.53 25.71
N PRO D 10 -18.80 -43.62 26.19
CA PRO D 10 -17.69 -44.22 25.42
C PRO D 10 -18.08 -45.09 24.23
N ARG D 11 -17.14 -45.21 23.29
CA ARG D 11 -17.27 -46.09 22.09
C ARG D 11 -17.83 -47.50 22.39
N ALA D 12 -17.31 -48.12 23.45
CA ALA D 12 -17.77 -49.44 23.91
C ALA D 12 -19.29 -49.49 24.17
N SER D 13 -19.79 -48.51 24.91
CA SER D 13 -21.22 -48.44 25.23
C SER D 13 -22.14 -48.23 24.03
N VAL D 14 -21.58 -47.92 22.86
CA VAL D 14 -22.38 -47.80 21.64
C VAL D 14 -22.57 -49.20 21.07
N PRO D 15 -23.79 -49.77 21.17
CA PRO D 15 -23.94 -51.13 20.67
C PRO D 15 -23.90 -51.21 19.16
N ASP D 16 -23.59 -52.43 18.70
CA ASP D 16 -23.69 -52.80 17.30
C ASP D 16 -25.15 -52.65 16.87
N GLY D 17 -25.35 -52.16 15.66
CA GLY D 17 -26.69 -51.93 15.13
C GLY D 17 -27.26 -50.54 15.38
N PHE D 18 -26.54 -49.72 16.15
CA PHE D 18 -27.01 -48.38 16.52
C PHE D 18 -27.22 -47.44 15.32
N LEU D 19 -26.23 -47.34 14.45
CA LEU D 19 -26.36 -46.51 13.24
C LEU D 19 -27.49 -47.02 12.37
N SER D 20 -27.54 -48.34 12.22
CA SER D 20 -28.55 -48.99 11.39
C SER D 20 -29.91 -48.75 11.96
N GLU D 21 -30.03 -48.86 13.28
CA GLU D 21 -31.30 -48.58 13.96
C GLU D 21 -31.71 -47.11 13.83
N LEU D 22 -30.75 -46.18 13.92
CA LEU D 22 -31.07 -44.76 13.74
C LEU D 22 -31.53 -44.47 12.33
N THR D 23 -30.86 -45.11 11.38
CA THR D 23 -31.20 -44.96 9.98
C THR D 23 -32.62 -45.45 9.67
N GLN D 24 -32.95 -46.69 10.05
CA GLN D 24 -34.30 -47.21 9.79
C GLN D 24 -35.37 -46.36 10.51
N GLN D 25 -35.14 -46.03 11.78
CA GLN D 25 -36.10 -45.26 12.56
C GLN D 25 -36.34 -43.87 11.98
N LEU D 26 -35.26 -43.19 11.60
CA LEU D 26 -35.37 -41.85 11.00
C LEU D 26 -36.01 -41.91 9.61
N ALA D 27 -35.72 -42.98 8.88
CA ALA D 27 -36.38 -43.23 7.61
C ALA D 27 -37.89 -43.30 7.79
N GLN D 28 -38.32 -44.09 8.77
CA GLN D 28 -39.72 -44.14 9.16
C GLN D 28 -40.20 -42.72 9.47
N ALA D 29 -39.56 -42.06 10.43
CA ALA D 29 -40.11 -40.81 10.99
C ALA D 29 -40.12 -39.63 10.01
N THR D 30 -39.05 -39.46 9.25
CA THR D 30 -38.98 -38.40 8.26
C THR D 30 -39.76 -38.71 6.99
N GLY D 31 -40.19 -39.95 6.83
CA GLY D 31 -40.90 -40.38 5.62
C GLY D 31 -39.97 -40.56 4.43
N LYS D 32 -38.66 -40.52 4.68
CA LYS D 32 -37.68 -40.55 3.61
C LYS D 32 -37.08 -41.94 3.53
N PRO D 33 -36.62 -42.35 2.34
CA PRO D 33 -36.01 -43.67 2.19
C PRO D 33 -34.69 -43.75 2.94
N PRO D 34 -34.33 -44.92 3.47
CA PRO D 34 -33.09 -45.01 4.25
C PRO D 34 -31.86 -44.71 3.42
N GLN D 35 -31.96 -44.91 2.12
CA GLN D 35 -30.92 -44.54 1.17
C GLN D 35 -30.42 -43.09 1.38
N TYR D 36 -31.33 -42.17 1.69
CA TYR D 36 -31.01 -40.75 1.81
C TYR D 36 -30.66 -40.32 3.24
N ILE D 37 -30.63 -41.26 4.17
CA ILE D 37 -30.38 -40.98 5.58
C ILE D 37 -28.91 -41.15 5.94
N ALA D 38 -28.33 -40.14 6.56
CA ALA D 38 -26.97 -40.22 7.04
C ALA D 38 -26.96 -40.07 8.55
N VAL D 39 -26.26 -40.93 9.27
CA VAL D 39 -26.16 -40.77 10.71
C VAL D 39 -24.69 -40.64 11.11
N HIS D 40 -24.43 -40.05 12.26
CA HIS D 40 -23.07 -39.77 12.70
C HIS D 40 -23.00 -39.74 14.18
N VAL D 41 -22.25 -40.66 14.78
CA VAL D 41 -22.17 -40.75 16.23
C VAL D 41 -20.79 -40.45 16.71
N VAL D 42 -20.69 -39.69 17.79
CA VAL D 42 -19.40 -39.19 18.27
C VAL D 42 -19.30 -39.37 19.77
N PRO D 43 -18.69 -40.48 20.21
CA PRO D 43 -18.56 -40.76 21.61
C PRO D 43 -17.24 -40.23 22.17
N ASP D 44 -17.04 -40.44 23.46
CA ASP D 44 -15.80 -40.07 24.16
C ASP D 44 -15.54 -38.57 24.07
N GLN D 45 -16.60 -37.78 23.98
CA GLN D 45 -16.42 -36.33 23.93
C GLN D 45 -16.26 -35.75 25.32
N LEU D 46 -15.50 -34.66 25.39
CA LEU D 46 -15.36 -33.88 26.60
C LEU D 46 -16.44 -32.82 26.57
N MET D 47 -17.55 -33.10 27.24
CA MET D 47 -18.70 -32.21 27.28
C MET D 47 -19.40 -32.20 28.62
N ALA D 48 -20.15 -31.13 28.86
CA ALA D 48 -20.86 -30.95 30.13
C ALA D 48 -22.24 -30.38 29.86
N PHE D 49 -23.21 -30.92 30.60
CA PHE D 49 -24.58 -30.50 30.55
C PHE D 49 -24.95 -30.07 31.95
N GLY D 50 -25.33 -28.81 32.12
CA GLY D 50 -25.71 -28.29 33.43
C GLY D 50 -24.59 -28.26 34.48
N GLY D 51 -23.35 -28.14 34.03
CA GLY D 51 -22.18 -28.24 34.90
C GLY D 51 -21.85 -29.63 35.45
N SER D 52 -22.64 -30.63 35.09
CA SER D 52 -22.45 -32.00 35.57
C SER D 52 -21.82 -32.75 34.42
N SER D 53 -20.99 -33.74 34.71
CA SER D 53 -20.40 -34.59 33.65
C SER D 53 -21.04 -36.01 33.54
N GLU D 54 -22.21 -36.21 34.15
CA GLU D 54 -23.01 -37.42 33.90
C GLU D 54 -23.20 -37.57 32.38
N PRO D 55 -23.67 -38.74 31.91
CA PRO D 55 -23.88 -38.93 30.47
C PRO D 55 -24.82 -37.90 29.83
N CYS D 56 -24.45 -37.42 28.65
CA CYS D 56 -25.23 -36.40 27.95
C CYS D 56 -25.03 -36.46 26.44
N ALA D 57 -25.83 -35.73 25.70
CA ALA D 57 -25.76 -35.76 24.25
C ALA D 57 -26.25 -34.45 23.64
N LEU D 58 -25.53 -34.00 22.61
CA LEU D 58 -25.89 -32.83 21.84
C LEU D 58 -26.06 -33.32 20.42
N CYS D 59 -27.26 -33.17 19.87
CA CYS D 59 -27.55 -33.79 18.60
C CYS D 59 -28.08 -32.78 17.64
N SER D 60 -28.14 -33.14 16.37
CA SER D 60 -28.77 -32.30 15.40
C SER D 60 -29.47 -33.12 14.33
N LEU D 61 -30.59 -32.63 13.83
CA LEU D 61 -31.29 -33.25 12.70
C LEU D 61 -31.55 -32.25 11.57
N HIS D 62 -30.85 -32.40 10.45
CA HIS D 62 -31.02 -31.51 9.29
C HIS D 62 -31.84 -32.25 8.24
N SER D 63 -32.83 -31.57 7.68
CA SER D 63 -33.70 -32.16 6.67
C SER D 63 -34.29 -31.05 5.77
N ILE D 64 -34.46 -31.35 4.50
CA ILE D 64 -35.17 -30.47 3.59
C ILE D 64 -36.67 -30.66 3.76
N GLY D 65 -37.28 -29.78 4.52
CA GLY D 65 -38.60 -30.05 5.08
C GLY D 65 -38.62 -31.18 6.14
N LYS D 66 -39.86 -31.57 6.48
CA LYS D 66 -40.15 -32.52 7.55
C LYS D 66 -39.84 -32.02 8.93
N ILE D 67 -39.78 -30.70 9.07
CA ILE D 67 -39.38 -30.04 10.31
C ILE D 67 -40.42 -29.00 10.68
N GLY D 68 -40.96 -29.16 11.87
CA GLY D 68 -41.93 -28.23 12.41
C GLY D 68 -42.37 -28.65 13.78
N GLY D 69 -43.27 -27.85 14.37
CA GLY D 69 -43.64 -28.04 15.75
C GLY D 69 -43.94 -29.47 16.10
N ALA D 70 -44.95 -30.04 15.46
CA ALA D 70 -45.42 -31.37 15.84
C ALA D 70 -44.39 -32.46 15.49
N GLN D 71 -43.82 -32.36 14.30
CA GLN D 71 -42.81 -33.33 13.88
C GLN D 71 -41.59 -33.37 14.83
N ASN D 72 -41.08 -32.20 15.18
CA ASN D 72 -39.91 -32.14 16.05
C ASN D 72 -40.17 -32.73 17.44
N ARG D 73 -41.37 -32.49 17.96
CA ARG D 73 -41.77 -33.09 19.23
C ARG D 73 -41.80 -34.62 19.15
N SER D 74 -42.12 -35.10 17.96
CA SER D 74 -42.26 -36.50 17.67
C SER D 74 -40.89 -37.11 17.46
N TYR D 75 -40.04 -36.44 16.69
CA TYR D 75 -38.62 -36.82 16.59
C TYR D 75 -37.94 -36.88 17.97
N SER D 76 -38.15 -35.87 18.79
CA SER D 76 -37.45 -35.80 20.07
C SER D 76 -37.79 -37.00 20.93
N LYS D 77 -39.07 -37.39 20.95
CA LYS D 77 -39.51 -38.57 21.68
C LYS D 77 -38.84 -39.84 21.15
N LEU D 78 -38.77 -39.95 19.84
CA LEU D 78 -38.14 -41.09 19.20
C LEU D 78 -36.65 -41.11 19.51
N LEU D 79 -35.98 -39.98 19.30
CA LEU D 79 -34.53 -39.90 19.47
C LEU D 79 -34.05 -39.94 20.93
N CYS D 80 -34.71 -39.24 21.83
CA CYS D 80 -34.42 -39.35 23.27
C CYS D 80 -34.76 -40.76 23.78
N GLY D 81 -35.80 -41.36 23.20
CA GLY D 81 -36.14 -42.75 23.48
C GLY D 81 -35.00 -43.68 23.11
N LEU D 82 -34.41 -43.48 21.93
CA LEU D 82 -33.29 -44.32 21.48
C LEU D 82 -32.02 -44.09 22.28
N LEU D 83 -31.68 -42.84 22.56
CA LEU D 83 -30.46 -42.54 23.31
C LEU D 83 -30.51 -43.08 24.73
N ALA D 84 -31.69 -43.08 25.35
CA ALA D 84 -31.90 -43.64 26.69
C ALA D 84 -31.89 -45.17 26.67
N GLU D 85 -32.59 -45.76 25.71
CA GLU D 85 -32.72 -47.21 25.60
C GLU D 85 -31.37 -47.87 25.28
N ARG D 86 -30.57 -47.22 24.43
CA ARG D 86 -29.34 -47.80 23.89
C ARG D 86 -28.07 -47.28 24.55
N LEU D 87 -28.03 -46.01 24.94
CA LEU D 87 -26.84 -45.44 25.59
C LEU D 87 -27.04 -45.09 27.06
N ARG D 88 -28.26 -45.24 27.56
CA ARG D 88 -28.61 -44.91 28.95
C ARG D 88 -28.27 -43.45 29.32
N ILE D 89 -28.61 -42.55 28.39
CA ILE D 89 -28.57 -41.11 28.57
C ILE D 89 -29.97 -40.62 28.99
N SER D 90 -30.06 -40.05 30.18
CA SER D 90 -31.29 -39.46 30.65
C SER D 90 -31.72 -38.48 29.56
N PRO D 91 -33.00 -38.52 29.17
CA PRO D 91 -33.58 -37.56 28.22
C PRO D 91 -33.42 -36.09 28.61
N ASP D 92 -33.38 -35.78 29.90
CA ASP D 92 -33.24 -34.38 30.32
C ASP D 92 -31.82 -33.87 30.23
N ARG D 93 -30.93 -34.66 29.65
CA ARG D 93 -29.59 -34.19 29.37
C ARG D 93 -29.31 -34.35 27.88
N VAL D 94 -30.32 -34.10 27.06
CA VAL D 94 -30.18 -34.26 25.62
C VAL D 94 -30.71 -33.03 24.96
N TYR D 95 -29.88 -32.41 24.12
CA TYR D 95 -30.40 -31.34 23.27
C TYR D 95 -30.35 -31.80 21.82
N ILE D 96 -31.42 -31.52 21.10
CA ILE D 96 -31.48 -31.81 19.70
C ILE D 96 -31.84 -30.52 19.00
N ASN D 97 -31.01 -30.08 18.06
CA ASN D 97 -31.35 -28.92 17.25
C ASN D 97 -31.87 -29.36 15.89
N TYR D 98 -32.93 -28.70 15.42
CA TYR D 98 -33.59 -29.08 14.19
C TYR D 98 -33.49 -27.91 13.21
N TYR D 99 -33.08 -28.22 11.99
CA TYR D 99 -32.83 -27.24 10.98
C TYR D 99 -33.56 -27.63 9.73
N ASP D 100 -34.52 -26.82 9.35
CA ASP D 100 -35.21 -26.95 8.07
C ASP D 100 -34.25 -26.38 7.03
N MET D 101 -33.71 -27.24 6.16
CA MET D 101 -32.76 -26.80 5.12
C MET D 101 -33.46 -26.56 3.79
N ASN D 102 -33.12 -25.47 3.13
CA ASN D 102 -33.63 -25.21 1.83
C ASN D 102 -32.91 -26.09 0.86
N ALA D 103 -33.63 -26.56 -0.15
CA ALA D 103 -33.08 -27.43 -1.17
C ALA D 103 -31.78 -26.87 -1.66
N ALA D 104 -31.81 -25.60 -2.03
CA ALA D 104 -30.67 -24.97 -2.69
C ALA D 104 -29.42 -24.86 -1.83
N ASN D 105 -29.58 -25.09 -0.52
CA ASN D 105 -28.47 -25.09 0.43
C ASN D 105 -28.01 -26.45 0.94
N VAL D 106 -28.43 -27.54 0.30
CA VAL D 106 -27.88 -28.86 0.62
C VAL D 106 -27.23 -29.43 -0.62
N GLY D 107 -25.95 -29.75 -0.49
CA GLY D 107 -25.17 -30.28 -1.60
C GLY D 107 -25.06 -31.79 -1.52
N TRP D 108 -25.08 -32.44 -2.68
CA TRP D 108 -25.05 -33.89 -2.76
C TRP D 108 -24.77 -34.33 -4.19
N ASN D 109 -23.92 -35.33 -4.34
CA ASN D 109 -23.70 -35.97 -5.62
C ASN D 109 -23.34 -35.02 -6.76
N ASN D 110 -22.30 -34.23 -6.53
CA ASN D 110 -21.73 -33.23 -7.47
C ASN D 110 -22.59 -32.00 -7.75
N SER D 111 -23.65 -31.83 -6.98
CA SER D 111 -24.64 -30.81 -7.28
C SER D 111 -25.44 -30.50 -6.02
N THR D 112 -26.57 -29.82 -6.20
CA THR D 112 -27.46 -29.50 -5.09
C THR D 112 -28.84 -30.03 -5.37
N PHE D 113 -29.69 -29.96 -4.35
CA PHE D 113 -31.10 -30.32 -4.46
C PHE D 113 -31.96 -29.20 -5.03
N ALA D 114 -31.42 -27.99 -5.19
CA ALA D 114 -32.25 -26.81 -5.54
C ALA D 114 -33.49 -27.13 -6.40
N PRO E 1 -28.72 -23.28 26.61
CA PRO E 1 -27.83 -22.92 25.52
C PRO E 1 -26.82 -23.99 25.26
N MET E 2 -25.98 -23.77 24.27
CA MET E 2 -25.10 -24.81 23.79
C MET E 2 -23.91 -24.16 23.13
N PHE E 3 -22.74 -24.40 23.69
CA PHE E 3 -21.53 -23.82 23.14
C PHE E 3 -20.54 -24.91 22.81
N ILE E 4 -19.96 -24.82 21.62
CA ILE E 4 -19.07 -25.83 21.13
C ILE E 4 -17.77 -25.20 20.67
N VAL E 5 -16.64 -25.76 21.10
CA VAL E 5 -15.32 -25.34 20.64
C VAL E 5 -14.62 -26.50 19.95
N ASN E 6 -14.21 -26.30 18.70
CA ASN E 6 -13.25 -27.19 18.08
C ASN E 6 -11.92 -26.47 17.87
N THR E 7 -10.84 -27.09 18.31
CA THR E 7 -9.54 -26.43 18.36
C THR E 7 -8.39 -27.42 18.10
N ASN E 8 -7.33 -26.95 17.46
CA ASN E 8 -6.09 -27.76 17.29
C ASN E 8 -5.28 -27.89 18.57
N VAL E 9 -5.54 -27.02 19.55
CA VAL E 9 -4.92 -27.11 20.85
C VAL E 9 -5.09 -28.53 21.43
N PRO E 10 -4.01 -29.13 21.99
CA PRO E 10 -4.14 -30.51 22.50
C PRO E 10 -4.88 -30.64 23.84
N ARG E 11 -5.32 -31.86 24.16
CA ARG E 11 -6.11 -32.09 25.38
C ARG E 11 -5.39 -31.62 26.65
N ALA E 12 -4.08 -31.82 26.71
CA ALA E 12 -3.29 -31.48 27.89
C ALA E 12 -3.31 -29.98 28.15
N SER E 13 -3.33 -29.19 27.08
CA SER E 13 -3.37 -27.73 27.17
C SER E 13 -4.74 -27.17 27.57
N VAL E 14 -5.74 -28.04 27.71
CA VAL E 14 -7.05 -27.62 28.18
C VAL E 14 -7.09 -27.72 29.72
N PRO E 15 -7.16 -26.57 30.40
CA PRO E 15 -7.20 -26.59 31.88
C PRO E 15 -8.31 -27.43 32.48
N ASP E 16 -8.04 -28.01 33.64
CA ASP E 16 -9.10 -28.47 34.51
C ASP E 16 -9.92 -27.22 34.86
N GLY E 17 -11.23 -27.38 35.03
CA GLY E 17 -12.13 -26.28 35.40
C GLY E 17 -12.73 -25.54 34.22
N PHE E 18 -12.21 -25.76 33.03
CA PHE E 18 -12.62 -25.00 31.84
C PHE E 18 -14.14 -25.04 31.56
N LEU E 19 -14.71 -26.23 31.47
CA LEU E 19 -16.14 -26.39 31.15
C LEU E 19 -17.02 -25.70 32.18
N SER E 20 -16.64 -25.80 33.44
CA SER E 20 -17.37 -25.12 34.53
C SER E 20 -17.33 -23.61 34.36
N GLU E 21 -16.20 -23.09 33.90
CA GLU E 21 -16.00 -21.66 33.74
C GLU E 21 -16.81 -21.14 32.57
N LEU E 22 -16.69 -21.86 31.45
CA LEU E 22 -17.56 -21.64 30.30
C LEU E 22 -19.01 -21.64 30.75
N THR E 23 -19.40 -22.72 31.42
CA THR E 23 -20.76 -22.85 31.92
C THR E 23 -21.21 -21.62 32.75
N GLN E 24 -20.45 -21.31 33.80
CA GLN E 24 -20.76 -20.13 34.63
C GLN E 24 -20.76 -18.83 33.83
N GLN E 25 -19.69 -18.55 33.09
CA GLN E 25 -19.57 -17.30 32.34
C GLN E 25 -20.73 -17.08 31.37
N LEU E 26 -21.01 -18.11 30.56
CA LEU E 26 -22.13 -18.03 29.63
C LEU E 26 -23.46 -17.81 30.38
N ALA E 27 -23.59 -18.44 31.53
CA ALA E 27 -24.74 -18.22 32.38
C ALA E 27 -24.89 -16.76 32.84
N GLN E 28 -23.83 -16.12 33.31
CA GLN E 28 -23.91 -14.68 33.63
C GLN E 28 -24.27 -13.90 32.37
N ALA E 29 -23.52 -14.17 31.30
CA ALA E 29 -23.64 -13.48 30.01
C ALA E 29 -25.02 -13.56 29.30
N THR E 30 -25.63 -14.74 29.27
CA THR E 30 -26.87 -14.97 28.52
C THR E 30 -28.09 -14.79 29.39
N GLY E 31 -27.88 -14.76 30.71
CA GLY E 31 -28.97 -14.74 31.64
C GLY E 31 -29.67 -16.08 31.76
N LYS E 32 -29.16 -17.10 31.07
CA LYS E 32 -29.79 -18.42 31.12
C LYS E 32 -29.22 -19.14 32.32
N PRO E 33 -30.04 -19.97 32.97
CA PRO E 33 -29.49 -20.70 34.10
C PRO E 33 -28.40 -21.72 33.73
N PRO E 34 -27.38 -21.85 34.59
CA PRO E 34 -26.35 -22.85 34.33
C PRO E 34 -26.92 -24.25 34.02
N GLN E 35 -28.07 -24.61 34.62
CA GLN E 35 -28.75 -25.91 34.44
C GLN E 35 -29.03 -26.29 32.98
N TYR E 36 -29.32 -25.27 32.16
CA TYR E 36 -29.62 -25.43 30.73
C TYR E 36 -28.44 -25.11 29.80
N ILE E 37 -27.28 -24.82 30.37
CA ILE E 37 -26.09 -24.51 29.58
C ILE E 37 -25.32 -25.79 29.31
N ALA E 38 -25.02 -26.05 28.05
CA ALA E 38 -24.29 -27.25 27.66
C ALA E 38 -23.06 -26.80 26.94
N VAL E 39 -21.97 -27.51 27.19
CA VAL E 39 -20.64 -27.14 26.74
C VAL E 39 -19.94 -28.36 26.20
N HIS E 40 -19.19 -28.16 25.14
CA HIS E 40 -18.54 -29.25 24.41
C HIS E 40 -17.21 -28.73 23.88
N VAL E 41 -16.12 -29.23 24.43
CA VAL E 41 -14.78 -28.84 23.99
C VAL E 41 -14.11 -30.01 23.28
N VAL E 42 -13.63 -29.76 22.07
CA VAL E 42 -13.06 -30.76 21.18
C VAL E 42 -11.63 -30.35 20.84
N PRO E 43 -10.64 -30.90 21.54
CA PRO E 43 -9.24 -30.56 21.26
C PRO E 43 -8.60 -31.48 20.23
N ASP E 44 -7.32 -31.23 19.94
CA ASP E 44 -6.50 -32.09 19.08
C ASP E 44 -6.99 -32.15 17.65
N GLN E 45 -7.81 -31.19 17.27
CA GLN E 45 -8.43 -31.25 15.96
C GLN E 45 -7.47 -30.93 14.87
N LEU E 46 -7.70 -31.55 13.72
CA LEU E 46 -6.89 -31.35 12.55
C LEU E 46 -7.53 -30.21 11.77
N MET E 47 -7.10 -28.98 12.07
CA MET E 47 -7.66 -27.77 11.45
C MET E 47 -6.62 -26.71 11.10
N ALA E 48 -7.03 -25.79 10.24
CA ALA E 48 -6.21 -24.69 9.79
C ALA E 48 -7.05 -23.44 9.75
N PHE E 49 -6.41 -22.30 10.03
CA PHE E 49 -7.04 -21.00 9.88
C PHE E 49 -6.12 -20.15 9.02
N GLY E 50 -6.59 -19.82 7.82
CA GLY E 50 -5.85 -18.97 6.92
C GLY E 50 -4.63 -19.63 6.32
N GLY E 51 -4.62 -20.96 6.31
CA GLY E 51 -3.51 -21.72 5.78
C GLY E 51 -2.48 -22.10 6.83
N SER E 52 -2.65 -21.61 8.06
CA SER E 52 -1.68 -21.83 9.11
C SER E 52 -2.24 -22.76 10.16
N SER E 53 -1.36 -23.57 10.75
CA SER E 53 -1.73 -24.54 11.78
C SER E 53 -1.38 -24.05 13.18
N GLU E 54 -1.22 -22.73 13.33
CA GLU E 54 -1.07 -22.12 14.65
C GLU E 54 -2.40 -22.26 15.40
N PRO E 55 -2.38 -22.17 16.74
CA PRO E 55 -3.62 -22.36 17.49
C PRO E 55 -4.80 -21.56 16.93
N CYS E 56 -5.95 -22.22 16.78
CA CYS E 56 -7.16 -21.56 16.27
C CYS E 56 -8.40 -22.26 16.81
N ALA E 57 -9.56 -21.61 16.75
CA ALA E 57 -10.80 -22.18 17.30
C ALA E 57 -11.98 -21.99 16.35
N LEU E 58 -12.81 -23.02 16.27
CA LEU E 58 -14.02 -22.96 15.48
C LEU E 58 -15.16 -23.31 16.42
N CYS E 59 -16.01 -22.31 16.69
CA CYS E 59 -17.01 -22.38 17.75
C CYS E 59 -18.44 -22.15 17.31
N SER E 60 -19.35 -22.45 18.22
CA SER E 60 -20.77 -22.27 17.99
C SER E 60 -21.40 -21.96 19.32
N LEU E 61 -22.38 -21.08 19.30
CA LEU E 61 -23.24 -20.84 20.44
C LEU E 61 -24.69 -20.87 19.96
N HIS E 62 -25.46 -21.86 20.42
CA HIS E 62 -26.91 -21.87 20.17
C HIS E 62 -27.65 -21.44 21.40
N SER E 63 -28.63 -20.56 21.24
CA SER E 63 -29.62 -20.26 22.29
C SER E 63 -31.00 -19.88 21.73
N ILE E 64 -32.02 -20.11 22.56
CA ILE E 64 -33.40 -19.67 22.33
C ILE E 64 -33.58 -18.25 22.87
N GLY E 65 -33.40 -17.28 21.98
CA GLY E 65 -33.23 -15.90 22.41
C GLY E 65 -31.82 -15.60 22.92
N LYS E 66 -31.63 -14.34 23.30
CA LYS E 66 -30.38 -13.76 23.80
C LYS E 66 -29.30 -13.71 22.73
N ILE E 67 -29.73 -13.74 21.48
CA ILE E 67 -28.84 -13.64 20.34
C ILE E 67 -29.25 -12.42 19.53
N GLY E 68 -28.27 -11.62 19.15
CA GLY E 68 -28.47 -10.35 18.43
C GLY E 68 -27.19 -9.52 18.35
N GLY E 69 -27.15 -8.54 17.46
CA GLY E 69 -25.95 -7.75 17.24
C GLY E 69 -25.18 -7.38 18.49
N ALA E 70 -25.86 -6.79 19.46
CA ALA E 70 -25.19 -6.26 20.65
C ALA E 70 -24.70 -7.38 21.59
N GLN E 71 -25.59 -8.33 21.88
CA GLN E 71 -25.26 -9.48 22.74
C GLN E 71 -24.16 -10.38 22.14
N ASN E 72 -24.22 -10.61 20.83
CA ASN E 72 -23.15 -11.32 20.10
C ASN E 72 -21.76 -10.64 20.17
N ARG E 73 -21.72 -9.30 20.11
CA ARG E 73 -20.47 -8.54 20.34
C ARG E 73 -19.97 -8.84 21.76
N SER E 74 -20.83 -8.64 22.74
CA SER E 74 -20.46 -8.90 24.12
C SER E 74 -19.97 -10.33 24.35
N TYR E 75 -20.59 -11.30 23.66
CA TYR E 75 -20.26 -12.72 23.82
C TYR E 75 -18.94 -13.07 23.20
N SER E 76 -18.66 -12.50 22.04
CA SER E 76 -17.39 -12.73 21.35
C SER E 76 -16.21 -12.20 22.17
N LYS E 77 -16.37 -11.03 22.77
CA LYS E 77 -15.34 -10.44 23.62
C LYS E 77 -15.10 -11.40 24.77
N LEU E 78 -16.19 -11.90 25.35
CA LEU E 78 -16.12 -12.81 26.46
C LEU E 78 -15.37 -14.09 26.08
N LEU E 79 -15.86 -14.74 25.03
CA LEU E 79 -15.39 -16.05 24.65
C LEU E 79 -13.98 -16.02 24.10
N CYS E 80 -13.67 -15.08 23.21
CA CYS E 80 -12.29 -14.90 22.76
C CYS E 80 -11.33 -14.66 23.92
N GLY E 81 -11.76 -13.85 24.87
CA GLY E 81 -11.00 -13.65 26.09
C GLY E 81 -10.60 -15.00 26.67
N LEU E 82 -11.60 -15.79 27.04
CA LEU E 82 -11.37 -17.07 27.68
C LEU E 82 -10.48 -18.00 26.87
N LEU E 83 -10.72 -18.04 25.57
CA LEU E 83 -9.91 -18.88 24.71
C LEU E 83 -8.47 -18.37 24.74
N ALA E 84 -8.29 -17.06 24.66
CA ALA E 84 -6.97 -16.44 24.75
C ALA E 84 -6.33 -16.68 26.12
N GLU E 85 -7.02 -16.29 27.18
CA GLU E 85 -6.51 -16.51 28.53
C GLU E 85 -6.19 -18.00 28.76
N ARG E 86 -7.12 -18.90 28.47
CA ARG E 86 -7.03 -20.30 28.90
C ARG E 86 -6.37 -21.26 27.90
N LEU E 87 -6.57 -21.05 26.61
CA LEU E 87 -6.02 -21.95 25.59
C LEU E 87 -4.90 -21.30 24.77
N ARG E 88 -4.57 -20.06 25.10
CA ARG E 88 -3.52 -19.32 24.40
C ARG E 88 -3.82 -19.31 22.91
N ILE E 89 -5.08 -19.13 22.57
CA ILE E 89 -5.51 -19.02 21.18
C ILE E 89 -5.71 -17.55 20.90
N SER E 90 -5.09 -17.08 19.82
CA SER E 90 -5.18 -15.68 19.46
C SER E 90 -6.59 -15.32 18.95
N PRO E 91 -7.19 -14.23 19.45
CA PRO E 91 -8.56 -13.82 19.07
C PRO E 91 -8.83 -13.64 17.57
N ASP E 92 -7.82 -13.29 16.80
CA ASP E 92 -8.01 -13.16 15.35
C ASP E 92 -7.95 -14.50 14.59
N ARG E 93 -7.87 -15.60 15.34
CA ARG E 93 -7.90 -16.93 14.75
C ARG E 93 -9.00 -17.75 15.42
N VAL E 94 -10.06 -17.07 15.82
CA VAL E 94 -11.23 -17.67 16.41
C VAL E 94 -12.41 -17.22 15.57
N TYR E 95 -13.32 -18.15 15.31
CA TYR E 95 -14.55 -17.87 14.56
C TYR E 95 -15.69 -18.50 15.33
N ILE E 96 -16.73 -17.72 15.66
CA ILE E 96 -17.89 -18.24 16.37
C ILE E 96 -19.12 -18.04 15.50
N ASN E 97 -19.93 -19.07 15.35
CA ASN E 97 -21.24 -18.91 14.72
C ASN E 97 -22.34 -18.83 15.77
N TYR E 98 -23.22 -17.85 15.63
CA TYR E 98 -24.33 -17.68 16.56
C TYR E 98 -25.67 -18.12 15.92
N TYR E 99 -26.51 -18.76 16.73
CA TYR E 99 -27.78 -19.31 16.28
C TYR E 99 -28.89 -18.89 17.23
N ASP E 100 -29.87 -18.15 16.72
CA ASP E 100 -31.04 -17.83 17.51
C ASP E 100 -31.97 -18.97 17.19
N MET E 101 -32.11 -19.92 18.10
CA MET E 101 -32.99 -21.06 17.83
C MET E 101 -34.40 -20.74 18.24
N ASN E 102 -35.37 -20.98 17.35
CA ASN E 102 -36.77 -20.97 17.71
C ASN E 102 -36.98 -22.16 18.64
N ALA E 103 -37.85 -22.00 19.65
CA ALA E 103 -38.05 -23.01 20.74
C ALA E 103 -38.66 -24.33 20.26
N ALA E 104 -39.41 -24.26 19.17
CA ALA E 104 -39.93 -25.44 18.49
C ALA E 104 -38.83 -26.29 17.77
N ASN E 105 -37.67 -25.70 17.53
CA ASN E 105 -36.56 -26.41 16.90
C ASN E 105 -35.50 -26.91 17.88
N VAL E 106 -35.83 -26.98 19.17
CA VAL E 106 -34.86 -27.45 20.17
C VAL E 106 -35.48 -28.58 20.96
N GLY E 107 -34.97 -29.79 20.76
CA GLY E 107 -35.41 -30.98 21.48
C GLY E 107 -34.79 -31.07 22.87
N TRP E 108 -35.60 -31.45 23.84
CA TRP E 108 -35.11 -31.70 25.19
C TRP E 108 -36.17 -32.46 25.97
N ASN E 109 -35.76 -33.50 26.67
CA ASN E 109 -36.64 -34.26 27.53
C ASN E 109 -37.89 -34.84 26.84
N ASN E 110 -37.66 -35.52 25.73
CA ASN E 110 -38.70 -36.21 24.96
C ASN E 110 -39.67 -35.30 24.24
N SER E 111 -39.36 -34.01 24.17
CA SER E 111 -40.24 -33.05 23.54
C SER E 111 -39.40 -31.85 23.16
N THR E 112 -40.03 -30.71 22.91
CA THR E 112 -39.28 -29.49 22.57
C THR E 112 -39.66 -28.36 23.52
N PHE E 113 -39.01 -27.23 23.38
CA PHE E 113 -39.25 -26.10 24.24
C PHE E 113 -40.50 -25.27 23.93
N ALA E 114 -41.11 -25.46 22.75
CA ALA E 114 -42.31 -24.71 22.40
C ALA E 114 -43.30 -24.56 23.61
N PRO F 1 -14.65 -17.82 5.86
CA PRO F 1 -15.59 -18.93 5.89
C PRO F 1 -15.16 -20.07 6.81
N MET F 2 -16.11 -20.92 7.18
CA MET F 2 -15.82 -22.10 8.00
C MET F 2 -16.23 -23.32 7.20
N PHE F 3 -15.27 -24.22 6.95
CA PHE F 3 -15.55 -25.47 6.27
C PHE F 3 -15.18 -26.69 7.10
N ILE F 4 -16.14 -27.58 7.30
CA ILE F 4 -15.90 -28.74 8.14
C ILE F 4 -16.24 -29.99 7.34
N VAL F 5 -15.37 -31.00 7.47
CA VAL F 5 -15.57 -32.30 6.83
C VAL F 5 -15.44 -33.39 7.86
N ASN F 6 -16.56 -34.03 8.20
CA ASN F 6 -16.52 -35.24 8.99
C ASN F 6 -16.59 -36.41 8.03
N THR F 7 -15.79 -37.45 8.30
CA THR F 7 -15.69 -38.60 7.39
C THR F 7 -15.24 -39.87 8.10
N ASN F 8 -15.70 -41.01 7.58
CA ASN F 8 -15.33 -42.30 8.16
C ASN F 8 -13.99 -42.80 7.61
N VAL F 9 -13.58 -42.25 6.47
CA VAL F 9 -12.23 -42.47 5.94
C VAL F 9 -11.25 -42.25 7.09
N PRO F 10 -10.26 -43.15 7.24
CA PRO F 10 -9.38 -43.00 8.39
C PRO F 10 -8.32 -41.90 8.20
N ARG F 11 -7.56 -41.61 9.25
CA ARG F 11 -6.57 -40.51 9.24
C ARG F 11 -5.44 -40.66 8.19
N ALA F 12 -4.89 -41.87 8.07
CA ALA F 12 -3.80 -42.15 7.12
C ALA F 12 -4.20 -42.03 5.65
N SER F 13 -5.49 -42.14 5.34
CA SER F 13 -5.99 -41.91 3.97
C SER F 13 -6.18 -40.43 3.64
N VAL F 14 -5.99 -39.55 4.62
CA VAL F 14 -6.13 -38.12 4.40
C VAL F 14 -4.79 -37.52 4.01
N PRO F 15 -4.62 -37.15 2.73
CA PRO F 15 -3.29 -36.69 2.36
C PRO F 15 -2.79 -35.50 3.17
N ASP F 16 -1.48 -35.43 3.34
CA ASP F 16 -0.81 -34.18 3.71
C ASP F 16 -0.99 -33.19 2.55
N GLY F 17 -1.40 -31.98 2.88
CA GLY F 17 -1.67 -30.97 1.87
C GLY F 17 -3.16 -30.77 1.68
N PHE F 18 -3.97 -31.65 2.27
CA PHE F 18 -5.43 -31.61 2.10
C PHE F 18 -6.05 -30.33 2.66
N LEU F 19 -5.71 -29.98 3.89
CA LEU F 19 -6.23 -28.77 4.45
C LEU F 19 -5.91 -27.58 3.53
N SER F 20 -4.69 -27.58 2.98
CA SER F 20 -4.21 -26.56 2.02
C SER F 20 -4.93 -26.54 0.68
N GLU F 21 -5.21 -27.72 0.15
CA GLU F 21 -5.89 -27.77 -1.14
C GLU F 21 -7.29 -27.19 -0.91
N LEU F 22 -7.85 -27.43 0.28
CA LEU F 22 -9.18 -26.97 0.59
C LEU F 22 -9.23 -25.44 0.71
N THR F 23 -8.33 -24.90 1.53
CA THR F 23 -8.16 -23.45 1.66
C THR F 23 -7.96 -22.79 0.30
N GLN F 24 -7.11 -23.36 -0.53
CA GLN F 24 -6.95 -22.86 -1.89
C GLN F 24 -8.28 -22.83 -2.66
N GLN F 25 -8.99 -23.94 -2.65
CA GLN F 25 -10.09 -24.13 -3.58
C GLN F 25 -11.38 -23.47 -3.08
N LEU F 26 -11.57 -23.45 -1.76
CA LEU F 26 -12.65 -22.67 -1.18
C LEU F 26 -12.44 -21.16 -1.39
N ALA F 27 -11.21 -20.67 -1.33
CA ALA F 27 -10.92 -19.25 -1.62
C ALA F 27 -11.15 -18.85 -3.09
N GLN F 28 -10.72 -19.68 -4.02
CA GLN F 28 -10.95 -19.43 -5.45
C GLN F 28 -12.45 -19.40 -5.74
N ALA F 29 -13.18 -20.37 -5.18
CA ALA F 29 -14.61 -20.51 -5.44
C ALA F 29 -15.42 -19.36 -4.86
N THR F 30 -15.17 -19.05 -3.60
CA THR F 30 -15.93 -18.03 -2.88
C THR F 30 -15.56 -16.58 -3.21
N GLY F 31 -14.30 -16.33 -3.61
CA GLY F 31 -13.79 -14.96 -3.69
C GLY F 31 -13.40 -14.39 -2.33
N LYS F 32 -13.31 -15.24 -1.31
CA LYS F 32 -12.85 -14.82 0.01
C LYS F 32 -11.33 -15.04 0.09
N PRO F 33 -10.62 -14.17 0.82
CA PRO F 33 -9.19 -14.39 0.90
C PRO F 33 -8.81 -15.61 1.73
N PRO F 34 -7.80 -16.37 1.26
CA PRO F 34 -7.36 -17.59 1.93
C PRO F 34 -7.02 -17.41 3.40
N GLN F 35 -6.61 -16.19 3.79
CA GLN F 35 -6.25 -15.87 5.18
C GLN F 35 -7.40 -15.97 6.16
N TYR F 36 -8.63 -15.92 5.65
CA TYR F 36 -9.82 -15.92 6.52
C TYR F 36 -10.69 -17.19 6.35
N ILE F 37 -10.22 -18.14 5.53
CA ILE F 37 -10.87 -19.44 5.35
C ILE F 37 -10.35 -20.36 6.46
N ALA F 38 -11.26 -20.99 7.19
CA ALA F 38 -10.91 -21.99 8.20
C ALA F 38 -11.43 -23.34 7.73
N VAL F 39 -10.62 -24.38 7.88
CA VAL F 39 -11.03 -25.69 7.45
C VAL F 39 -10.70 -26.67 8.53
N HIS F 40 -11.55 -27.69 8.67
CA HIS F 40 -11.49 -28.64 9.76
C HIS F 40 -11.79 -30.00 9.17
N VAL F 41 -10.93 -30.97 9.42
CA VAL F 41 -11.20 -32.34 8.95
C VAL F 41 -11.27 -33.24 10.16
N VAL F 42 -12.34 -34.02 10.24
CA VAL F 42 -12.53 -35.02 11.29
C VAL F 42 -12.75 -36.36 10.61
N PRO F 43 -11.69 -37.16 10.52
CA PRO F 43 -11.74 -38.51 9.95
C PRO F 43 -11.98 -39.56 11.04
N ASP F 44 -11.97 -40.85 10.67
CA ASP F 44 -12.16 -41.95 11.63
C ASP F 44 -13.46 -41.85 12.43
N GLN F 45 -14.51 -41.32 11.79
CA GLN F 45 -15.79 -41.13 12.45
C GLN F 45 -16.70 -42.35 12.27
N LEU F 46 -17.37 -42.74 13.35
CA LEU F 46 -18.42 -43.74 13.29
C LEU F 46 -19.57 -43.09 12.59
N MET F 47 -19.74 -43.40 11.32
CA MET F 47 -20.90 -42.91 10.62
C MET F 47 -21.40 -43.90 9.59
N ALA F 48 -22.61 -43.65 9.09
CA ALA F 48 -23.21 -44.41 7.98
C ALA F 48 -23.99 -43.43 7.10
N PHE F 49 -24.07 -43.79 5.83
CA PHE F 49 -24.84 -43.05 4.86
C PHE F 49 -25.63 -44.13 4.13
N GLY F 50 -26.95 -44.01 4.13
CA GLY F 50 -27.78 -44.95 3.43
C GLY F 50 -27.79 -46.31 4.09
N GLY F 51 -27.42 -46.35 5.36
CA GLY F 51 -27.42 -47.57 6.13
C GLY F 51 -26.20 -48.41 5.87
N SER F 52 -25.30 -47.85 5.07
CA SER F 52 -24.11 -48.51 4.58
C SER F 52 -22.92 -47.81 5.21
N SER F 53 -21.93 -48.54 5.67
CA SER F 53 -20.76 -47.91 6.30
C SER F 53 -19.57 -47.82 5.34
N GLU F 54 -19.84 -47.87 4.03
CA GLU F 54 -18.83 -47.60 3.02
C GLU F 54 -18.36 -46.14 3.17
N PRO F 55 -17.28 -45.74 2.48
CA PRO F 55 -16.77 -44.35 2.52
C PRO F 55 -17.79 -43.23 2.26
N CYS F 56 -17.94 -42.31 3.22
CA CYS F 56 -18.88 -41.17 3.13
C CYS F 56 -18.38 -39.90 3.85
N ALA F 57 -18.98 -38.76 3.50
CA ALA F 57 -18.67 -37.48 4.15
C ALA F 57 -19.91 -36.60 4.44
N LEU F 58 -19.85 -35.92 5.60
CA LEU F 58 -20.83 -34.89 6.01
C LEU F 58 -20.13 -33.56 6.17
N CYS F 59 -20.37 -32.66 5.22
CA CYS F 59 -19.74 -31.33 5.23
C CYS F 59 -20.64 -30.20 5.71
N SER F 60 -20.06 -29.03 5.87
CA SER F 60 -20.79 -27.80 6.14
C SER F 60 -19.90 -26.62 5.83
N LEU F 61 -20.42 -25.65 5.07
CA LEU F 61 -19.75 -24.36 4.78
C LEU F 61 -20.57 -23.19 5.32
N HIS F 62 -20.07 -22.52 6.34
CA HIS F 62 -20.66 -21.29 6.82
C HIS F 62 -19.96 -20.13 6.17
N SER F 63 -20.69 -19.09 5.82
CA SER F 63 -20.11 -17.94 5.18
C SER F 63 -21.02 -16.72 5.22
N ILE F 64 -20.47 -15.56 5.54
CA ILE F 64 -21.23 -14.34 5.39
C ILE F 64 -21.22 -14.01 3.92
N GLY F 65 -22.31 -14.34 3.23
CA GLY F 65 -22.42 -14.10 1.80
C GLY F 65 -21.86 -15.23 0.95
N LYS F 66 -22.03 -15.07 -0.36
CA LYS F 66 -21.53 -16.01 -1.35
C LYS F 66 -22.14 -17.39 -1.17
N ILE F 67 -23.34 -17.44 -0.62
CA ILE F 67 -24.12 -18.66 -0.55
C ILE F 67 -25.34 -18.45 -1.42
N GLY F 68 -25.57 -19.33 -2.38
CA GLY F 68 -26.75 -19.23 -3.25
C GLY F 68 -26.97 -20.44 -4.16
N GLY F 69 -28.07 -20.38 -4.90
CA GLY F 69 -28.49 -21.45 -5.80
C GLY F 69 -27.34 -21.92 -6.67
N ALA F 70 -26.87 -21.05 -7.56
CA ALA F 70 -25.76 -21.36 -8.49
C ALA F 70 -24.43 -21.60 -7.79
N GLN F 71 -24.12 -20.76 -6.81
CA GLN F 71 -22.83 -20.82 -6.15
C GLN F 71 -22.68 -22.12 -5.40
N ASN F 72 -23.68 -22.42 -4.56
CA ASN F 72 -23.70 -23.70 -3.84
C ASN F 72 -23.51 -24.86 -4.81
N ARG F 73 -24.06 -24.74 -6.02
CA ARG F 73 -23.92 -25.75 -7.06
C ARG F 73 -22.47 -25.91 -7.49
N SER F 74 -21.80 -24.79 -7.70
CA SER F 74 -20.39 -24.79 -8.07
C SER F 74 -19.59 -25.40 -6.95
N TYR F 75 -19.93 -25.06 -5.72
CA TYR F 75 -19.12 -25.47 -4.58
C TYR F 75 -19.24 -26.98 -4.38
N SER F 76 -20.43 -27.53 -4.63
CA SER F 76 -20.69 -28.94 -4.42
C SER F 76 -19.94 -29.76 -5.45
N LYS F 77 -20.07 -29.39 -6.71
CA LYS F 77 -19.30 -30.02 -7.77
C LYS F 77 -17.82 -30.01 -7.42
N LEU F 78 -17.35 -28.84 -6.99
CA LEU F 78 -15.96 -28.67 -6.64
C LEU F 78 -15.59 -29.49 -5.42
N LEU F 79 -16.37 -29.42 -4.35
CA LEU F 79 -16.03 -30.14 -3.11
C LEU F 79 -16.21 -31.66 -3.19
N CYS F 80 -17.27 -32.12 -3.86
CA CYS F 80 -17.42 -33.56 -4.09
C CYS F 80 -16.22 -34.06 -4.89
N GLY F 81 -15.86 -33.30 -5.92
CA GLY F 81 -14.70 -33.61 -6.76
C GLY F 81 -13.44 -33.84 -5.94
N LEU F 82 -13.20 -32.99 -4.96
CA LEU F 82 -12.00 -33.08 -4.16
C LEU F 82 -12.08 -34.20 -3.17
N LEU F 83 -13.28 -34.50 -2.71
CA LEU F 83 -13.46 -35.59 -1.78
C LEU F 83 -13.26 -36.95 -2.49
N ALA F 84 -13.58 -36.99 -3.79
CA ALA F 84 -13.34 -38.17 -4.61
C ALA F 84 -11.84 -38.44 -4.80
N GLU F 85 -11.13 -37.48 -5.38
CA GLU F 85 -9.73 -37.65 -5.74
C GLU F 85 -8.87 -37.99 -4.54
N ARG F 86 -9.03 -37.26 -3.44
CA ARG F 86 -8.06 -37.37 -2.36
C ARG F 86 -8.49 -38.32 -1.27
N LEU F 87 -9.79 -38.47 -1.05
CA LEU F 87 -10.27 -39.38 0.01
C LEU F 87 -10.94 -40.64 -0.53
N ARG F 88 -11.06 -40.73 -1.85
CA ARG F 88 -11.68 -41.87 -2.53
C ARG F 88 -13.11 -42.14 -2.03
N ILE F 89 -13.84 -41.04 -1.84
CA ILE F 89 -15.21 -41.09 -1.36
C ILE F 89 -16.14 -40.79 -2.50
N SER F 90 -17.20 -41.57 -2.55
CA SER F 90 -18.17 -41.49 -3.63
C SER F 90 -19.11 -40.27 -3.42
N PRO F 91 -19.39 -39.49 -4.50
CA PRO F 91 -20.07 -38.20 -4.32
C PRO F 91 -21.53 -38.30 -3.90
N ASP F 92 -22.20 -39.39 -4.23
CA ASP F 92 -23.56 -39.63 -3.73
C ASP F 92 -23.58 -40.20 -2.34
N ARG F 93 -22.42 -40.29 -1.69
CA ARG F 93 -22.30 -40.51 -0.24
C ARG F 93 -21.66 -39.29 0.43
N VAL F 94 -22.02 -38.10 -0.05
CA VAL F 94 -21.54 -36.81 0.48
C VAL F 94 -22.74 -35.84 0.65
N TYR F 95 -22.93 -35.32 1.86
CA TYR F 95 -23.83 -34.20 2.05
C TYR F 95 -23.05 -32.98 2.48
N ILE F 96 -23.30 -31.86 1.81
CA ILE F 96 -22.77 -30.56 2.23
C ILE F 96 -23.93 -29.62 2.55
N ASN F 97 -23.96 -29.12 3.78
CA ASN F 97 -24.94 -28.11 4.15
C ASN F 97 -24.30 -26.71 4.03
N TYR F 98 -24.97 -25.83 3.31
CA TYR F 98 -24.48 -24.46 3.16
C TYR F 98 -25.25 -23.49 4.06
N TYR F 99 -24.53 -22.55 4.69
CA TYR F 99 -25.13 -21.63 5.66
C TYR F 99 -24.73 -20.22 5.33
N ASP F 100 -25.71 -19.39 5.01
CA ASP F 100 -25.43 -17.99 4.75
C ASP F 100 -25.67 -17.30 6.06
N MET F 101 -24.60 -16.79 6.68
CA MET F 101 -24.69 -16.16 8.01
C MET F 101 -24.87 -14.63 7.91
N ASN F 102 -25.67 -14.07 8.80
CA ASN F 102 -25.68 -12.65 8.99
C ASN F 102 -24.36 -12.27 9.67
N ALA F 103 -23.80 -11.12 9.32
CA ALA F 103 -22.53 -10.66 9.88
C ALA F 103 -22.59 -10.47 11.39
N ALA F 104 -23.76 -10.13 11.90
CA ALA F 104 -23.95 -9.97 13.35
C ALA F 104 -23.89 -11.30 14.08
N ASN F 105 -24.04 -12.39 13.32
CA ASN F 105 -24.07 -13.74 13.87
C ASN F 105 -22.73 -14.48 13.75
N VAL F 106 -21.70 -13.80 13.27
CA VAL F 106 -20.36 -14.39 13.22
C VAL F 106 -19.34 -13.64 14.10
N GLY F 107 -18.85 -14.32 15.12
CA GLY F 107 -17.88 -13.74 16.01
C GLY F 107 -16.48 -13.90 15.46
N TRP F 108 -15.63 -12.91 15.73
CA TRP F 108 -14.24 -12.90 15.32
C TRP F 108 -13.51 -11.74 16.00
N ASN F 109 -12.40 -12.05 16.63
CA ASN F 109 -11.48 -11.03 17.09
C ASN F 109 -12.13 -10.09 18.10
N ASN F 110 -12.66 -10.70 19.15
CA ASN F 110 -13.28 -9.99 20.28
C ASN F 110 -14.60 -9.29 19.95
N SER F 111 -15.08 -9.43 18.71
CA SER F 111 -16.28 -8.73 18.28
C SER F 111 -16.99 -9.60 17.21
N THR F 112 -17.79 -8.99 16.34
CA THR F 112 -18.40 -9.70 15.22
C THR F 112 -18.12 -8.94 13.94
N PHE F 113 -18.60 -9.42 12.82
CA PHE F 113 -18.36 -8.76 11.55
C PHE F 113 -19.31 -7.58 11.34
N ALA F 114 -20.36 -7.46 12.14
CA ALA F 114 -21.29 -6.33 11.98
C ALA F 114 -20.92 -5.17 12.92
N PRO G 1 -20.83 51.72 -11.70
CA PRO G 1 -21.52 52.09 -10.48
C PRO G 1 -20.69 51.85 -9.26
N MET G 2 -20.83 52.74 -8.29
CA MET G 2 -19.92 52.84 -7.19
C MET G 2 -20.80 52.88 -5.95
N PHE G 3 -20.61 51.94 -5.04
CA PHE G 3 -21.32 52.03 -3.77
C PHE G 3 -20.28 52.17 -2.70
N ILE G 4 -20.55 53.02 -1.71
CA ILE G 4 -19.69 53.16 -0.53
C ILE G 4 -20.56 53.11 0.72
N VAL G 5 -20.07 52.50 1.79
CA VAL G 5 -20.76 52.57 3.07
C VAL G 5 -19.70 52.77 4.12
N ASN G 6 -19.88 53.79 4.94
CA ASN G 6 -19.11 54.00 6.14
C ASN G 6 -19.99 53.59 7.33
N THR G 7 -19.40 52.90 8.29
CA THR G 7 -20.15 52.45 9.43
C THR G 7 -19.26 52.27 10.65
N ASN G 8 -19.81 52.67 11.80
CA ASN G 8 -19.18 52.49 13.12
C ASN G 8 -19.01 51.03 13.52
N VAL G 9 -19.84 50.18 12.93
CA VAL G 9 -19.72 48.72 13.05
C VAL G 9 -18.28 48.23 12.80
N PRO G 10 -17.78 47.30 13.67
CA PRO G 10 -16.40 46.78 13.65
C PRO G 10 -16.04 45.82 12.50
N ARG G 11 -14.77 45.82 12.10
CA ARG G 11 -14.29 44.99 10.96
C ARG G 11 -14.71 43.54 11.15
N ALA G 12 -14.64 43.06 12.39
CA ALA G 12 -15.05 41.69 12.73
C ALA G 12 -16.50 41.37 12.38
N SER G 13 -17.41 42.34 12.54
CA SER G 13 -18.83 42.10 12.22
C SER G 13 -19.15 42.03 10.73
N VAL G 14 -18.24 42.47 9.89
CA VAL G 14 -18.43 42.45 8.45
C VAL G 14 -18.09 41.07 7.92
N PRO G 15 -19.08 40.33 7.38
CA PRO G 15 -18.81 38.96 7.00
C PRO G 15 -18.05 38.82 5.70
N ASP G 16 -17.45 37.65 5.50
CA ASP G 16 -16.82 37.33 4.24
C ASP G 16 -17.97 37.24 3.25
N GLY G 17 -17.69 37.58 1.99
CA GLY G 17 -18.71 37.60 0.93
C GLY G 17 -19.44 38.92 0.72
N PHE G 18 -19.34 39.83 1.69
CA PHE G 18 -20.11 41.06 1.65
C PHE G 18 -19.87 41.87 0.41
N LEU G 19 -18.62 42.08 0.03
CA LEU G 19 -18.36 42.84 -1.21
C LEU G 19 -18.94 42.14 -2.44
N SER G 20 -18.70 40.83 -2.49
CA SER G 20 -19.24 39.96 -3.55
C SER G 20 -20.77 39.99 -3.59
N GLU G 21 -21.39 39.86 -2.43
CA GLU G 21 -22.85 39.94 -2.35
C GLU G 21 -23.35 41.28 -2.89
N LEU G 22 -22.88 42.36 -2.28
CA LEU G 22 -23.22 43.69 -2.72
C LEU G 22 -22.99 43.83 -4.21
N THR G 23 -21.86 43.34 -4.68
CA THR G 23 -21.52 43.51 -6.09
C THR G 23 -22.61 42.89 -6.93
N GLN G 24 -23.02 41.68 -6.58
CA GLN G 24 -23.95 40.93 -7.41
C GLN G 24 -25.30 41.63 -7.36
N GLN G 25 -25.82 41.80 -6.14
CA GLN G 25 -27.05 42.54 -5.91
C GLN G 25 -27.12 43.85 -6.71
N LEU G 26 -26.12 44.70 -6.54
CA LEU G 26 -26.11 45.97 -7.24
C LEU G 26 -26.12 45.83 -8.75
N ALA G 27 -25.44 44.80 -9.26
CA ALA G 27 -25.39 44.58 -10.71
C ALA G 27 -26.80 44.25 -11.21
N GLN G 28 -27.48 43.39 -10.43
CA GLN G 28 -28.88 43.04 -10.66
C GLN G 28 -29.74 44.32 -10.64
N ALA G 29 -29.73 45.01 -9.49
CA ALA G 29 -30.48 46.26 -9.28
C ALA G 29 -30.20 47.36 -10.28
N THR G 30 -28.94 47.53 -10.70
CA THR G 30 -28.57 48.64 -11.57
C THR G 30 -28.65 48.33 -13.05
N GLY G 31 -28.70 47.04 -13.37
CA GLY G 31 -28.76 46.60 -14.77
C GLY G 31 -27.38 46.70 -15.43
N LYS G 32 -26.35 46.72 -14.59
CA LYS G 32 -25.00 47.01 -15.02
C LYS G 32 -24.18 45.79 -14.81
N PRO G 33 -23.32 45.42 -15.78
CA PRO G 33 -22.54 44.21 -15.60
C PRO G 33 -21.70 44.31 -14.33
N PRO G 34 -21.51 43.19 -13.61
CA PRO G 34 -20.65 43.22 -12.41
C PRO G 34 -19.22 43.73 -12.66
N GLN G 35 -18.70 43.52 -13.88
CA GLN G 35 -17.38 44.00 -14.27
C GLN G 35 -17.19 45.49 -13.96
N TYR G 36 -18.27 46.27 -14.06
CA TYR G 36 -18.22 47.69 -13.83
C TYR G 36 -18.68 48.11 -12.43
N ILE G 37 -18.89 47.19 -11.51
CA ILE G 37 -19.44 47.57 -10.21
C ILE G 37 -18.37 47.67 -9.14
N ALA G 38 -18.00 48.88 -8.78
CA ALA G 38 -17.12 49.08 -7.63
C ALA G 38 -17.91 49.17 -6.34
N VAL G 39 -17.38 48.59 -5.26
CA VAL G 39 -17.93 48.77 -3.90
C VAL G 39 -16.85 48.91 -2.86
N HIS G 40 -17.21 49.55 -1.75
CA HIS G 40 -16.24 50.01 -0.75
C HIS G 40 -16.91 50.03 0.62
N VAL G 41 -16.33 49.31 1.56
CA VAL G 41 -16.83 49.33 2.91
C VAL G 41 -15.76 49.92 3.79
N VAL G 42 -16.21 50.71 4.76
CA VAL G 42 -15.34 51.37 5.70
C VAL G 42 -15.93 51.20 7.11
N PRO G 43 -15.47 50.18 7.85
CA PRO G 43 -15.97 49.90 9.20
C PRO G 43 -15.16 50.62 10.27
N ASP G 44 -15.55 50.44 11.54
CA ASP G 44 -14.83 51.01 12.69
C ASP G 44 -14.79 52.54 12.68
N GLN G 45 -15.77 53.19 12.05
CA GLN G 45 -15.73 54.65 11.95
C GLN G 45 -16.31 55.32 13.17
N LEU G 46 -15.82 56.54 13.40
CA LEU G 46 -16.19 57.36 14.52
C LEU G 46 -17.31 58.29 14.05
N MET G 47 -18.54 57.79 14.11
CA MET G 47 -19.68 58.53 13.63
C MET G 47 -20.86 58.46 14.61
N ALA G 48 -21.81 59.37 14.42
CA ALA G 48 -23.01 59.47 15.26
C ALA G 48 -24.24 59.79 14.42
N PHE G 49 -25.37 59.16 14.75
CA PHE G 49 -26.59 59.36 14.01
C PHE G 49 -27.68 59.67 15.00
N GLY G 50 -28.26 60.86 14.86
CA GLY G 50 -29.24 61.35 15.80
C GLY G 50 -28.61 61.50 17.15
N GLY G 51 -27.33 61.91 17.13
CA GLY G 51 -26.52 62.04 18.33
C GLY G 51 -26.46 60.76 19.14
N SER G 52 -26.33 59.62 18.45
CA SER G 52 -26.25 58.33 19.11
C SER G 52 -25.07 57.59 18.49
N SER G 53 -24.47 56.70 19.28
CA SER G 53 -23.39 55.85 18.82
C SER G 53 -23.83 54.39 18.52
N GLU G 54 -25.14 54.12 18.54
CA GLU G 54 -25.64 52.79 18.13
C GLU G 54 -25.25 52.52 16.68
N PRO G 55 -25.39 51.29 16.19
CA PRO G 55 -24.92 51.06 14.81
C PRO G 55 -25.61 51.93 13.71
N CYS G 56 -24.85 52.33 12.68
CA CYS G 56 -25.31 53.32 11.69
C CYS G 56 -24.46 53.35 10.41
N ALA G 57 -25.03 53.89 9.33
CA ALA G 57 -24.31 53.87 8.07
C ALA G 57 -24.56 55.08 7.20
N LEU G 58 -23.52 55.54 6.53
CA LEU G 58 -23.62 56.65 5.59
C LEU G 58 -23.08 56.20 4.24
N CYS G 59 -23.96 56.09 3.26
CA CYS G 59 -23.62 55.47 2.02
C CYS G 59 -23.79 56.41 0.89
N SER G 60 -23.16 56.07 -0.23
CA SER G 60 -23.34 56.81 -1.43
C SER G 60 -23.38 55.82 -2.55
N LEU G 61 -24.27 56.08 -3.52
CA LEU G 61 -24.34 55.31 -4.72
C LEU G 61 -24.23 56.27 -5.87
N HIS G 62 -23.19 56.10 -6.69
CA HIS G 62 -22.95 56.94 -7.86
C HIS G 62 -23.21 56.12 -9.12
N SER G 63 -23.87 56.67 -10.13
CA SER G 63 -24.05 55.95 -11.37
C SER G 63 -24.34 56.88 -12.54
N ILE G 64 -23.86 56.54 -13.72
CA ILE G 64 -24.20 57.28 -14.92
C ILE G 64 -25.56 56.82 -15.39
N GLY G 65 -26.60 57.52 -14.95
CA GLY G 65 -27.97 57.07 -15.14
C GLY G 65 -28.29 56.03 -14.08
N LYS G 66 -29.47 55.42 -14.22
CA LYS G 66 -30.03 54.45 -13.28
C LYS G 66 -30.35 55.05 -11.92
N ILE G 67 -30.48 56.38 -11.87
CA ILE G 67 -30.80 57.07 -10.63
C ILE G 67 -32.06 57.90 -10.83
N GLY G 68 -32.99 57.77 -9.88
CA GLY G 68 -34.22 58.55 -9.93
C GLY G 68 -35.20 58.13 -8.86
N GLY G 69 -36.39 58.72 -8.89
CA GLY G 69 -37.37 58.49 -7.85
C GLY G 69 -37.63 57.03 -7.61
N ALA G 70 -38.21 56.35 -8.58
CA ALA G 70 -38.67 54.99 -8.33
C ALA G 70 -37.51 54.06 -7.97
N GLN G 71 -36.41 54.18 -8.70
CA GLN G 71 -35.26 53.31 -8.53
C GLN G 71 -34.59 53.51 -7.19
N ASN G 72 -34.42 54.77 -6.77
CA ASN G 72 -33.76 55.06 -5.51
C ASN G 72 -34.52 54.42 -4.38
N ARG G 73 -35.84 54.48 -4.43
CA ARG G 73 -36.67 53.80 -3.40
C ARG G 73 -36.38 52.29 -3.39
N SER G 74 -36.14 51.75 -4.59
CA SER G 74 -35.88 50.33 -4.76
C SER G 74 -34.47 49.95 -4.29
N TYR G 75 -33.45 50.71 -4.72
CA TYR G 75 -32.10 50.51 -4.20
C TYR G 75 -32.10 50.61 -2.67
N SER G 76 -32.91 51.51 -2.12
CA SER G 76 -32.91 51.70 -0.70
C SER G 76 -33.46 50.52 0.04
N LYS G 77 -34.52 49.92 -0.46
CA LYS G 77 -35.09 48.75 0.21
C LYS G 77 -34.10 47.58 0.22
N LEU G 78 -33.42 47.42 -0.90
CA LEU G 78 -32.41 46.40 -1.07
C LEU G 78 -31.25 46.63 -0.11
N LEU G 79 -30.61 47.79 -0.25
CA LEU G 79 -29.39 48.12 0.48
C LEU G 79 -29.64 48.15 1.96
N CYS G 80 -30.71 48.80 2.40
CA CYS G 80 -31.04 48.76 3.81
C CYS G 80 -31.26 47.33 4.27
N GLY G 81 -31.83 46.48 3.42
CA GLY G 81 -32.10 45.07 3.75
C GLY G 81 -30.83 44.29 4.03
N LEU G 82 -29.85 44.48 3.17
CA LEU G 82 -28.54 43.90 3.36
C LEU G 82 -27.86 44.46 4.59
N LEU G 83 -27.85 45.77 4.76
CA LEU G 83 -27.21 46.34 5.94
C LEU G 83 -27.85 45.80 7.20
N ALA G 84 -29.16 45.60 7.19
CA ALA G 84 -29.85 45.14 8.37
C ALA G 84 -29.59 43.67 8.62
N GLU G 85 -29.40 42.91 7.56
CA GLU G 85 -29.30 41.46 7.74
C GLU G 85 -27.85 41.07 8.06
N ARG G 86 -26.91 41.57 7.26
CA ARG G 86 -25.51 41.19 7.34
C ARG G 86 -24.72 41.94 8.40
N LEU G 87 -24.96 43.25 8.53
CA LEU G 87 -24.27 44.10 9.52
C LEU G 87 -25.11 44.43 10.75
N ARG G 88 -26.35 43.96 10.80
CA ARG G 88 -27.26 44.22 11.94
C ARG G 88 -27.36 45.72 12.30
N ILE G 89 -27.65 46.54 11.29
CA ILE G 89 -27.82 48.00 11.42
C ILE G 89 -29.27 48.33 11.09
N SER G 90 -29.97 48.99 12.02
CA SER G 90 -31.35 49.34 11.75
C SER G 90 -31.50 50.25 10.51
N PRO G 91 -32.55 50.01 9.70
CA PRO G 91 -32.71 50.84 8.48
C PRO G 91 -32.88 52.32 8.75
N ASP G 92 -33.55 52.68 9.83
CA ASP G 92 -33.66 54.08 10.21
C ASP G 92 -32.35 54.68 10.74
N ARG G 93 -31.24 53.96 10.63
CA ARG G 93 -29.95 54.56 10.89
C ARG G 93 -29.05 54.54 9.65
N VAL G 94 -29.68 54.60 8.48
CA VAL G 94 -28.93 54.54 7.25
C VAL G 94 -29.26 55.72 6.35
N TYR G 95 -28.25 56.35 5.80
CA TYR G 95 -28.44 57.40 4.82
C TYR G 95 -27.68 57.02 3.57
N ILE G 96 -28.34 57.18 2.42
CA ILE G 96 -27.74 56.83 1.17
C ILE G 96 -27.90 57.96 0.18
N ASN G 97 -26.80 58.57 -0.23
CA ASN G 97 -26.86 59.63 -1.21
C ASN G 97 -26.76 59.04 -2.61
N TYR G 98 -27.74 59.37 -3.46
CA TYR G 98 -27.73 58.86 -4.80
C TYR G 98 -27.25 60.01 -5.70
N TYR G 99 -26.31 59.76 -6.60
CA TYR G 99 -25.82 60.82 -7.50
C TYR G 99 -25.83 60.40 -8.96
N ASP G 100 -26.60 61.10 -9.76
CA ASP G 100 -26.65 60.83 -11.18
C ASP G 100 -25.51 61.59 -11.89
N MET G 101 -24.37 60.92 -12.10
CA MET G 101 -23.18 61.55 -12.70
C MET G 101 -23.30 61.70 -14.20
N ASN G 102 -22.79 62.77 -14.77
CA ASN G 102 -22.76 62.89 -16.22
C ASN G 102 -21.59 62.09 -16.76
N ALA G 103 -21.73 61.60 -17.99
CA ALA G 103 -20.72 60.69 -18.59
C ALA G 103 -19.35 61.35 -18.65
N ALA G 104 -19.34 62.59 -19.14
CA ALA G 104 -18.14 63.43 -19.18
C ALA G 104 -17.42 63.62 -17.82
N ASN G 105 -18.17 63.52 -16.71
CA ASN G 105 -17.60 63.70 -15.37
C ASN G 105 -17.19 62.43 -14.66
N VAL G 106 -17.11 61.32 -15.39
CA VAL G 106 -16.55 60.08 -14.84
C VAL G 106 -15.34 59.58 -15.65
N GLY G 107 -14.18 59.62 -15.02
CA GLY G 107 -12.96 59.05 -15.59
C GLY G 107 -12.83 57.56 -15.32
N TRP G 108 -12.34 56.85 -16.32
CA TRP G 108 -12.07 55.43 -16.24
C TRP G 108 -11.21 55.01 -17.44
N ASN G 109 -10.16 54.25 -17.13
CA ASN G 109 -9.27 53.63 -18.11
C ASN G 109 -8.54 54.60 -19.02
N ASN G 110 -7.86 55.57 -18.38
CA ASN G 110 -7.09 56.65 -19.04
C ASN G 110 -7.92 57.73 -19.73
N SER G 111 -9.24 57.68 -19.58
CA SER G 111 -10.10 58.62 -20.24
C SER G 111 -11.39 58.75 -19.44
N THR G 112 -12.46 59.21 -20.11
CA THR G 112 -13.78 59.29 -19.52
C THR G 112 -14.85 58.59 -20.37
N PHE G 113 -16.07 58.58 -19.83
CA PHE G 113 -17.23 58.09 -20.53
C PHE G 113 -17.86 59.12 -21.49
N ALA G 114 -17.35 60.34 -21.55
CA ALA G 114 -17.99 61.43 -22.35
C ALA G 114 -18.62 60.96 -23.68
N PRO H 1 -29.52 65.61 7.95
CA PRO H 1 -28.25 66.11 7.38
C PRO H 1 -27.04 65.29 7.80
N MET H 2 -25.93 65.56 7.12
CA MET H 2 -24.77 64.69 7.12
C MET H 2 -23.52 65.56 7.03
N PHE H 3 -22.71 65.55 8.09
CA PHE H 3 -21.45 66.28 8.12
C PHE H 3 -20.30 65.31 8.30
N ILE H 4 -19.27 65.52 7.47
CA ILE H 4 -18.14 64.63 7.37
C ILE H 4 -16.85 65.44 7.52
N VAL H 5 -15.91 64.94 8.31
CA VAL H 5 -14.60 65.57 8.50
C VAL H 5 -13.50 64.56 8.34
N ASN H 6 -12.64 64.79 7.36
CA ASN H 6 -11.40 64.06 7.27
C ASN H 6 -10.30 65.01 7.60
N THR H 7 -9.43 64.62 8.52
CA THR H 7 -8.33 65.46 8.94
C THR H 7 -7.09 64.63 9.22
N ASN H 8 -5.91 65.22 9.05
CA ASN H 8 -4.66 64.54 9.46
C ASN H 8 -4.38 64.64 10.97
N VAL H 9 -5.17 65.45 11.68
CA VAL H 9 -5.16 65.49 13.13
C VAL H 9 -5.46 64.13 13.74
N PRO H 10 -4.69 63.69 14.77
CA PRO H 10 -4.88 62.35 15.36
C PRO H 10 -6.06 62.21 16.34
N ARG H 11 -6.51 60.97 16.55
CA ARG H 11 -7.72 60.69 17.33
C ARG H 11 -7.62 61.21 18.78
N ALA H 12 -6.40 61.18 19.32
CA ALA H 12 -6.15 61.72 20.65
C ALA H 12 -6.48 63.21 20.73
N SER H 13 -6.41 63.91 19.61
CA SER H 13 -6.77 65.34 19.56
C SER H 13 -8.27 65.58 19.37
N VAL H 14 -9.05 64.52 19.19
CA VAL H 14 -10.48 64.66 19.06
C VAL H 14 -11.08 64.59 20.45
N PRO H 15 -11.72 65.69 20.91
CA PRO H 15 -12.27 65.71 22.26
C PRO H 15 -13.48 64.80 22.50
N ASP H 16 -13.65 64.36 23.75
CA ASP H 16 -14.89 63.77 24.18
C ASP H 16 -15.94 64.89 24.16
N GLY H 17 -17.05 64.62 23.46
CA GLY H 17 -18.14 65.59 23.24
C GLY H 17 -18.22 66.15 21.83
N PHE H 18 -17.21 65.90 21.02
CA PHE H 18 -17.07 66.57 19.74
C PHE H 18 -18.20 66.31 18.76
N LEU H 19 -18.57 65.05 18.59
CA LEU H 19 -19.64 64.69 17.64
C LEU H 19 -21.00 65.21 18.12
N SER H 20 -21.27 65.10 19.42
CA SER H 20 -22.47 65.69 20.03
C SER H 20 -22.54 67.21 19.82
N GLU H 21 -21.41 67.89 19.98
CA GLU H 21 -21.34 69.34 19.75
C GLU H 21 -21.66 69.59 18.27
N LEU H 22 -21.02 68.81 17.40
CA LEU H 22 -21.30 68.89 15.99
C LEU H 22 -22.76 68.65 15.74
N THR H 23 -23.33 67.71 16.47
CA THR H 23 -24.74 67.38 16.30
C THR H 23 -25.67 68.52 16.76
N GLN H 24 -25.54 69.00 18.00
CA GLN H 24 -26.37 70.13 18.48
C GLN H 24 -26.20 71.41 17.65
N GLN H 25 -24.95 71.70 17.27
CA GLN H 25 -24.61 72.92 16.55
C GLN H 25 -25.14 72.91 15.13
N LEU H 26 -25.16 71.73 14.50
CA LEU H 26 -25.72 71.62 13.17
C LEU H 26 -27.22 71.57 13.26
N ALA H 27 -27.76 71.14 14.39
CA ALA H 27 -29.21 71.28 14.62
C ALA H 27 -29.70 72.73 14.77
N GLN H 28 -28.98 73.53 15.53
CA GLN H 28 -29.31 74.98 15.62
C GLN H 28 -29.26 75.61 14.22
N ALA H 29 -28.11 75.48 13.56
CA ALA H 29 -27.74 76.27 12.37
C ALA H 29 -28.45 75.92 11.02
N THR H 30 -28.85 74.66 10.85
CA THR H 30 -29.65 74.24 9.72
C THR H 30 -31.14 74.27 10.07
N GLY H 31 -31.45 74.15 11.35
CA GLY H 31 -32.82 74.16 11.81
C GLY H 31 -33.46 72.80 11.65
N LYS H 32 -32.68 71.82 11.17
CA LYS H 32 -33.14 70.43 11.08
C LYS H 32 -33.02 69.82 12.46
N PRO H 33 -33.92 68.89 12.80
CA PRO H 33 -33.82 68.22 14.08
C PRO H 33 -32.55 67.34 14.27
N PRO H 34 -31.99 67.33 15.50
CA PRO H 34 -30.81 66.54 15.84
C PRO H 34 -30.92 65.10 15.36
N GLN H 35 -32.13 64.55 15.45
CA GLN H 35 -32.41 63.15 15.11
C GLN H 35 -32.14 62.77 13.68
N TYR H 36 -32.04 63.74 12.79
CA TYR H 36 -31.72 63.46 11.38
C TYR H 36 -30.30 63.96 11.05
N ILE H 37 -29.53 64.28 12.08
CA ILE H 37 -28.19 64.77 11.87
C ILE H 37 -27.21 63.61 12.05
N ALA H 38 -26.37 63.44 11.05
CA ALA H 38 -25.39 62.39 11.06
C ALA H 38 -24.04 63.07 10.94
N VAL H 39 -23.09 62.61 11.76
CA VAL H 39 -21.75 63.18 11.83
C VAL H 39 -20.72 62.06 11.81
N HIS H 40 -19.71 62.25 10.97
CA HIS H 40 -18.69 61.27 10.71
C HIS H 40 -17.36 62.02 10.78
N VAL H 41 -16.47 61.58 11.66
CA VAL H 41 -15.18 62.21 11.86
C VAL H 41 -14.08 61.19 11.64
N VAL H 42 -13.12 61.54 10.80
CA VAL H 42 -12.07 60.62 10.43
C VAL H 42 -10.68 61.21 10.75
N PRO H 43 -10.10 60.84 11.92
CA PRO H 43 -8.79 61.39 12.26
C PRO H 43 -7.69 60.60 11.57
N ASP H 44 -6.44 60.98 11.83
CA ASP H 44 -5.26 60.24 11.38
C ASP H 44 -5.14 60.13 9.87
N GLN H 45 -5.76 61.04 9.13
CA GLN H 45 -5.77 60.82 7.67
C GLN H 45 -4.48 61.21 7.03
N LEU H 46 -4.14 60.53 5.95
CA LEU H 46 -2.93 60.84 5.17
C LEU H 46 -3.24 61.91 4.11
N MET H 47 -3.11 63.18 4.49
CA MET H 47 -3.52 64.27 3.59
C MET H 47 -2.56 65.44 3.63
N ALA H 48 -2.66 66.29 2.62
CA ALA H 48 -1.88 67.52 2.52
C ALA H 48 -2.76 68.62 1.98
N PHE H 49 -2.70 69.80 2.60
CA PHE H 49 -3.21 71.04 2.02
C PHE H 49 -2.01 71.92 1.67
N GLY H 50 -1.93 72.27 0.39
CA GLY H 50 -0.88 73.12 -0.12
C GLY H 50 0.42 72.40 -0.42
N GLY H 51 0.44 71.09 -0.27
CA GLY H 51 1.69 70.33 -0.37
C GLY H 51 2.45 70.33 0.94
N SER H 52 1.72 70.60 2.02
CA SER H 52 2.24 70.73 3.37
C SER H 52 1.32 69.98 4.33
N SER H 53 1.93 69.29 5.28
CA SER H 53 1.22 68.36 6.14
C SER H 53 0.88 68.92 7.52
N GLU H 54 0.65 70.23 7.60
CA GLU H 54 0.20 70.81 8.87
C GLU H 54 -1.26 70.43 9.12
N PRO H 55 -1.75 70.60 10.37
CA PRO H 55 -3.16 70.30 10.62
C PRO H 55 -4.08 70.99 9.62
N CYS H 56 -4.95 70.18 9.00
CA CYS H 56 -5.92 70.63 7.99
C CYS H 56 -7.16 69.74 8.10
N ALA H 57 -8.23 70.09 7.39
CA ALA H 57 -9.47 69.26 7.37
C ALA H 57 -10.12 69.32 5.99
N LEU H 58 -10.78 68.25 5.58
CA LEU H 58 -11.52 68.23 4.33
C LEU H 58 -12.90 67.69 4.67
N CYS H 59 -13.93 68.46 4.36
CA CYS H 59 -15.25 68.21 4.91
C CYS H 59 -16.35 68.23 3.85
N SER H 60 -17.57 67.99 4.31
CA SER H 60 -18.72 68.12 3.45
C SER H 60 -20.02 68.15 4.28
N LEU H 61 -20.96 68.99 3.84
CA LEU H 61 -22.28 69.04 4.45
C LEU H 61 -23.37 68.83 3.39
N HIS H 62 -24.05 67.69 3.52
CA HIS H 62 -25.19 67.33 2.70
C HIS H 62 -26.46 67.60 3.49
N SER H 63 -27.42 68.27 2.85
CA SER H 63 -28.74 68.49 3.43
C SER H 63 -29.77 68.60 2.31
N ILE H 64 -31.01 68.19 2.63
CA ILE H 64 -32.15 68.45 1.76
C ILE H 64 -32.61 69.87 2.02
N GLY H 65 -32.29 70.78 1.10
CA GLY H 65 -32.47 72.19 1.40
C GLY H 65 -31.61 72.74 2.53
N LYS H 66 -31.93 73.96 2.94
CA LYS H 66 -31.10 74.73 3.86
C LYS H 66 -29.66 74.88 3.39
N ILE H 67 -29.44 74.89 2.08
CA ILE H 67 -28.10 75.09 1.47
C ILE H 67 -28.15 76.22 0.46
N GLY H 68 -27.21 77.15 0.55
CA GLY H 68 -27.24 78.38 -0.27
C GLY H 68 -26.20 79.41 0.19
N GLY H 69 -26.02 80.43 -0.64
CA GLY H 69 -24.99 81.44 -0.42
C GLY H 69 -24.88 81.96 0.99
N ALA H 70 -25.96 82.57 1.47
CA ALA H 70 -25.95 83.16 2.80
C ALA H 70 -25.77 82.10 3.87
N GLN H 71 -26.53 81.02 3.80
CA GLN H 71 -26.44 79.97 4.81
C GLN H 71 -25.07 79.27 4.82
N ASN H 72 -24.47 79.09 3.64
CA ASN H 72 -23.17 78.42 3.54
C ASN H 72 -22.05 79.28 4.16
N ARG H 73 -22.06 80.58 3.90
CA ARG H 73 -21.15 81.52 4.57
C ARG H 73 -21.24 81.35 6.08
N SER H 74 -22.48 81.28 6.57
CA SER H 74 -22.78 81.08 7.99
C SER H 74 -22.36 79.71 8.54
N TYR H 75 -22.66 78.64 7.80
CA TYR H 75 -22.14 77.31 8.15
C TYR H 75 -20.60 77.28 8.21
N SER H 76 -19.93 77.93 7.26
CA SER H 76 -18.49 77.90 7.22
C SER H 76 -17.90 78.63 8.44
N LYS H 77 -18.39 79.84 8.72
CA LYS H 77 -18.00 80.58 9.92
C LYS H 77 -18.13 79.69 11.17
N LEU H 78 -19.23 78.92 11.26
CA LEU H 78 -19.55 78.10 12.42
C LEU H 78 -18.68 76.85 12.51
N LEU H 79 -18.36 76.29 11.35
CA LEU H 79 -17.68 75.02 11.29
C LEU H 79 -16.18 75.22 11.36
N CYS H 80 -15.67 76.30 10.79
CA CYS H 80 -14.24 76.62 10.90
C CYS H 80 -13.89 77.14 12.30
N GLY H 81 -14.92 77.56 13.03
CA GLY H 81 -14.79 77.90 14.43
C GLY H 81 -14.61 76.66 15.29
N LEU H 82 -15.47 75.68 15.11
CA LEU H 82 -15.39 74.44 15.88
C LEU H 82 -14.11 73.66 15.65
N LEU H 83 -13.62 73.66 14.40
CA LEU H 83 -12.42 72.92 14.01
C LEU H 83 -11.14 73.57 14.51
N ALA H 84 -11.19 74.90 14.68
CA ALA H 84 -10.05 75.63 15.24
C ALA H 84 -10.08 75.42 16.73
N GLU H 85 -11.16 75.83 17.37
CA GLU H 85 -11.35 75.68 18.81
C GLU H 85 -11.07 74.23 19.32
N ARG H 86 -11.63 73.22 18.68
CA ARG H 86 -11.56 71.87 19.25
C ARG H 86 -10.45 71.02 18.69
N LEU H 87 -10.08 71.23 17.41
CA LEU H 87 -9.04 70.42 16.77
C LEU H 87 -7.75 71.20 16.46
N ARG H 88 -7.72 72.47 16.87
CA ARG H 88 -6.58 73.38 16.63
C ARG H 88 -6.22 73.47 15.14
N ILE H 89 -7.21 73.33 14.26
CA ILE H 89 -6.97 73.39 12.82
C ILE H 89 -7.24 74.82 12.33
N SER H 90 -6.36 75.31 11.45
CA SER H 90 -6.45 76.68 10.95
C SER H 90 -7.52 76.80 9.84
N PRO H 91 -8.38 77.83 9.89
CA PRO H 91 -9.49 77.92 8.96
C PRO H 91 -9.08 78.03 7.49
N ASP H 92 -7.87 78.53 7.24
CA ASP H 92 -7.32 78.63 5.89
C ASP H 92 -6.71 77.31 5.43
N ARG H 93 -6.88 76.25 6.23
CA ARG H 93 -6.51 74.88 5.86
C ARG H 93 -7.71 73.95 6.02
N VAL H 94 -8.86 74.44 5.58
CA VAL H 94 -10.15 73.76 5.72
C VAL H 94 -10.94 74.00 4.41
N TYR H 95 -11.40 72.92 3.79
CA TYR H 95 -12.33 73.05 2.69
C TYR H 95 -13.62 72.37 3.10
N ILE H 96 -14.75 72.97 2.77
CA ILE H 96 -16.04 72.31 3.03
C ILE H 96 -16.85 72.28 1.74
N ASN H 97 -17.22 71.07 1.33
CA ASN H 97 -18.14 70.89 0.21
C ASN H 97 -19.59 70.85 0.64
N TYR H 98 -20.39 71.75 0.07
CA TYR H 98 -21.82 71.86 0.39
C TYR H 98 -22.68 71.21 -0.69
N TYR H 99 -23.74 70.50 -0.29
CA TYR H 99 -24.57 69.76 -1.21
C TYR H 99 -26.04 69.91 -0.89
N ASP H 100 -26.76 70.53 -1.82
CA ASP H 100 -28.21 70.55 -1.71
C ASP H 100 -28.67 69.22 -2.25
N MET H 101 -29.24 68.39 -1.39
CA MET H 101 -29.67 67.08 -1.81
C MET H 101 -31.16 67.11 -2.03
N ASN H 102 -31.60 66.86 -3.26
CA ASN H 102 -33.00 66.55 -3.55
C ASN H 102 -33.49 65.37 -2.69
N ALA H 103 -34.72 65.41 -2.21
CA ALA H 103 -35.25 64.35 -1.33
C ALA H 103 -35.30 63.00 -2.01
N ALA H 104 -35.67 62.97 -3.28
CA ALA H 104 -35.68 61.70 -4.03
C ALA H 104 -34.30 61.00 -4.03
N ASN H 105 -33.21 61.78 -3.94
CA ASN H 105 -31.87 61.25 -4.00
C ASN H 105 -31.22 60.98 -2.63
N VAL H 106 -32.02 60.84 -1.57
CA VAL H 106 -31.51 60.50 -0.25
C VAL H 106 -32.32 59.37 0.26
N GLY H 107 -31.69 58.22 0.38
CA GLY H 107 -32.38 57.04 0.92
C GLY H 107 -32.23 56.95 2.41
N TRP H 108 -33.31 56.49 3.05
CA TRP H 108 -33.38 56.31 4.49
C TRP H 108 -34.53 55.39 4.80
N ASN H 109 -34.36 54.54 5.80
CA ASN H 109 -35.41 53.67 6.29
C ASN H 109 -36.18 52.89 5.22
N ASN H 110 -35.46 52.26 4.31
CA ASN H 110 -36.01 51.35 3.30
C ASN H 110 -36.62 52.09 2.10
N SER H 111 -36.48 53.41 2.08
CA SER H 111 -37.14 54.22 1.06
C SER H 111 -36.38 55.54 0.89
N THR H 112 -36.98 56.51 0.22
CA THR H 112 -36.39 57.83 0.11
C THR H 112 -37.21 58.88 0.87
N PHE H 113 -36.69 60.11 0.85
CA PHE H 113 -37.36 61.27 1.44
C PHE H 113 -38.33 61.96 0.46
N ALA H 114 -38.44 61.48 -0.77
CA ALA H 114 -39.53 61.94 -1.64
C ALA H 114 -40.88 61.48 -1.06
N PRO I 1 -8.37 73.10 -5.23
CA PRO I 1 -9.14 71.88 -5.45
C PRO I 1 -9.02 70.82 -4.34
N MET I 2 -9.87 69.80 -4.39
CA MET I 2 -9.82 68.67 -3.48
C MET I 2 -9.73 67.39 -4.29
N PHE I 3 -8.67 66.63 -4.09
CA PHE I 3 -8.49 65.31 -4.71
C PHE I 3 -8.45 64.23 -3.65
N ILE I 4 -9.21 63.17 -3.83
CA ILE I 4 -9.19 62.06 -2.91
C ILE I 4 -8.99 60.76 -3.67
N VAL I 5 -8.25 59.85 -3.06
CA VAL I 5 -8.03 58.50 -3.60
C VAL I 5 -8.29 57.48 -2.50
N ASN I 6 -9.17 56.55 -2.81
CA ASN I 6 -9.31 55.35 -1.98
C ASN I 6 -8.81 54.16 -2.77
N THR I 7 -8.10 53.30 -2.09
CA THR I 7 -7.48 52.16 -2.75
C THR I 7 -7.31 51.03 -1.75
N ASN I 8 -7.43 49.81 -2.25
CA ASN I 8 -7.10 48.63 -1.43
C ASN I 8 -5.58 48.37 -1.32
N VAL I 9 -4.78 48.97 -2.21
CA VAL I 9 -3.30 49.00 -2.06
C VAL I 9 -2.90 49.43 -0.64
N PRO I 10 -1.93 48.71 -0.02
CA PRO I 10 -1.59 49.06 1.39
C PRO I 10 -0.79 50.36 1.52
N ARG I 11 -0.65 50.85 2.76
CA ARG I 11 0.13 52.09 3.04
C ARG I 11 1.58 51.97 2.63
N ALA I 12 2.18 50.82 2.88
CA ALA I 12 3.59 50.62 2.56
C ALA I 12 3.93 50.81 1.08
N SER I 13 2.92 50.62 0.21
CA SER I 13 3.11 50.68 -1.23
C SER I 13 2.84 52.07 -1.85
N VAL I 14 2.44 53.03 -1.03
CA VAL I 14 2.27 54.42 -1.46
C VAL I 14 3.63 55.12 -1.24
N PRO I 15 4.39 55.36 -2.32
CA PRO I 15 5.74 55.92 -2.18
C PRO I 15 5.75 57.28 -1.51
N ASP I 16 6.79 57.56 -0.73
CA ASP I 16 6.96 58.89 -0.15
C ASP I 16 7.02 59.91 -1.30
N GLY I 17 6.31 61.02 -1.14
CA GLY I 17 6.29 62.07 -2.15
C GLY I 17 5.08 61.99 -3.05
N PHE I 18 4.21 61.02 -2.81
CA PHE I 18 3.02 60.84 -3.63
C PHE I 18 2.07 62.01 -3.45
N LEU I 19 1.83 62.41 -2.20
CA LEU I 19 0.96 63.55 -1.93
C LEU I 19 1.49 64.82 -2.60
N SER I 20 2.80 65.04 -2.47
CA SER I 20 3.49 66.19 -3.10
C SER I 20 3.47 66.12 -4.61
N GLU I 21 3.68 64.94 -5.18
CA GLU I 21 3.60 64.80 -6.64
C GLU I 21 2.19 65.14 -7.14
N LEU I 22 1.17 64.65 -6.45
CA LEU I 22 -0.21 64.90 -6.86
C LEU I 22 -0.54 66.36 -6.74
N THR I 23 -0.11 66.96 -5.63
CA THR I 23 -0.31 68.38 -5.42
C THR I 23 0.22 69.13 -6.62
N GLN I 24 1.46 68.86 -7.01
CA GLN I 24 2.12 69.56 -8.10
C GLN I 24 1.52 69.22 -9.48
N GLN I 25 1.22 67.95 -9.71
CA GLN I 25 0.67 67.49 -11.01
C GLN I 25 -0.73 67.98 -11.35
N LEU I 26 -1.59 68.13 -10.33
CA LEU I 26 -2.95 68.64 -10.48
C LEU I 26 -2.98 70.14 -10.63
N ALA I 27 -2.03 70.80 -9.98
CA ALA I 27 -1.84 72.21 -10.10
C ALA I 27 -1.51 72.54 -11.55
N GLN I 28 -0.52 71.87 -12.11
CA GLN I 28 -0.14 72.10 -13.51
C GLN I 28 -1.32 71.87 -14.47
N ALA I 29 -2.04 70.77 -14.27
CA ALA I 29 -3.11 70.36 -15.16
C ALA I 29 -4.36 71.21 -15.00
N THR I 30 -4.65 71.67 -13.78
CA THR I 30 -5.86 72.45 -13.53
C THR I 30 -5.69 73.97 -13.64
N GLY I 31 -4.44 74.44 -13.67
CA GLY I 31 -4.16 75.89 -13.67
C GLY I 31 -4.29 76.55 -12.31
N LYS I 32 -4.62 75.75 -11.30
CA LYS I 32 -4.84 76.22 -9.93
C LYS I 32 -3.50 76.26 -9.21
N PRO I 33 -3.30 77.22 -8.29
CA PRO I 33 -2.03 77.22 -7.56
C PRO I 33 -1.86 76.05 -6.56
N PRO I 34 -0.62 75.52 -6.43
CA PRO I 34 -0.34 74.40 -5.52
C PRO I 34 -0.73 74.66 -4.06
N GLN I 35 -0.63 75.90 -3.59
CA GLN I 35 -0.96 76.24 -2.21
C GLN I 35 -2.38 75.85 -1.86
N TYR I 36 -3.26 75.86 -2.87
CA TYR I 36 -4.68 75.67 -2.69
C TYR I 36 -5.20 74.28 -3.08
N ILE I 37 -4.30 73.40 -3.56
CA ILE I 37 -4.63 72.01 -3.88
C ILE I 37 -4.57 71.22 -2.56
N ALA I 38 -5.64 70.55 -2.17
CA ALA I 38 -5.61 69.64 -1.03
C ALA I 38 -5.71 68.20 -1.53
N VAL I 39 -4.84 67.31 -1.06
CA VAL I 39 -4.92 65.90 -1.47
C VAL I 39 -5.06 65.01 -0.25
N HIS I 40 -5.72 63.88 -0.45
CA HIS I 40 -6.03 62.93 0.60
C HIS I 40 -5.95 61.52 0.01
N VAL I 41 -5.03 60.69 0.49
CA VAL I 41 -4.88 59.31 0.04
C VAL I 41 -5.36 58.38 1.14
N VAL I 42 -6.22 57.44 0.78
CA VAL I 42 -6.78 56.47 1.73
C VAL I 42 -6.45 55.04 1.26
N PRO I 43 -5.44 54.40 1.88
CA PRO I 43 -5.00 53.07 1.46
C PRO I 43 -5.54 51.99 2.39
N ASP I 44 -5.08 50.74 2.21
CA ASP I 44 -5.47 49.62 3.07
C ASP I 44 -7.00 49.47 3.11
N GLN I 45 -7.68 49.82 2.01
CA GLN I 45 -9.15 49.80 2.01
C GLN I 45 -9.71 48.42 1.65
N LEU I 46 -10.92 48.15 2.15
CA LEU I 46 -11.75 46.99 1.77
C LEU I 46 -12.59 47.36 0.57
N MET I 47 -12.03 47.20 -0.63
CA MET I 47 -12.79 47.46 -1.84
C MET I 47 -12.75 46.33 -2.85
N ALA I 48 -13.85 46.17 -3.58
CA ALA I 48 -13.88 45.32 -4.75
C ALA I 48 -14.15 46.22 -5.92
N PHE I 49 -13.83 45.73 -7.11
CA PHE I 49 -14.08 46.42 -8.37
C PHE I 49 -14.21 45.28 -9.37
N GLY I 50 -15.41 45.10 -9.92
CA GLY I 50 -15.70 43.95 -10.78
C GLY I 50 -15.79 42.63 -10.03
N GLY I 51 -16.02 42.68 -8.72
CA GLY I 51 -16.09 41.48 -7.91
C GLY I 51 -14.73 41.05 -7.43
N SER I 52 -13.68 41.61 -8.03
CA SER I 52 -12.31 41.19 -7.79
C SER I 52 -11.63 42.13 -6.78
N SER I 53 -10.93 41.54 -5.80
CA SER I 53 -10.20 42.33 -4.80
C SER I 53 -8.73 42.60 -5.19
N GLU I 54 -8.40 42.43 -6.47
CA GLU I 54 -7.15 42.92 -7.03
C GLU I 54 -7.08 44.46 -6.98
N PRO I 55 -5.87 45.03 -7.09
CA PRO I 55 -5.72 46.48 -6.82
C PRO I 55 -6.60 47.42 -7.68
N CYS I 56 -7.35 48.30 -7.00
CA CYS I 56 -8.21 49.28 -7.68
C CYS I 56 -8.18 50.66 -6.97
N ALA I 57 -8.90 51.61 -7.57
CA ALA I 57 -8.95 52.98 -7.07
C ALA I 57 -10.30 53.66 -7.36
N LEU I 58 -10.85 54.33 -6.34
CA LEU I 58 -12.03 55.19 -6.48
C LEU I 58 -11.73 56.61 -6.06
N CYS I 59 -11.77 57.54 -7.01
CA CYS I 59 -11.28 58.92 -6.80
C CYS I 59 -12.34 60.00 -7.00
N SER I 60 -12.05 61.16 -6.42
CA SER I 60 -12.85 62.38 -6.56
C SER I 60 -12.00 63.64 -6.75
N LEU I 61 -12.20 64.35 -7.85
CA LEU I 61 -11.72 65.76 -7.98
C LEU I 61 -12.87 66.79 -7.86
N HIS I 62 -12.83 67.61 -6.81
CA HIS I 62 -13.72 68.79 -6.69
C HIS I 62 -12.96 70.06 -6.99
N SER I 63 -13.44 70.83 -7.97
CA SER I 63 -12.86 72.12 -8.34
C SER I 63 -13.98 73.08 -8.74
N ILE I 64 -13.73 74.37 -8.54
CA ILE I 64 -14.60 75.41 -8.98
C ILE I 64 -14.04 75.80 -10.32
N GLY I 65 -14.70 75.38 -11.38
CA GLY I 65 -14.20 75.59 -12.73
C GLY I 65 -13.15 74.54 -13.06
N LYS I 66 -12.68 74.60 -14.30
CA LYS I 66 -11.64 73.70 -14.80
C LYS I 66 -12.08 72.25 -14.85
N ILE I 67 -13.38 72.03 -15.01
CA ILE I 67 -13.96 70.69 -15.22
C ILE I 67 -14.69 70.68 -16.55
N GLY I 68 -14.47 69.65 -17.36
CA GLY I 68 -15.20 69.52 -18.60
C GLY I 68 -14.78 68.33 -19.45
N GLY I 69 -15.41 68.25 -20.62
CA GLY I 69 -15.24 67.09 -21.49
C GLY I 69 -13.79 66.78 -21.79
N ALA I 70 -13.09 67.77 -22.36
CA ALA I 70 -11.66 67.67 -22.65
C ALA I 70 -10.77 67.72 -21.41
N GLN I 71 -11.10 68.57 -20.45
CA GLN I 71 -10.27 68.69 -19.24
C GLN I 71 -10.32 67.43 -18.38
N ASN I 72 -11.51 66.85 -18.25
CA ASN I 72 -11.65 65.63 -17.47
C ASN I 72 -10.86 64.43 -18.05
N ARG I 73 -10.87 64.34 -19.38
CA ARG I 73 -10.09 63.37 -20.18
C ARG I 73 -8.63 63.52 -19.93
N SER I 74 -8.17 64.76 -19.98
CA SER I 74 -6.80 65.08 -19.71
C SER I 74 -6.42 64.67 -18.27
N TYR I 75 -7.25 65.05 -17.30
CA TYR I 75 -7.01 64.73 -15.89
C TYR I 75 -6.98 63.24 -15.65
N SER I 76 -7.81 62.51 -16.39
CA SER I 76 -7.98 61.10 -16.11
C SER I 76 -6.80 60.31 -16.63
N LYS I 77 -6.31 60.69 -17.82
CA LYS I 77 -5.10 60.11 -18.39
C LYS I 77 -3.94 60.29 -17.44
N LEU I 78 -3.75 61.52 -17.02
CA LEU I 78 -2.71 61.88 -16.09
C LEU I 78 -2.82 61.09 -14.79
N LEU I 79 -4.02 61.05 -14.22
CA LEU I 79 -4.19 60.44 -12.90
C LEU I 79 -4.15 58.91 -12.96
N CYS I 80 -4.85 58.32 -13.92
CA CYS I 80 -4.75 56.88 -14.18
C CYS I 80 -3.30 56.52 -14.48
N GLY I 81 -2.58 57.45 -15.12
CA GLY I 81 -1.15 57.32 -15.37
C GLY I 81 -0.31 57.28 -14.09
N LEU I 82 -0.59 58.19 -13.17
CA LEU I 82 0.12 58.24 -11.87
C LEU I 82 -0.14 57.05 -10.96
N LEU I 83 -1.39 56.60 -10.89
CA LEU I 83 -1.75 55.46 -10.06
C LEU I 83 -1.19 54.14 -10.63
N ALA I 84 -1.04 54.09 -11.96
CA ALA I 84 -0.42 52.93 -12.62
C ALA I 84 1.07 52.88 -12.28
N GLU I 85 1.81 53.95 -12.57
CA GLU I 85 3.22 53.99 -12.18
C GLU I 85 3.39 53.80 -10.67
N ARG I 86 2.88 54.71 -9.85
CA ARG I 86 3.28 54.76 -8.43
C ARG I 86 2.57 53.71 -7.57
N LEU I 87 1.33 53.38 -7.89
CA LEU I 87 0.57 52.43 -7.07
C LEU I 87 0.43 51.05 -7.69
N ARG I 88 0.89 50.90 -8.94
CA ARG I 88 0.75 49.66 -9.72
C ARG I 88 -0.71 49.23 -9.82
N ILE I 89 -1.62 50.19 -10.02
CA ILE I 89 -3.06 49.91 -10.20
C ILE I 89 -3.48 50.06 -11.65
N SER I 90 -4.20 49.08 -12.14
CA SER I 90 -4.59 49.01 -13.54
C SER I 90 -5.66 50.09 -13.83
N PRO I 91 -5.45 50.89 -14.90
CA PRO I 91 -6.34 52.01 -15.25
C PRO I 91 -7.80 51.62 -15.42
N ASP I 92 -8.05 50.44 -15.99
CA ASP I 92 -9.40 49.91 -16.11
C ASP I 92 -9.97 49.44 -14.77
N ARG I 93 -9.19 49.54 -13.70
CA ARG I 93 -9.73 49.28 -12.38
C ARG I 93 -9.75 50.57 -11.56
N VAL I 94 -10.01 51.70 -12.25
CA VAL I 94 -10.01 53.05 -11.66
C VAL I 94 -11.18 53.96 -12.14
N TYR I 95 -12.03 54.36 -11.21
CA TYR I 95 -13.08 55.38 -11.44
C TYR I 95 -12.72 56.72 -10.80
N ILE I 96 -12.69 57.78 -11.59
CA ILE I 96 -12.59 59.15 -11.05
C ILE I 96 -13.92 59.86 -11.27
N ASN I 97 -14.49 60.40 -10.19
CA ASN I 97 -15.67 61.31 -10.28
C ASN I 97 -15.25 62.81 -10.26
N TYR I 98 -15.66 63.56 -11.29
CA TYR I 98 -15.41 65.00 -11.37
C TYR I 98 -16.66 65.82 -10.96
N TYR I 99 -16.39 66.82 -10.11
CA TYR I 99 -17.38 67.78 -9.65
C TYR I 99 -16.99 69.23 -9.97
N ASP I 100 -17.87 69.90 -10.71
CA ASP I 100 -17.81 71.34 -10.88
C ASP I 100 -18.61 71.95 -9.75
N MET I 101 -17.94 72.59 -8.82
CA MET I 101 -18.60 73.14 -7.66
C MET I 101 -18.90 74.60 -7.92
N ASN I 102 -20.08 75.04 -7.52
CA ASN I 102 -20.36 76.46 -7.48
C ASN I 102 -19.59 77.11 -6.31
N ALA I 103 -19.10 78.32 -6.52
CA ALA I 103 -18.29 78.99 -5.48
C ALA I 103 -19.06 79.23 -4.17
N ALA I 104 -20.37 79.42 -4.26
CA ALA I 104 -21.19 79.54 -3.06
C ALA I 104 -21.18 78.28 -2.26
N ASN I 105 -20.83 77.18 -2.92
CA ASN I 105 -20.88 75.84 -2.34
C ASN I 105 -19.53 75.24 -1.91
N VAL I 106 -18.51 76.08 -1.79
CA VAL I 106 -17.22 75.59 -1.31
C VAL I 106 -16.78 76.47 -0.16
N GLY I 107 -16.76 75.90 1.04
CA GLY I 107 -16.27 76.63 2.20
C GLY I 107 -14.76 76.73 2.23
N TRP I 108 -14.24 77.86 2.72
CA TRP I 108 -12.81 78.03 3.00
C TRP I 108 -12.60 79.24 3.93
N ASN I 109 -11.78 79.07 4.94
CA ASN I 109 -11.40 80.21 5.76
C ASN I 109 -12.60 81.00 6.34
N ASN I 110 -13.52 80.34 7.05
CA ASN I 110 -14.65 81.02 7.71
C ASN I 110 -15.76 81.55 6.79
N SER I 111 -15.59 81.50 5.47
CA SER I 111 -16.63 81.93 4.54
C SER I 111 -16.71 80.94 3.38
N THR I 112 -17.26 81.36 2.24
CA THR I 112 -17.25 80.59 1.01
C THR I 112 -16.42 81.33 -0.02
N PHE I 113 -16.12 80.71 -1.15
CA PHE I 113 -15.37 81.42 -2.23
C PHE I 113 -16.17 82.52 -2.93
N ALA I 114 -17.48 82.54 -2.75
CA ALA I 114 -18.36 83.59 -3.30
C ALA I 114 -18.74 84.72 -2.30
N PRO J 1 17.26 -61.41 14.69
CA PRO J 1 17.80 -61.53 13.35
C PRO J 1 16.91 -62.27 12.37
N MET J 2 17.31 -62.19 11.11
CA MET J 2 16.53 -62.66 9.99
C MET J 2 17.44 -63.44 9.07
N PHE J 3 17.16 -64.72 8.89
CA PHE J 3 17.88 -65.53 7.93
C PHE J 3 16.96 -66.01 6.79
N ILE J 4 17.40 -65.80 5.56
CA ILE J 4 16.64 -66.16 4.39
C ILE J 4 17.48 -67.13 3.59
N VAL J 5 16.84 -68.15 3.05
CA VAL J 5 17.53 -69.10 2.20
C VAL J 5 16.62 -69.49 1.03
N ASN J 6 17.13 -69.30 -0.19
CA ASN J 6 16.45 -69.68 -1.44
C ASN J 6 17.27 -70.78 -2.09
N THR J 7 16.59 -71.82 -2.58
CA THR J 7 17.28 -72.96 -3.16
C THR J 7 16.49 -73.70 -4.24
N ASN J 8 17.23 -74.26 -5.19
CA ASN J 8 16.66 -75.13 -6.20
C ASN J 8 16.25 -76.50 -5.64
N VAL J 9 16.70 -76.81 -4.42
CA VAL J 9 16.34 -78.05 -3.72
C VAL J 9 14.82 -78.11 -3.40
N PRO J 10 14.13 -79.22 -3.77
CA PRO J 10 12.66 -79.29 -3.69
C PRO J 10 12.08 -79.33 -2.27
N ARG J 11 10.85 -78.84 -2.11
CA ARG J 11 10.13 -78.86 -0.81
C ARG J 11 10.34 -80.18 -0.04
N ALA J 12 10.24 -81.31 -0.73
CA ALA J 12 10.32 -82.63 -0.07
C ALA J 12 11.68 -82.89 0.61
N SER J 13 12.77 -82.49 -0.05
CA SER J 13 14.12 -82.67 0.50
C SER J 13 14.35 -81.90 1.81
N VAL J 14 13.50 -80.90 2.07
CA VAL J 14 13.58 -80.12 3.30
C VAL J 14 13.04 -80.95 4.46
N PRO J 15 13.91 -81.32 5.42
CA PRO J 15 13.41 -82.13 6.51
C PRO J 15 12.59 -81.34 7.54
N ASP J 16 11.79 -82.07 8.29
CA ASP J 16 11.04 -81.53 9.42
C ASP J 16 12.01 -81.12 10.51
N GLY J 17 11.80 -79.93 11.08
CA GLY J 17 12.72 -79.38 12.08
C GLY J 17 13.83 -78.49 11.52
N PHE J 18 13.73 -78.12 10.25
CA PHE J 18 14.79 -77.31 9.59
C PHE J 18 14.76 -75.85 10.03
N LEU J 19 13.57 -75.27 10.12
CA LEU J 19 13.44 -73.90 10.55
C LEU J 19 13.87 -73.78 12.01
N SER J 20 13.40 -74.70 12.85
CA SER J 20 13.63 -74.61 14.27
C SER J 20 15.08 -74.82 14.65
N GLU J 21 15.77 -75.68 13.92
CA GLU J 21 17.19 -75.85 14.11
C GLU J 21 17.91 -74.60 13.66
N LEU J 22 17.45 -73.97 12.58
CA LEU J 22 18.03 -72.70 12.13
C LEU J 22 17.82 -71.64 13.21
N THR J 23 16.57 -71.54 13.68
CA THR J 23 16.23 -70.61 14.74
C THR J 23 17.20 -70.74 15.90
N GLN J 24 17.36 -71.98 16.39
CA GLN J 24 18.12 -72.24 17.63
C GLN J 24 19.60 -72.05 17.40
N GLN J 25 20.11 -72.65 16.33
CA GLN J 25 21.51 -72.51 15.95
C GLN J 25 21.93 -71.07 15.72
N LEU J 26 21.04 -70.26 15.15
CA LEU J 26 21.32 -68.83 14.97
C LEU J 26 21.26 -68.06 16.27
N ALA J 27 20.36 -68.45 17.16
CA ALA J 27 20.26 -67.82 18.48
C ALA J 27 21.61 -67.91 19.18
N GLN J 28 22.13 -69.13 19.27
CA GLN J 28 23.45 -69.38 19.84
C GLN J 28 24.51 -68.47 19.16
N ALA J 29 24.69 -68.64 17.85
CA ALA J 29 25.76 -67.95 17.10
C ALA J 29 25.72 -66.42 17.18
N THR J 30 24.51 -65.88 17.15
CA THR J 30 24.30 -64.45 17.23
C THR J 30 24.30 -63.95 18.65
N GLY J 31 24.10 -64.86 19.60
CA GLY J 31 23.82 -64.50 20.99
C GLY J 31 22.52 -63.72 21.19
N LYS J 32 21.57 -63.91 20.27
CA LYS J 32 20.25 -63.28 20.38
C LYS J 32 19.29 -64.34 20.86
N PRO J 33 18.31 -63.97 21.73
CA PRO J 33 17.31 -64.94 22.21
C PRO J 33 16.45 -65.48 21.05
N PRO J 34 16.01 -66.74 21.15
CA PRO J 34 15.29 -67.36 20.03
C PRO J 34 14.02 -66.61 19.58
N GLN J 35 13.39 -65.89 20.51
CA GLN J 35 12.18 -65.09 20.22
C GLN J 35 12.40 -63.98 19.18
N TYR J 36 13.65 -63.53 18.97
CA TYR J 36 13.97 -62.48 17.98
C TYR J 36 14.38 -62.99 16.59
N ILE J 37 14.59 -64.30 16.46
CA ILE J 37 15.09 -64.88 15.25
C ILE J 37 13.96 -65.29 14.35
N ALA J 38 14.07 -64.88 13.10
CA ALA J 38 13.12 -65.21 12.05
C ALA J 38 13.86 -65.95 10.98
N VAL J 39 13.26 -67.01 10.45
CA VAL J 39 13.85 -67.72 9.31
C VAL J 39 12.81 -67.94 8.21
N HIS J 40 13.30 -67.89 6.96
CA HIS J 40 12.49 -68.04 5.79
C HIS J 40 13.19 -69.02 4.86
N VAL J 41 12.50 -70.11 4.51
CA VAL J 41 13.07 -71.11 3.59
C VAL J 41 12.25 -71.15 2.30
N VAL J 42 12.93 -71.06 1.16
CA VAL J 42 12.26 -71.01 -0.13
C VAL J 42 12.84 -72.03 -1.11
N PRO J 43 12.22 -73.22 -1.22
CA PRO J 43 12.66 -74.29 -2.14
C PRO J 43 12.01 -74.23 -3.52
N ASP J 44 12.50 -75.06 -4.43
CA ASP J 44 11.91 -75.23 -5.77
C ASP J 44 12.25 -74.08 -6.70
N GLN J 45 13.33 -73.37 -6.37
CA GLN J 45 13.65 -72.15 -7.10
C GLN J 45 14.38 -72.41 -8.39
N LEU J 46 14.06 -71.57 -9.36
CA LEU J 46 14.64 -71.64 -10.66
C LEU J 46 15.92 -70.80 -10.55
N MET J 47 17.04 -71.49 -10.32
CA MET J 47 18.31 -70.83 -10.15
C MET J 47 19.48 -71.62 -10.71
N ALA J 48 20.54 -70.89 -11.08
CA ALA J 48 21.82 -71.47 -11.46
C ALA J 48 22.94 -70.84 -10.64
N PHE J 49 24.02 -71.60 -10.53
CA PHE J 49 25.22 -71.18 -9.86
C PHE J 49 26.34 -71.67 -10.77
N GLY J 50 27.16 -70.75 -11.26
CA GLY J 50 28.21 -71.07 -12.22
C GLY J 50 27.73 -71.66 -13.53
N GLY J 51 26.50 -71.37 -13.90
CA GLY J 51 25.90 -71.94 -15.12
C GLY J 51 25.44 -73.39 -15.01
N SER J 52 25.43 -73.92 -13.79
CA SER J 52 24.97 -75.29 -13.51
C SER J 52 23.65 -75.18 -12.78
N SER J 53 22.80 -76.20 -12.94
CA SER J 53 21.51 -76.24 -12.24
C SER J 53 21.52 -77.32 -11.14
N GLU J 54 22.72 -77.73 -10.71
CA GLU J 54 22.92 -78.59 -9.55
C GLU J 54 22.50 -77.84 -8.27
N PRO J 55 22.23 -78.55 -7.16
CA PRO J 55 21.73 -77.90 -5.92
C PRO J 55 22.57 -76.74 -5.33
N CYS J 56 21.89 -75.61 -5.06
CA CYS J 56 22.56 -74.39 -4.67
C CYS J 56 21.65 -73.56 -3.79
N ALA J 57 22.20 -72.53 -3.17
CA ALA J 57 21.47 -71.67 -2.25
C ALA J 57 22.05 -70.27 -2.19
N LEU J 58 21.17 -69.27 -2.30
CA LEU J 58 21.55 -67.87 -2.09
C LEU J 58 20.89 -67.47 -0.81
N CYS J 59 21.70 -67.18 0.18
CA CYS J 59 21.19 -66.88 1.51
C CYS J 59 21.51 -65.44 1.96
N SER J 60 20.80 -64.96 2.96
CA SER J 60 21.11 -63.68 3.57
C SER J 60 20.86 -63.70 5.09
N LEU J 61 21.68 -62.95 5.82
CA LEU J 61 21.51 -62.73 7.28
C LEU J 61 21.48 -61.23 7.59
N HIS J 62 20.34 -60.74 8.05
CA HIS J 62 20.21 -59.34 8.44
C HIS J 62 20.09 -59.32 9.93
N SER J 63 20.81 -58.42 10.57
CA SER J 63 20.94 -58.36 12.02
C SER J 63 21.45 -56.98 12.48
N ILE J 64 20.91 -56.49 13.59
CA ILE J 64 21.43 -55.27 14.19
C ILE J 64 22.70 -55.61 14.95
N GLY J 65 23.84 -55.22 14.41
CA GLY J 65 25.12 -55.59 15.00
C GLY J 65 25.40 -57.06 14.78
N LYS J 66 26.43 -57.58 15.45
CA LYS J 66 26.78 -59.01 15.32
C LYS J 66 27.17 -59.43 13.89
N ILE J 67 27.57 -58.45 13.08
CA ILE J 67 28.06 -58.71 11.74
C ILE J 67 29.44 -58.11 11.63
N GLY J 68 30.40 -58.90 11.18
CA GLY J 68 31.79 -58.44 11.08
C GLY J 68 32.65 -59.53 10.50
N GLY J 69 33.92 -59.21 10.25
CA GLY J 69 34.86 -60.12 9.59
C GLY J 69 34.88 -61.50 10.18
N ALA J 70 35.32 -61.62 11.43
CA ALA J 70 35.41 -62.92 12.07
C ALA J 70 34.03 -63.57 12.26
N GLN J 71 33.06 -62.83 12.77
CA GLN J 71 31.72 -63.37 13.05
C GLN J 71 31.05 -63.96 11.82
N ASN J 72 31.24 -63.33 10.66
CA ASN J 72 30.61 -63.81 9.43
C ASN J 72 31.22 -65.11 8.93
N ARG J 73 32.53 -65.28 9.14
CA ARG J 73 33.20 -66.54 8.81
C ARG J 73 32.65 -67.67 9.67
N SER J 74 32.35 -67.34 10.91
CA SER J 74 31.82 -68.30 11.86
C SER J 74 30.42 -68.73 11.41
N TYR J 75 29.54 -67.75 11.20
CA TYR J 75 28.22 -67.98 10.60
C TYR J 75 28.30 -68.79 9.31
N SER J 76 29.22 -68.40 8.43
CA SER J 76 29.29 -69.03 7.13
C SER J 76 29.51 -70.50 7.36
N LYS J 77 30.51 -70.83 8.16
CA LYS J 77 30.79 -72.23 8.48
C LYS J 77 29.54 -72.95 9.04
N LEU J 78 28.84 -72.32 9.96
CA LEU J 78 27.65 -72.89 10.54
C LEU J 78 26.55 -73.14 9.52
N LEU J 79 26.24 -72.12 8.73
CA LEU J 79 25.11 -72.19 7.82
C LEU J 79 25.36 -73.14 6.65
N CYS J 80 26.52 -73.03 5.99
CA CYS J 80 26.90 -73.98 4.94
C CYS J 80 26.88 -75.38 5.52
N GLY J 81 27.45 -75.51 6.71
CA GLY J 81 27.41 -76.76 7.47
C GLY J 81 26.02 -77.36 7.54
N LEU J 82 25.01 -76.54 7.90
CA LEU J 82 23.63 -77.03 7.97
C LEU J 82 23.03 -77.29 6.62
N LEU J 83 23.36 -76.47 5.63
CA LEU J 83 22.82 -76.65 4.29
C LEU J 83 23.37 -77.91 3.62
N ALA J 84 24.62 -78.23 3.88
CA ALA J 84 25.19 -79.48 3.42
C ALA J 84 24.50 -80.63 4.12
N GLU J 85 24.54 -80.59 5.45
CA GLU J 85 24.07 -81.68 6.29
C GLU J 85 22.57 -82.00 6.09
N ARG J 86 21.74 -80.98 5.90
CA ARG J 86 20.28 -81.14 5.82
C ARG J 86 19.69 -81.13 4.39
N LEU J 87 20.16 -80.21 3.56
CA LEU J 87 19.67 -80.10 2.19
C LEU J 87 20.63 -80.69 1.16
N ARG J 88 21.79 -81.17 1.62
CA ARG J 88 22.79 -81.76 0.74
C ARG J 88 23.21 -80.80 -0.37
N ILE J 89 23.34 -79.51 -0.03
CA ILE J 89 23.90 -78.50 -0.95
C ILE J 89 25.42 -78.40 -0.74
N SER J 90 26.18 -78.54 -1.81
CA SER J 90 27.63 -78.43 -1.75
C SER J 90 28.01 -76.97 -1.39
N PRO J 91 28.80 -76.79 -0.32
CA PRO J 91 29.20 -75.48 0.23
C PRO J 91 29.73 -74.46 -0.77
N ASP J 92 30.47 -74.93 -1.77
CA ASP J 92 30.90 -74.06 -2.87
C ASP J 92 29.79 -73.66 -3.82
N ARG J 93 28.54 -74.03 -3.51
CA ARG J 93 27.40 -73.57 -4.30
C ARG J 93 26.38 -72.84 -3.42
N VAL J 94 26.86 -72.24 -2.34
CA VAL J 94 26.04 -71.39 -1.49
C VAL J 94 26.71 -70.03 -1.41
N TYR J 95 25.94 -68.97 -1.64
CA TYR J 95 26.38 -67.62 -1.27
C TYR J 95 25.52 -67.18 -0.13
N ILE J 96 26.14 -66.55 0.85
CA ILE J 96 25.44 -65.98 1.99
C ILE J 96 25.82 -64.52 2.13
N ASN J 97 24.84 -63.63 2.09
CA ASN J 97 25.07 -62.20 2.26
C ASN J 97 24.70 -61.73 3.65
N TYR J 98 25.60 -60.99 4.30
CA TYR J 98 25.38 -60.45 5.66
C TYR J 98 25.20 -58.96 5.62
N TYR J 99 24.13 -58.48 6.23
CA TYR J 99 23.87 -57.05 6.38
C TYR J 99 23.82 -56.73 7.85
N ASP J 100 24.63 -55.74 8.19
CA ASP J 100 24.73 -55.20 9.51
C ASP J 100 23.76 -54.02 9.56
N MET J 101 22.52 -54.28 9.99
CA MET J 101 21.44 -53.28 9.94
C MET J 101 21.51 -52.27 11.07
N ASN J 102 21.27 -51.01 10.76
CA ASN J 102 21.13 -49.99 11.78
C ASN J 102 19.79 -50.20 12.46
N ALA J 103 19.75 -50.05 13.79
CA ALA J 103 18.52 -50.18 14.55
C ALA J 103 17.44 -49.29 13.99
N ALA J 104 17.78 -48.06 13.66
CA ALA J 104 16.78 -47.13 13.11
C ALA J 104 16.10 -47.62 11.81
N ASN J 105 16.75 -48.52 11.07
CA ASN J 105 16.22 -49.05 9.79
C ASN J 105 15.49 -50.37 9.81
N VAL J 106 15.26 -50.89 11.00
CA VAL J 106 14.46 -52.10 11.17
C VAL J 106 13.18 -51.73 11.91
N GLY J 107 12.04 -52.01 11.28
CA GLY J 107 10.75 -51.99 11.96
C GLY J 107 10.35 -53.33 12.60
N TRP J 108 9.72 -53.25 13.76
CA TRP J 108 9.11 -54.38 14.44
C TRP J 108 8.07 -53.89 15.45
N ASN J 109 6.88 -54.46 15.42
CA ASN J 109 5.82 -54.13 16.38
C ASN J 109 5.43 -52.64 16.41
N ASN J 110 5.00 -52.13 15.26
CA ASN J 110 4.49 -50.76 15.10
C ASN J 110 5.53 -49.65 15.29
N SER J 111 6.78 -50.02 15.55
CA SER J 111 7.81 -49.02 15.74
C SER J 111 9.08 -49.54 15.11
N THR J 112 10.22 -48.99 15.51
CA THR J 112 11.51 -49.49 15.06
C THR J 112 12.34 -49.86 16.26
N PHE J 113 13.55 -50.36 16.03
CA PHE J 113 14.47 -50.71 17.10
C PHE J 113 15.35 -49.53 17.53
N ALA J 114 15.17 -48.40 16.84
CA ALA J 114 16.03 -47.24 17.05
C ALA J 114 16.57 -47.20 18.49
N PRO K 1 29.23 -62.90 -7.90
CA PRO K 1 28.07 -62.02 -8.08
C PRO K 1 26.73 -62.76 -8.18
N MET K 2 25.66 -62.08 -7.77
CA MET K 2 24.39 -62.69 -7.55
C MET K 2 23.30 -61.84 -8.19
N PHE K 3 22.54 -62.39 -9.13
CA PHE K 3 21.43 -61.64 -9.75
C PHE K 3 20.08 -62.32 -9.54
N ILE K 4 19.09 -61.53 -9.10
CA ILE K 4 17.79 -62.05 -8.79
C ILE K 4 16.73 -61.25 -9.52
N VAL K 5 15.78 -61.96 -10.16
CA VAL K 5 14.60 -61.34 -10.78
C VAL K 5 13.30 -61.91 -10.21
N ASN K 6 12.39 -61.02 -9.81
CA ASN K 6 11.04 -61.42 -9.46
C ASN K 6 10.16 -60.74 -10.49
N THR K 7 9.20 -61.46 -11.07
CA THR K 7 8.36 -60.91 -12.12
C THR K 7 7.01 -61.56 -12.11
N ASN K 8 5.96 -60.82 -12.51
CA ASN K 8 4.61 -61.41 -12.61
C ASN K 8 4.36 -62.19 -13.92
N VAL K 9 5.35 -62.19 -14.79
CA VAL K 9 5.32 -63.02 -15.98
C VAL K 9 5.29 -64.49 -15.58
N PRO K 10 4.37 -65.31 -16.15
CA PRO K 10 4.32 -66.74 -15.79
C PRO K 10 5.52 -67.55 -16.32
N ARG K 11 5.75 -68.72 -15.71
CA ARG K 11 6.91 -69.59 -16.01
C ARG K 11 7.00 -70.01 -17.49
N ALA K 12 5.83 -70.16 -18.13
CA ALA K 12 5.77 -70.51 -19.56
C ALA K 12 6.56 -69.52 -20.44
N SER K 13 6.50 -68.24 -20.11
CA SER K 13 7.13 -67.18 -20.93
C SER K 13 8.60 -66.93 -20.59
N VAL K 14 9.21 -67.81 -19.79
CA VAL K 14 10.65 -67.79 -19.57
C VAL K 14 11.29 -68.78 -20.52
N PRO K 15 12.07 -68.30 -21.50
CA PRO K 15 12.75 -69.23 -22.39
C PRO K 15 13.70 -70.17 -21.66
N ASP K 16 13.76 -71.42 -22.11
CA ASP K 16 14.87 -72.29 -21.74
C ASP K 16 16.12 -71.57 -22.26
N GLY K 17 17.22 -71.63 -21.49
CA GLY K 17 18.46 -70.96 -21.86
C GLY K 17 18.64 -69.57 -21.24
N PHE K 18 17.59 -69.10 -20.56
CA PHE K 18 17.55 -67.76 -19.99
C PHE K 18 18.57 -67.53 -18.85
N LEU K 19 18.67 -68.50 -17.93
CA LEU K 19 19.65 -68.41 -16.84
C LEU K 19 21.05 -68.50 -17.39
N SER K 20 21.26 -69.36 -18.38
CA SER K 20 22.55 -69.46 -19.07
C SER K 20 22.92 -68.16 -19.77
N GLU K 21 21.92 -67.47 -20.33
CA GLU K 21 22.17 -66.20 -20.99
C GLU K 21 22.52 -65.15 -19.94
N LEU K 22 21.68 -64.99 -18.92
CA LEU K 22 21.98 -64.06 -17.81
C LEU K 22 23.40 -64.29 -17.27
N THR K 23 23.71 -65.56 -17.04
CA THR K 23 25.02 -65.97 -16.56
C THR K 23 26.14 -65.46 -17.43
N GLN K 24 26.05 -65.72 -18.75
CA GLN K 24 27.15 -65.36 -19.65
C GLN K 24 27.29 -63.85 -19.81
N GLN K 25 26.16 -63.16 -19.90
CA GLN K 25 26.10 -61.73 -20.13
C GLN K 25 26.63 -60.95 -18.94
N LEU K 26 26.19 -61.33 -17.76
CA LEU K 26 26.73 -60.76 -16.52
C LEU K 26 28.21 -61.06 -16.31
N ALA K 27 28.71 -62.15 -16.88
CA ALA K 27 30.16 -62.44 -16.80
C ALA K 27 30.94 -61.49 -17.69
N GLN K 28 30.50 -61.35 -18.95
CA GLN K 28 31.11 -60.39 -19.88
C GLN K 28 31.04 -58.97 -19.32
N ALA K 29 29.88 -58.59 -18.77
CA ALA K 29 29.68 -57.23 -18.26
C ALA K 29 30.49 -56.95 -16.98
N THR K 30 30.44 -57.88 -16.02
CA THR K 30 31.09 -57.67 -14.71
C THR K 30 32.59 -57.94 -14.69
N GLY K 31 33.08 -58.77 -15.61
CA GLY K 31 34.47 -59.18 -15.58
C GLY K 31 34.73 -60.33 -14.60
N LYS K 32 33.67 -60.87 -14.03
CA LYS K 32 33.75 -61.96 -13.08
C LYS K 32 33.52 -63.24 -13.84
N PRO K 33 34.27 -64.30 -13.51
CA PRO K 33 34.06 -65.49 -14.30
C PRO K 33 32.65 -66.09 -14.05
N PRO K 34 32.07 -66.75 -15.08
CA PRO K 34 30.77 -67.40 -14.98
C PRO K 34 30.60 -68.23 -13.72
N GLN K 35 31.61 -69.01 -13.40
CA GLN K 35 31.59 -69.94 -12.25
C GLN K 35 31.15 -69.29 -10.91
N TYR K 36 31.43 -68.00 -10.75
CA TYR K 36 31.02 -67.25 -9.57
C TYR K 36 29.68 -66.54 -9.77
N ILE K 37 29.04 -66.74 -10.90
CA ILE K 37 27.82 -66.03 -11.19
C ILE K 37 26.63 -66.87 -10.75
N ALA K 38 25.74 -66.29 -9.95
CA ALA K 38 24.50 -66.96 -9.59
C ALA K 38 23.30 -66.12 -10.04
N VAL K 39 22.35 -66.77 -10.72
CA VAL K 39 21.12 -66.15 -11.21
C VAL K 39 19.91 -66.91 -10.67
N HIS K 40 18.83 -66.18 -10.44
CA HIS K 40 17.66 -66.72 -9.78
C HIS K 40 16.46 -66.01 -10.35
N VAL K 41 15.51 -66.77 -10.90
CA VAL K 41 14.37 -66.18 -11.58
C VAL K 41 13.10 -66.68 -10.93
N VAL K 42 12.25 -65.75 -10.56
CA VAL K 42 11.06 -66.07 -9.82
C VAL K 42 9.93 -65.50 -10.64
N PRO K 43 9.30 -66.36 -11.46
CA PRO K 43 8.17 -65.95 -12.25
C PRO K 43 6.86 -66.10 -11.49
N ASP K 44 5.76 -65.86 -12.19
CA ASP K 44 4.38 -65.99 -11.67
C ASP K 44 4.05 -65.14 -10.43
N GLN K 45 4.93 -64.22 -10.07
CA GLN K 45 4.82 -63.58 -8.78
C GLN K 45 3.63 -62.67 -8.67
N LEU K 46 3.27 -62.34 -7.46
CA LEU K 46 2.12 -61.50 -7.18
C LEU K 46 2.63 -60.09 -6.81
N MET K 47 2.75 -59.26 -7.85
CA MET K 47 3.27 -57.89 -7.77
C MET K 47 2.57 -56.94 -8.74
N ALA K 48 2.56 -55.65 -8.37
CA ALA K 48 2.14 -54.56 -9.27
C ALA K 48 3.20 -53.48 -9.30
N PHE K 49 3.25 -52.74 -10.39
CA PHE K 49 4.19 -51.66 -10.54
C PHE K 49 3.35 -50.46 -10.91
N GLY K 50 3.38 -49.43 -10.07
CA GLY K 50 2.58 -48.24 -10.29
C GLY K 50 1.10 -48.46 -10.11
N GLY K 51 0.72 -49.48 -9.33
CA GLY K 51 -0.70 -49.85 -9.15
C GLY K 51 -1.26 -50.72 -10.29
N SER K 52 -0.41 -51.04 -11.26
CA SER K 52 -0.78 -51.78 -12.45
C SER K 52 -0.06 -53.12 -12.50
N SER K 53 -0.76 -54.13 -12.99
CA SER K 53 -0.24 -55.50 -13.04
C SER K 53 -0.02 -55.92 -14.48
N GLU K 54 0.36 -54.98 -15.32
CA GLU K 54 0.96 -55.31 -16.60
C GLU K 54 2.37 -55.85 -16.32
N PRO K 55 3.02 -56.48 -17.30
CA PRO K 55 4.35 -57.06 -17.04
C PRO K 55 5.34 -56.10 -16.37
N CYS K 56 5.88 -56.53 -15.23
CA CYS K 56 6.95 -55.81 -14.56
C CYS K 56 7.95 -56.78 -13.97
N ALA K 57 9.01 -56.23 -13.40
CA ALA K 57 10.08 -56.98 -12.75
C ALA K 57 10.77 -56.14 -11.65
N LEU K 58 11.25 -56.83 -10.61
CA LEU K 58 11.97 -56.19 -9.49
C LEU K 58 13.21 -57.04 -9.22
N CYS K 59 14.37 -56.48 -9.44
CA CYS K 59 15.56 -57.29 -9.48
C CYS K 59 16.57 -56.78 -8.50
N SER K 60 17.70 -57.47 -8.44
CA SER K 60 18.84 -56.97 -7.72
C SER K 60 20.11 -57.63 -8.20
N LEU K 61 21.21 -56.91 -8.07
CA LEU K 61 22.50 -57.40 -8.40
C LEU K 61 23.42 -57.14 -7.20
N HIS K 62 23.98 -58.19 -6.65
CA HIS K 62 25.02 -58.09 -5.66
C HIS K 62 26.33 -58.47 -6.31
N SER K 63 27.40 -57.77 -5.96
CA SER K 63 28.73 -58.14 -6.42
C SER K 63 29.76 -57.58 -5.47
N ILE K 64 30.85 -58.30 -5.29
CA ILE K 64 31.99 -57.72 -4.59
C ILE K 64 32.75 -56.88 -5.63
N GLY K 65 32.54 -55.57 -5.56
CA GLY K 65 33.05 -54.63 -6.55
C GLY K 65 32.37 -54.76 -7.90
N LYS K 66 32.88 -54.01 -8.86
CA LYS K 66 32.29 -53.82 -10.18
C LYS K 66 30.90 -53.18 -10.10
N ILE K 67 30.66 -52.41 -9.05
CA ILE K 67 29.41 -51.68 -8.86
C ILE K 67 29.72 -50.21 -8.66
N GLY K 68 29.02 -49.36 -9.41
CA GLY K 68 29.27 -47.92 -9.42
C GLY K 68 28.51 -47.23 -10.56
N GLY K 69 28.33 -45.91 -10.44
CA GLY K 69 27.53 -45.13 -11.40
C GLY K 69 27.58 -45.63 -12.84
N ALA K 70 28.75 -45.51 -13.47
CA ALA K 70 28.89 -45.82 -14.87
C ALA K 70 28.58 -47.29 -15.16
N GLN K 71 29.06 -48.16 -14.29
CA GLN K 71 28.84 -49.59 -14.47
C GLN K 71 27.36 -49.96 -14.32
N ASN K 72 26.67 -49.35 -13.36
CA ASN K 72 25.25 -49.67 -13.12
C ASN K 72 24.31 -49.22 -14.24
N ARG K 73 24.61 -48.06 -14.83
CA ARG K 73 23.88 -47.54 -16.00
C ARG K 73 24.00 -48.60 -17.08
N SER K 74 25.24 -49.03 -17.30
CA SER K 74 25.55 -50.02 -18.31
C SER K 74 24.91 -51.40 -18.04
N TYR K 75 24.92 -51.86 -16.79
CA TYR K 75 24.20 -53.09 -16.42
C TYR K 75 22.67 -52.98 -16.63
N SER K 76 22.10 -51.83 -16.26
CA SER K 76 20.65 -51.60 -16.43
C SER K 76 20.24 -51.65 -17.89
N LYS K 77 21.05 -51.03 -18.74
CA LYS K 77 20.82 -51.04 -20.18
C LYS K 77 20.85 -52.49 -20.67
N LEU K 78 21.85 -53.24 -20.20
CA LEU K 78 21.96 -54.64 -20.57
C LEU K 78 20.79 -55.46 -20.04
N LEU K 79 20.52 -55.36 -18.75
CA LEU K 79 19.55 -56.23 -18.12
C LEU K 79 18.10 -55.90 -18.50
N CYS K 80 17.76 -54.61 -18.52
CA CYS K 80 16.42 -54.20 -19.00
C CYS K 80 16.18 -54.67 -20.45
N GLY K 81 17.24 -54.63 -21.25
CA GLY K 81 17.18 -55.05 -22.63
C GLY K 81 16.85 -56.51 -22.76
N LEU K 82 17.50 -57.32 -21.91
CA LEU K 82 17.23 -58.76 -21.88
C LEU K 82 15.86 -59.10 -21.32
N LEU K 83 15.36 -58.32 -20.38
CA LEU K 83 14.00 -58.53 -19.86
C LEU K 83 12.93 -58.11 -20.88
N ALA K 84 13.23 -57.13 -21.72
CA ALA K 84 12.34 -56.74 -22.81
C ALA K 84 12.40 -57.77 -23.94
N GLU K 85 13.61 -58.15 -24.34
CA GLU K 85 13.82 -59.14 -25.41
C GLU K 85 13.22 -60.51 -25.04
N ARG K 86 13.49 -60.99 -23.82
CA ARG K 86 13.14 -62.38 -23.45
C ARG K 86 11.81 -62.53 -22.73
N LEU K 87 11.46 -61.57 -21.89
CA LEU K 87 10.25 -61.69 -21.08
C LEU K 87 9.15 -60.73 -21.49
N ARG K 88 9.39 -59.95 -22.54
CA ARG K 88 8.43 -58.96 -23.05
C ARG K 88 8.01 -57.95 -21.96
N ILE K 89 8.96 -57.59 -21.09
CA ILE K 89 8.70 -56.59 -20.05
C ILE K 89 9.20 -55.23 -20.54
N SER K 90 8.41 -54.19 -20.31
CA SER K 90 8.76 -52.83 -20.68
C SER K 90 9.81 -52.27 -19.68
N PRO K 91 10.92 -51.70 -20.19
CA PRO K 91 12.00 -51.25 -19.30
C PRO K 91 11.61 -50.25 -18.21
N ASP K 92 10.57 -49.46 -18.44
CA ASP K 92 10.12 -48.48 -17.43
C ASP K 92 9.16 -49.08 -16.42
N ARG K 93 9.04 -50.41 -16.45
CA ARG K 93 8.36 -51.14 -15.40
C ARG K 93 9.34 -52.13 -14.75
N VAL K 94 10.63 -51.79 -14.73
CA VAL K 94 11.66 -52.61 -14.13
C VAL K 94 12.44 -51.80 -13.11
N TYR K 95 12.64 -52.35 -11.93
CA TYR K 95 13.52 -51.78 -10.90
C TYR K 95 14.68 -52.73 -10.52
N ILE K 96 15.89 -52.20 -10.49
CA ILE K 96 17.07 -52.98 -10.12
C ILE K 96 17.85 -52.33 -8.99
N ASN K 97 18.16 -53.10 -7.97
CA ASN K 97 18.97 -52.61 -6.86
C ASN K 97 20.36 -53.20 -6.99
N TYR K 98 21.37 -52.33 -6.88
CA TYR K 98 22.76 -52.72 -7.04
C TYR K 98 23.40 -52.64 -5.68
N TYR K 99 24.30 -53.56 -5.39
CA TYR K 99 24.87 -53.68 -4.06
C TYR K 99 26.35 -53.94 -4.15
N ASP K 100 27.16 -52.98 -3.71
CA ASP K 100 28.60 -53.21 -3.64
C ASP K 100 28.91 -53.91 -2.33
N MET K 101 29.00 -55.22 -2.43
CA MET K 101 29.28 -56.03 -1.28
C MET K 101 30.76 -55.98 -0.97
N ASN K 102 31.04 -55.85 0.32
CA ASN K 102 32.36 -55.98 0.91
C ASN K 102 32.72 -57.46 1.00
N ALA K 103 33.96 -57.85 0.72
CA ALA K 103 34.30 -59.29 0.71
C ALA K 103 34.06 -59.96 2.06
N ALA K 104 34.04 -59.19 3.14
CA ALA K 104 33.85 -59.78 4.45
C ALA K 104 32.37 -59.98 4.78
N ASN K 105 31.49 -59.50 3.91
CA ASN K 105 30.06 -59.73 4.08
C ASN K 105 29.50 -60.70 3.05
N VAL K 106 30.38 -61.51 2.49
CA VAL K 106 29.94 -62.52 1.59
C VAL K 106 30.52 -63.87 1.96
N GLY K 107 29.66 -64.74 2.49
CA GLY K 107 30.06 -66.10 2.83
C GLY K 107 29.99 -67.01 1.63
N TRP K 108 30.91 -67.95 1.55
CA TRP K 108 30.89 -68.94 0.47
C TRP K 108 31.80 -70.05 0.84
N ASN K 109 31.36 -71.29 0.68
CA ASN K 109 32.25 -72.43 0.89
C ASN K 109 32.86 -72.45 2.32
N ASN K 110 31.99 -72.21 3.30
CA ASN K 110 32.30 -72.35 4.73
C ASN K 110 33.05 -71.17 5.36
N SER K 111 33.29 -70.13 4.58
CA SER K 111 34.03 -68.96 5.04
C SER K 111 33.53 -67.70 4.32
N THR K 112 34.36 -66.68 4.21
CA THR K 112 34.02 -65.51 3.38
C THR K 112 35.08 -65.31 2.30
N PHE K 113 34.93 -64.23 1.55
CA PHE K 113 35.84 -63.90 0.46
C PHE K 113 37.02 -63.07 0.96
N ALA K 114 36.79 -62.28 2.01
CA ALA K 114 37.83 -61.44 2.62
C ALA K 114 39.06 -62.30 2.95
N PRO L 1 9.66 -46.43 -5.36
CA PRO L 1 10.10 -47.34 -4.32
C PRO L 1 9.71 -48.76 -4.59
N MET L 2 10.21 -49.64 -3.75
CA MET L 2 10.01 -51.08 -3.89
C MET L 2 9.57 -51.59 -2.53
N PHE L 3 8.35 -52.13 -2.46
CA PHE L 3 7.88 -52.74 -1.21
C PHE L 3 7.53 -54.23 -1.31
N ILE L 4 8.20 -55.03 -0.48
CA ILE L 4 8.10 -56.47 -0.58
C ILE L 4 7.60 -57.08 0.73
N VAL L 5 6.59 -57.97 0.60
CA VAL L 5 6.04 -58.74 1.74
C VAL L 5 6.12 -60.24 1.51
N ASN L 6 6.96 -60.91 2.29
CA ASN L 6 6.90 -62.38 2.36
C ASN L 6 6.13 -62.77 3.65
N THR L 7 5.27 -63.78 3.56
CA THR L 7 4.45 -64.19 4.70
C THR L 7 3.97 -65.64 4.58
N ASN L 8 3.71 -66.26 5.73
CA ASN L 8 3.15 -67.62 5.76
C ASN L 8 1.61 -67.62 5.69
N VAL L 9 0.99 -66.47 5.89
CA VAL L 9 -0.43 -66.33 5.57
C VAL L 9 -0.60 -66.86 4.14
N PRO L 10 -1.59 -67.74 3.90
CA PRO L 10 -1.76 -68.32 2.56
C PRO L 10 -2.45 -67.37 1.57
N ARG L 11 -2.33 -67.68 0.28
CA ARG L 11 -2.87 -66.87 -0.84
C ARG L 11 -4.31 -66.39 -0.61
N ALA L 12 -5.22 -67.34 -0.39
CA ALA L 12 -6.64 -67.03 -0.18
C ALA L 12 -6.88 -65.90 0.82
N SER L 13 -6.09 -65.82 1.87
CA SER L 13 -6.27 -64.82 2.94
C SER L 13 -5.82 -63.40 2.54
N VAL L 14 -5.17 -63.26 1.38
CA VAL L 14 -4.74 -61.96 0.88
C VAL L 14 -5.91 -61.31 0.16
N PRO L 15 -6.50 -60.26 0.74
CA PRO L 15 -7.72 -59.72 0.11
C PRO L 15 -7.44 -59.06 -1.22
N ASP L 16 -8.42 -59.09 -2.12
CA ASP L 16 -8.31 -58.35 -3.39
C ASP L 16 -8.22 -56.87 -3.04
N GLY L 17 -7.31 -56.16 -3.71
CA GLY L 17 -7.13 -54.73 -3.47
C GLY L 17 -5.94 -54.39 -2.60
N PHE L 18 -5.42 -55.40 -1.88
CA PHE L 18 -4.26 -55.23 -1.00
C PHE L 18 -3.05 -54.58 -1.67
N LEU L 19 -2.73 -55.00 -2.89
CA LEU L 19 -1.61 -54.39 -3.62
C LEU L 19 -1.90 -52.91 -3.88
N SER L 20 -3.07 -52.64 -4.46
CA SER L 20 -3.52 -51.25 -4.68
C SER L 20 -3.50 -50.42 -3.40
N GLU L 21 -3.95 -51.00 -2.29
CA GLU L 21 -3.99 -50.29 -1.03
C GLU L 21 -2.57 -49.97 -0.53
N LEU L 22 -1.66 -50.93 -0.65
CA LEU L 22 -0.25 -50.72 -0.27
C LEU L 22 0.40 -49.61 -1.11
N THR L 23 0.09 -49.60 -2.39
CA THR L 23 0.60 -48.62 -3.33
C THR L 23 0.14 -47.21 -2.97
N GLN L 24 -1.16 -47.05 -2.74
CA GLN L 24 -1.72 -45.75 -2.36
C GLN L 24 -1.20 -45.29 -1.00
N GLN L 25 -1.05 -46.24 -0.08
CA GLN L 25 -0.66 -45.92 1.28
C GLN L 25 0.82 -45.60 1.43
N LEU L 26 1.65 -46.22 0.58
CA LEU L 26 3.08 -45.97 0.58
C LEU L 26 3.41 -44.67 -0.15
N ALA L 27 2.65 -44.40 -1.22
CA ALA L 27 2.71 -43.10 -1.88
C ALA L 27 2.42 -41.97 -0.88
N GLN L 28 1.37 -42.08 -0.06
CA GLN L 28 0.98 -41.00 0.87
C GLN L 28 1.95 -40.85 2.04
N ALA L 29 2.65 -41.92 2.39
CA ALA L 29 3.56 -41.91 3.52
C ALA L 29 4.94 -41.40 3.12
N THR L 30 5.38 -41.77 1.92
CA THR L 30 6.71 -41.41 1.42
C THR L 30 6.78 -40.05 0.67
N GLY L 31 5.65 -39.60 0.14
CA GLY L 31 5.63 -38.42 -0.72
C GLY L 31 5.95 -38.72 -2.18
N LYS L 32 6.17 -40.00 -2.50
CA LYS L 32 6.47 -40.44 -3.88
C LYS L 32 5.19 -40.69 -4.68
N PRO L 33 5.26 -40.53 -6.01
CA PRO L 33 4.06 -40.77 -6.78
C PRO L 33 3.71 -42.25 -6.86
N PRO L 34 2.40 -42.55 -6.77
CA PRO L 34 1.91 -43.94 -6.89
C PRO L 34 2.45 -44.63 -8.14
N GLN L 35 2.51 -43.91 -9.25
CA GLN L 35 2.91 -44.48 -10.55
C GLN L 35 4.28 -45.16 -10.52
N TYR L 36 5.09 -44.84 -9.50
CA TYR L 36 6.42 -45.39 -9.37
C TYR L 36 6.61 -46.31 -8.13
N ILE L 37 5.55 -46.55 -7.35
CA ILE L 37 5.62 -47.48 -6.23
C ILE L 37 5.37 -48.87 -6.76
N ALA L 38 6.27 -49.80 -6.45
CA ALA L 38 6.12 -51.19 -6.84
C ALA L 38 5.93 -52.03 -5.58
N VAL L 39 4.91 -52.86 -5.57
CA VAL L 39 4.66 -53.73 -4.43
C VAL L 39 4.67 -55.15 -4.89
N HIS L 40 5.15 -56.02 -4.01
CA HIS L 40 5.31 -57.46 -4.29
C HIS L 40 4.95 -58.19 -3.02
N VAL L 41 4.00 -59.10 -3.11
CA VAL L 41 3.54 -59.83 -1.94
C VAL L 41 3.75 -61.30 -2.16
N VAL L 42 4.34 -61.99 -1.19
CA VAL L 42 4.69 -63.40 -1.37
C VAL L 42 4.09 -64.21 -0.25
N PRO L 43 2.95 -64.86 -0.51
CA PRO L 43 2.33 -65.65 0.52
C PRO L 43 2.78 -67.12 0.48
N ASP L 44 2.19 -67.91 1.39
CA ASP L 44 2.42 -69.36 1.54
C ASP L 44 3.87 -69.75 1.69
N GLN L 45 4.62 -68.91 2.40
CA GLN L 45 6.05 -69.17 2.63
C GLN L 45 6.28 -70.11 3.79
N LEU L 46 7.37 -70.85 3.73
CA LEU L 46 7.82 -71.61 4.86
C LEU L 46 8.67 -70.68 5.70
N MET L 47 8.11 -70.21 6.82
CA MET L 47 8.87 -69.36 7.71
C MET L 47 8.41 -69.45 9.14
N ALA L 48 9.36 -69.28 10.03
CA ALA L 48 9.14 -69.18 11.47
C ALA L 48 9.56 -67.78 11.97
N PHE L 49 8.95 -67.35 13.04
CA PHE L 49 9.33 -66.14 13.75
C PHE L 49 9.30 -66.51 15.24
N GLY L 50 10.44 -66.39 15.92
CA GLY L 50 10.55 -66.80 17.32
C GLY L 50 10.54 -68.31 17.54
N GLY L 51 10.70 -69.08 16.46
CA GLY L 51 10.58 -70.54 16.51
C GLY L 51 9.14 -71.05 16.37
N SER L 52 8.25 -70.15 16.02
CA SER L 52 6.82 -70.41 15.97
C SER L 52 6.36 -70.24 14.54
N SER L 53 5.45 -71.09 14.08
CA SER L 53 4.98 -71.03 12.71
C SER L 53 3.68 -70.26 12.62
N GLU L 54 3.37 -69.48 13.66
CA GLU L 54 2.18 -68.62 13.61
C GLU L 54 2.33 -67.61 12.46
N PRO L 55 1.22 -67.00 12.02
CA PRO L 55 1.31 -65.98 10.98
C PRO L 55 2.36 -64.92 11.25
N CYS L 56 3.23 -64.69 10.27
CA CYS L 56 4.29 -63.70 10.39
C CYS L 56 4.61 -63.08 9.02
N ALA L 57 5.51 -62.10 9.02
CA ALA L 57 5.87 -61.43 7.78
C ALA L 57 7.29 -60.85 7.82
N LEU L 58 8.00 -61.02 6.72
CA LEU L 58 9.29 -60.36 6.54
C LEU L 58 9.18 -59.41 5.37
N CYS L 59 9.43 -58.12 5.62
CA CYS L 59 9.22 -57.08 4.63
C CYS L 59 10.47 -56.23 4.41
N SER L 60 10.49 -55.59 3.24
CA SER L 60 11.54 -54.64 2.91
C SER L 60 10.90 -53.48 2.15
N LEU L 61 11.49 -52.29 2.33
CA LEU L 61 11.18 -51.06 1.56
C LEU L 61 12.50 -50.46 1.08
N HIS L 62 12.71 -50.43 -0.23
CA HIS L 62 13.84 -49.71 -0.79
C HIS L 62 13.32 -48.42 -1.40
N SER L 63 13.80 -47.30 -0.87
CA SER L 63 13.50 -46.02 -1.46
C SER L 63 14.82 -45.30 -1.69
N ILE L 64 14.84 -44.38 -2.65
CA ILE L 64 15.88 -43.37 -2.75
C ILE L 64 15.36 -42.20 -1.92
N GLY L 65 16.01 -41.91 -0.80
CA GLY L 65 15.52 -40.87 0.10
C GLY L 65 14.20 -41.24 0.76
N LYS L 66 13.76 -40.39 1.68
CA LYS L 66 12.57 -40.60 2.48
C LYS L 66 12.70 -41.79 3.47
N ILE L 67 13.94 -42.14 3.82
CA ILE L 67 14.25 -43.18 4.80
C ILE L 67 14.91 -42.46 5.97
N GLY L 68 14.57 -42.78 7.20
CA GLY L 68 15.06 -42.05 8.35
C GLY L 68 14.43 -42.48 9.66
N GLY L 69 15.02 -42.05 10.77
CA GLY L 69 14.53 -42.40 12.11
C GLY L 69 13.02 -42.26 12.26
N ALA L 70 12.53 -41.03 12.16
CA ALA L 70 11.11 -40.73 12.34
C ALA L 70 10.21 -41.37 11.29
N GLN L 71 10.65 -41.41 10.04
CA GLN L 71 9.79 -41.89 8.91
C GLN L 71 9.62 -43.39 8.91
N ASN L 72 10.71 -44.10 9.23
CA ASN L 72 10.65 -45.55 9.47
C ASN L 72 9.75 -45.89 10.66
N ARG L 73 9.87 -45.12 11.74
CA ARG L 73 8.94 -45.21 12.85
C ARG L 73 7.49 -45.03 12.37
N SER L 74 7.29 -44.10 11.44
CA SER L 74 5.99 -43.86 10.83
C SER L 74 5.51 -44.99 9.90
N TYR L 75 6.35 -45.46 8.98
CA TYR L 75 5.93 -46.51 8.02
C TYR L 75 5.73 -47.85 8.70
N SER L 76 6.57 -48.15 9.69
CA SER L 76 6.39 -49.36 10.49
C SER L 76 5.04 -49.33 11.16
N LYS L 77 4.69 -48.19 11.76
CA LYS L 77 3.39 -48.08 12.38
C LYS L 77 2.33 -48.29 11.30
N LEU L 78 2.47 -47.58 10.21
CA LEU L 78 1.54 -47.71 9.11
C LEU L 78 1.39 -49.15 8.63
N LEU L 79 2.52 -49.80 8.34
CA LEU L 79 2.56 -51.08 7.61
C LEU L 79 2.24 -52.27 8.50
N CYS L 80 2.69 -52.24 9.75
CA CYS L 80 2.32 -53.27 10.71
C CYS L 80 0.80 -53.22 10.89
N GLY L 81 0.28 -52.00 10.88
CA GLY L 81 -1.15 -51.73 10.86
C GLY L 81 -1.89 -52.39 9.72
N LEU L 82 -1.36 -52.27 8.49
CA LEU L 82 -2.02 -52.88 7.32
C LEU L 82 -2.06 -54.39 7.41
N LEU L 83 -0.91 -54.99 7.71
CA LEU L 83 -0.77 -56.43 7.76
C LEU L 83 -1.65 -57.05 8.84
N ALA L 84 -1.76 -56.35 9.98
CA ALA L 84 -2.61 -56.78 11.12
C ALA L 84 -4.07 -56.84 10.74
N GLU L 85 -4.53 -55.83 10.01
CA GLU L 85 -5.92 -55.69 9.61
C GLU L 85 -6.24 -56.56 8.39
N ARG L 86 -5.32 -56.68 7.44
CA ARG L 86 -5.65 -57.37 6.20
C ARG L 86 -5.16 -58.78 6.12
N LEU L 87 -4.09 -59.08 6.85
CA LEU L 87 -3.52 -60.44 6.86
C LEU L 87 -3.61 -61.13 8.24
N ARG L 88 -4.29 -60.47 9.19
CA ARG L 88 -4.43 -60.92 10.58
C ARG L 88 -3.12 -61.44 11.14
N ILE L 89 -2.04 -60.71 10.85
CA ILE L 89 -0.68 -61.01 11.32
C ILE L 89 -0.39 -60.10 12.51
N SER L 90 0.08 -60.69 13.60
CA SER L 90 0.40 -59.92 14.77
C SER L 90 1.63 -58.99 14.57
N PRO L 91 1.46 -57.68 14.84
CA PRO L 91 2.51 -56.69 14.64
C PRO L 91 3.91 -57.06 15.18
N ASP L 92 3.98 -57.83 16.26
CA ASP L 92 5.28 -58.24 16.78
C ASP L 92 5.85 -59.46 16.09
N ARG L 93 5.20 -59.94 15.03
CA ARG L 93 5.75 -61.03 14.22
C ARG L 93 6.04 -60.51 12.79
N VAL L 94 6.36 -59.22 12.74
CA VAL L 94 6.63 -58.50 11.52
C VAL L 94 7.96 -57.76 11.65
N TYR L 95 8.86 -58.04 10.70
CA TYR L 95 10.10 -57.29 10.55
C TYR L 95 10.04 -56.58 9.22
N ILE L 96 10.38 -55.30 9.23
CA ILE L 96 10.49 -54.51 8.00
C ILE L 96 11.88 -53.95 7.94
N ASN L 97 12.64 -54.29 6.91
CA ASN L 97 13.96 -53.69 6.73
C ASN L 97 13.87 -52.50 5.79
N TYR L 98 14.42 -51.35 6.21
CA TYR L 98 14.44 -50.15 5.35
C TYR L 98 15.79 -49.93 4.67
N TYR L 99 15.74 -49.34 3.51
CA TYR L 99 16.95 -49.17 2.74
C TYR L 99 16.93 -47.85 2.07
N ASP L 100 17.82 -46.95 2.47
CA ASP L 100 18.04 -45.68 1.77
C ASP L 100 19.00 -45.92 0.64
N MET L 101 18.48 -46.04 -0.57
CA MET L 101 19.31 -46.42 -1.69
C MET L 101 19.90 -45.17 -2.33
N ASN L 102 21.18 -45.24 -2.65
CA ASN L 102 21.80 -44.24 -3.48
C ASN L 102 21.23 -44.28 -4.90
N ALA L 103 21.17 -43.12 -5.53
CA ALA L 103 20.53 -43.04 -6.83
C ALA L 103 21.28 -43.83 -7.89
N ALA L 104 22.59 -43.93 -7.74
CA ALA L 104 23.43 -44.62 -8.73
C ALA L 104 23.19 -46.11 -8.68
N ASN L 105 22.69 -46.57 -7.54
CA ASN L 105 22.53 -47.98 -7.27
C ASN L 105 21.12 -48.51 -7.54
N VAL L 106 20.35 -47.80 -8.35
CA VAL L 106 18.99 -48.24 -8.72
C VAL L 106 18.77 -48.04 -10.21
N GLY L 107 18.51 -49.12 -10.92
CA GLY L 107 18.30 -49.03 -12.33
C GLY L 107 16.84 -48.90 -12.61
N TRP L 108 16.50 -48.34 -13.75
CA TRP L 108 15.12 -48.20 -14.21
C TRP L 108 15.12 -47.56 -15.58
N ASN L 109 14.38 -48.16 -16.51
CA ASN L 109 14.21 -47.58 -17.84
C ASN L 109 15.56 -47.46 -18.56
N ASN L 110 16.28 -48.59 -18.60
CA ASN L 110 17.59 -48.73 -19.28
C ASN L 110 18.76 -47.92 -18.71
N SER L 111 18.62 -47.38 -17.50
CA SER L 111 19.67 -46.54 -16.93
C SER L 111 19.44 -46.55 -15.43
N THR L 112 20.09 -45.63 -14.72
CA THR L 112 19.86 -45.46 -13.29
C THR L 112 19.09 -44.15 -13.02
N PHE L 113 18.80 -43.88 -11.76
CA PHE L 113 18.17 -42.62 -11.40
C PHE L 113 19.22 -41.51 -11.27
N ALA L 114 20.51 -41.87 -11.29
CA ALA L 114 21.63 -40.89 -11.33
C ALA L 114 22.16 -40.62 -12.75
N PRO M 1 32.08 -14.96 -18.11
CA PRO M 1 31.28 -14.44 -17.01
C PRO M 1 29.88 -13.98 -17.40
N MET M 2 28.99 -13.97 -16.44
CA MET M 2 27.59 -13.73 -16.69
C MET M 2 27.11 -12.94 -15.49
N PHE M 3 26.60 -11.75 -15.72
CA PHE M 3 26.08 -10.94 -14.61
C PHE M 3 24.62 -10.64 -14.88
N ILE M 4 23.83 -10.69 -13.82
CA ILE M 4 22.40 -10.51 -13.96
C ILE M 4 21.98 -9.63 -12.81
N VAL M 5 21.29 -8.54 -13.11
CA VAL M 5 20.67 -7.72 -12.07
C VAL M 5 19.17 -7.66 -12.27
N ASN M 6 18.44 -7.86 -11.18
CA ASN M 6 17.00 -7.67 -11.16
C ASN M 6 16.67 -6.47 -10.26
N THR M 7 15.74 -5.65 -10.70
CA THR M 7 15.46 -4.47 -9.92
C THR M 7 14.06 -3.95 -10.16
N ASN M 8 13.48 -3.34 -9.13
CA ASN M 8 12.19 -2.65 -9.20
C ASN M 8 12.29 -1.28 -9.91
N VAL M 9 13.51 -0.83 -10.09
CA VAL M 9 13.78 0.40 -10.84
C VAL M 9 13.20 0.24 -12.25
N PRO M 10 12.51 1.30 -12.76
CA PRO M 10 11.82 1.27 -14.07
C PRO M 10 12.73 1.38 -15.30
N ARG M 11 12.40 0.67 -16.38
CA ARG M 11 13.20 0.65 -17.60
C ARG M 11 13.73 2.03 -18.00
N ALA M 12 12.94 3.07 -17.74
CA ALA M 12 13.31 4.45 -18.10
C ALA M 12 14.41 5.05 -17.22
N SER M 13 14.58 4.52 -16.00
CA SER M 13 15.67 4.99 -15.13
C SER M 13 16.98 4.24 -15.38
N VAL M 14 16.98 3.32 -16.34
CA VAL M 14 18.17 2.57 -16.75
C VAL M 14 18.80 3.29 -17.91
N PRO M 15 19.91 3.99 -17.69
CA PRO M 15 20.40 4.85 -18.74
C PRO M 15 20.95 4.04 -19.91
N ASP M 16 20.82 4.59 -21.10
CA ASP M 16 21.42 3.99 -22.27
C ASP M 16 22.91 3.90 -21.96
N GLY M 17 23.55 2.85 -22.46
CA GLY M 17 24.97 2.61 -22.19
C GLY M 17 25.22 1.73 -20.97
N PHE M 18 24.18 1.44 -20.21
CA PHE M 18 24.36 0.70 -19.00
C PHE M 18 24.87 -0.72 -19.17
N LEU M 19 24.41 -1.41 -20.19
CA LEU M 19 24.88 -2.77 -20.44
C LEU M 19 26.33 -2.78 -20.88
N SER M 20 26.68 -1.82 -21.74
CA SER M 20 28.04 -1.66 -22.25
C SER M 20 28.99 -1.27 -21.14
N GLU M 21 28.57 -0.34 -20.31
CA GLU M 21 29.36 0.01 -19.16
C GLU M 21 29.70 -1.22 -18.30
N LEU M 22 28.70 -2.09 -18.08
CA LEU M 22 28.86 -3.29 -17.28
C LEU M 22 29.81 -4.24 -17.95
N THR M 23 29.59 -4.47 -19.24
CA THR M 23 30.44 -5.38 -20.00
C THR M 23 31.89 -4.98 -19.88
N GLN M 24 32.18 -3.71 -20.07
CA GLN M 24 33.57 -3.23 -20.02
C GLN M 24 34.11 -3.33 -18.59
N GLN M 25 33.31 -2.87 -17.61
CA GLN M 25 33.72 -2.92 -16.21
C GLN M 25 34.00 -4.35 -15.73
N LEU M 26 33.11 -5.26 -16.06
CA LEU M 26 33.25 -6.65 -15.64
C LEU M 26 34.36 -7.41 -16.36
N ALA M 27 34.65 -6.98 -17.60
CA ALA M 27 35.78 -7.54 -18.36
C ALA M 27 37.09 -7.19 -17.65
N GLN M 28 37.19 -5.90 -17.28
CA GLN M 28 38.34 -5.37 -16.56
C GLN M 28 38.45 -6.14 -15.26
N ALA M 29 37.37 -6.15 -14.47
CA ALA M 29 37.39 -6.74 -13.14
C ALA M 29 37.68 -8.22 -13.14
N THR M 30 37.07 -8.97 -14.05
CA THR M 30 37.28 -10.41 -14.07
C THR M 30 38.50 -10.81 -14.84
N GLY M 31 39.12 -9.86 -15.53
CA GLY M 31 40.24 -10.17 -16.39
C GLY M 31 39.84 -11.06 -17.54
N LYS M 32 38.55 -11.10 -17.87
CA LYS M 32 38.04 -11.95 -18.96
C LYS M 32 37.73 -11.02 -20.14
N PRO M 33 38.03 -11.46 -21.36
CA PRO M 33 37.80 -10.53 -22.46
C PRO M 33 36.30 -10.24 -22.61
N PRO M 34 35.94 -9.04 -23.04
CA PRO M 34 34.53 -8.66 -23.14
C PRO M 34 33.67 -9.51 -24.10
N GLN M 35 34.28 -10.14 -25.10
CA GLN M 35 33.58 -11.10 -25.97
C GLN M 35 32.98 -12.33 -25.23
N TYR M 36 33.48 -12.65 -24.04
CA TYR M 36 32.94 -13.76 -23.24
C TYR M 36 32.03 -13.27 -22.10
N ILE M 37 31.74 -11.97 -22.05
CA ILE M 37 30.99 -11.40 -20.93
C ILE M 37 29.58 -11.22 -21.38
N ALA M 38 28.65 -11.71 -20.56
CA ALA M 38 27.23 -11.60 -20.82
C ALA M 38 26.58 -10.78 -19.72
N VAL M 39 25.70 -9.84 -20.07
CA VAL M 39 25.00 -9.11 -19.03
C VAL M 39 23.51 -9.00 -19.34
N HIS M 40 22.75 -8.97 -18.25
CA HIS M 40 21.29 -9.15 -18.30
C HIS M 40 20.70 -8.28 -17.21
N VAL M 41 20.00 -7.23 -17.62
CA VAL M 41 19.29 -6.34 -16.70
C VAL M 41 17.78 -6.53 -16.80
N VAL M 42 17.14 -6.62 -15.65
CA VAL M 42 15.69 -6.81 -15.58
C VAL M 42 15.02 -5.74 -14.70
N PRO M 43 14.52 -4.68 -15.31
CA PRO M 43 13.85 -3.64 -14.55
C PRO M 43 12.34 -3.89 -14.39
N ASP M 44 11.67 -3.02 -13.65
CA ASP M 44 10.23 -3.07 -13.41
C ASP M 44 9.83 -4.31 -12.67
N GLN M 45 10.70 -4.82 -11.82
CA GLN M 45 10.41 -6.08 -11.17
C GLN M 45 9.69 -5.82 -9.89
N LEU M 46 8.83 -6.76 -9.54
CA LEU M 46 7.98 -6.69 -8.38
C LEU M 46 8.73 -7.34 -7.25
N MET M 47 9.39 -6.54 -6.41
CA MET M 47 10.25 -7.09 -5.37
C MET M 47 10.36 -6.20 -4.13
N ALA M 48 10.76 -6.80 -3.03
CA ALA M 48 10.90 -6.08 -1.80
C ALA M 48 12.18 -6.50 -1.18
N PHE M 49 12.72 -5.62 -0.35
CA PHE M 49 13.98 -5.84 0.32
C PHE M 49 13.84 -5.28 1.72
N GLY M 50 13.88 -6.14 2.72
CA GLY M 50 13.72 -5.72 4.11
C GLY M 50 12.29 -5.29 4.40
N GLY M 51 11.35 -5.85 3.61
CA GLY M 51 9.95 -5.44 3.67
C GLY M 51 9.54 -4.21 2.85
N SER M 52 10.48 -3.60 2.13
CA SER M 52 10.28 -2.25 1.59
C SER M 52 10.40 -2.28 0.08
N SER M 53 9.63 -1.43 -0.58
CA SER M 53 9.63 -1.34 -2.04
C SER M 53 10.51 -0.22 -2.57
N GLU M 54 11.24 0.45 -1.69
CA GLU M 54 12.23 1.40 -2.12
C GLU M 54 13.18 0.68 -3.09
N PRO M 55 13.85 1.43 -3.97
CA PRO M 55 14.70 0.75 -4.94
C PRO M 55 15.71 -0.23 -4.33
N CYS M 56 15.85 -1.34 -5.04
CA CYS M 56 16.64 -2.45 -4.59
C CYS M 56 17.03 -3.26 -5.80
N ALA M 57 17.96 -4.17 -5.59
CA ALA M 57 18.41 -5.04 -6.68
C ALA M 57 18.88 -6.36 -6.13
N LEU M 58 18.76 -7.39 -6.96
CA LEU M 58 19.24 -8.72 -6.63
C LEU M 58 19.99 -9.19 -7.86
N CYS M 59 21.27 -9.51 -7.69
CA CYS M 59 22.13 -9.84 -8.81
C CYS M 59 22.83 -11.13 -8.61
N SER M 60 23.41 -11.65 -9.69
CA SER M 60 24.34 -12.75 -9.61
C SER M 60 25.46 -12.61 -10.63
N LEU M 61 26.61 -13.17 -10.27
CA LEU M 61 27.74 -13.21 -11.13
C LEU M 61 28.25 -14.64 -11.20
N HIS M 62 28.07 -15.26 -12.35
CA HIS M 62 28.58 -16.59 -12.63
C HIS M 62 29.85 -16.48 -13.47
N SER M 63 30.91 -17.15 -13.05
CA SER M 63 32.18 -17.13 -13.74
C SER M 63 32.87 -18.43 -13.49
N ILE M 64 33.54 -18.95 -14.50
CA ILE M 64 34.41 -20.09 -14.31
C ILE M 64 35.70 -19.59 -13.73
N GLY M 65 35.96 -19.82 -12.45
CA GLY M 65 37.13 -19.21 -11.80
C GLY M 65 36.91 -17.73 -11.58
N LYS M 66 37.92 -17.04 -11.07
CA LYS M 66 37.82 -15.61 -10.73
C LYS M 66 36.83 -15.25 -9.62
N ILE M 67 36.47 -16.22 -8.79
CA ILE M 67 35.57 -16.01 -7.67
C ILE M 67 36.23 -16.36 -6.31
N GLY M 68 36.23 -15.42 -5.38
CA GLY M 68 36.81 -15.69 -4.07
C GLY M 68 36.66 -14.52 -3.12
N GLY M 69 37.10 -14.70 -1.89
CA GLY M 69 36.90 -13.71 -0.86
C GLY M 69 37.27 -12.32 -1.32
N ALA M 70 38.52 -12.16 -1.73
CA ALA M 70 39.08 -10.84 -2.02
C ALA M 70 38.51 -10.24 -3.31
N GLN M 71 38.45 -11.07 -4.35
CA GLN M 71 37.84 -10.70 -5.63
C GLN M 71 36.38 -10.28 -5.44
N ASN M 72 35.60 -11.08 -4.71
CA ASN M 72 34.17 -10.81 -4.53
C ASN M 72 33.95 -9.53 -3.78
N ARG M 73 34.81 -9.18 -2.82
CA ARG M 73 34.69 -7.88 -2.13
C ARG M 73 34.86 -6.72 -3.11
N SER M 74 35.81 -6.91 -4.00
CA SER M 74 36.16 -5.93 -5.01
C SER M 74 35.03 -5.79 -6.02
N TYR M 75 34.52 -6.92 -6.53
CA TYR M 75 33.34 -6.91 -7.40
C TYR M 75 32.12 -6.21 -6.78
N SER M 76 31.88 -6.41 -5.50
CA SER M 76 30.78 -5.73 -4.83
C SER M 76 31.06 -4.25 -4.67
N LYS M 77 32.31 -3.86 -4.50
CA LYS M 77 32.57 -2.42 -4.44
C LYS M 77 32.25 -1.76 -5.80
N LEU M 78 32.62 -2.45 -6.86
CA LEU M 78 32.44 -1.97 -8.20
C LEU M 78 30.97 -1.94 -8.57
N LEU M 79 30.29 -3.08 -8.40
CA LEU M 79 28.92 -3.22 -8.89
C LEU M 79 27.93 -2.39 -8.11
N CYS M 80 28.09 -2.31 -6.80
CA CYS M 80 27.22 -1.48 -5.98
C CYS M 80 27.49 -0.06 -6.32
N GLY M 81 28.73 0.24 -6.71
CA GLY M 81 29.08 1.60 -7.15
C GLY M 81 28.26 2.04 -8.34
N LEU M 82 28.28 1.22 -9.39
CA LEU M 82 27.50 1.47 -10.62
C LEU M 82 26.00 1.49 -10.41
N LEU M 83 25.49 0.58 -9.58
CA LEU M 83 24.05 0.56 -9.30
C LEU M 83 23.66 1.80 -8.49
N ALA M 84 24.51 2.25 -7.57
CA ALA M 84 24.26 3.50 -6.88
C ALA M 84 24.26 4.69 -7.82
N GLU M 85 25.19 4.69 -8.76
CA GLU M 85 25.49 5.88 -9.56
C GLU M 85 24.45 6.00 -10.68
N ARG M 86 24.19 4.87 -11.36
CA ARG M 86 23.32 4.86 -12.54
C ARG M 86 21.85 4.62 -12.26
N LEU M 87 21.51 3.81 -11.26
CA LEU M 87 20.10 3.51 -10.98
C LEU M 87 19.62 4.11 -9.69
N ARG M 88 20.52 4.77 -8.97
CA ARG M 88 20.23 5.40 -7.68
C ARG M 88 19.79 4.40 -6.59
N ILE M 89 20.18 3.13 -6.74
CA ILE M 89 19.83 2.10 -5.77
C ILE M 89 20.84 2.15 -4.62
N SER M 90 20.35 2.32 -3.39
CA SER M 90 21.26 2.28 -2.24
C SER M 90 22.02 0.94 -2.19
N PRO M 91 23.33 0.98 -1.89
CA PRO M 91 24.13 -0.25 -1.85
C PRO M 91 23.69 -1.25 -0.80
N ASP M 92 23.14 -0.76 0.32
CA ASP M 92 22.60 -1.64 1.35
C ASP M 92 21.27 -2.25 0.99
N ARG M 93 20.84 -2.12 -0.26
CA ARG M 93 19.65 -2.82 -0.76
C ARG M 93 19.97 -3.61 -2.04
N VAL M 94 21.20 -4.08 -2.11
CA VAL M 94 21.65 -4.87 -3.22
C VAL M 94 22.23 -6.15 -2.67
N TYR M 95 21.80 -7.28 -3.20
CA TYR M 95 22.46 -8.55 -2.95
C TYR M 95 23.06 -9.03 -4.25
N ILE M 96 24.29 -9.51 -4.15
CA ILE M 96 24.95 -10.11 -5.30
C ILE M 96 25.37 -11.49 -4.92
N ASN M 97 24.90 -12.50 -5.64
CA ASN M 97 25.31 -13.88 -5.35
C ASN M 97 26.47 -14.28 -6.25
N TYR M 98 27.53 -14.83 -5.69
CA TYR M 98 28.69 -15.18 -6.52
C TYR M 98 28.75 -16.68 -6.69
N TYR M 99 28.90 -17.12 -7.93
CA TYR M 99 28.98 -18.55 -8.23
C TYR M 99 30.21 -18.91 -9.02
N ASP M 100 31.02 -19.79 -8.44
CA ASP M 100 32.21 -20.32 -9.11
C ASP M 100 31.81 -21.61 -9.84
N MET M 101 31.54 -21.51 -11.15
CA MET M 101 31.06 -22.65 -11.94
C MET M 101 32.20 -23.52 -12.37
N ASN M 102 31.99 -24.82 -12.51
CA ASN M 102 33.00 -25.70 -13.13
C ASN M 102 32.89 -25.74 -14.66
N ALA M 103 34.05 -25.82 -15.31
CA ALA M 103 34.12 -25.63 -16.75
C ALA M 103 33.18 -26.61 -17.42
N ALA M 104 33.19 -27.85 -16.95
CA ALA M 104 32.30 -28.90 -17.44
C ALA M 104 30.80 -28.69 -17.17
N ASN M 105 30.43 -27.85 -16.20
CA ASN M 105 29.03 -27.46 -16.00
C ASN M 105 28.63 -26.15 -16.71
N VAL M 106 29.30 -25.83 -17.82
CA VAL M 106 29.00 -24.60 -18.57
C VAL M 106 29.04 -24.87 -20.06
N GLY M 107 27.87 -24.80 -20.70
CA GLY M 107 27.75 -25.02 -22.12
C GLY M 107 27.87 -23.73 -22.88
N TRP M 108 28.46 -23.81 -24.07
CA TRP M 108 28.67 -22.65 -24.95
C TRP M 108 29.04 -23.12 -26.30
N ASN M 109 28.39 -22.58 -27.33
CA ASN M 109 28.76 -22.87 -28.69
C ASN M 109 28.68 -24.37 -29.04
N ASN M 110 27.51 -24.97 -28.84
CA ASN M 110 27.28 -26.41 -29.14
C ASN M 110 28.05 -27.42 -28.30
N SER M 111 28.64 -26.98 -27.19
CA SER M 111 29.53 -27.83 -26.40
C SER M 111 29.70 -27.22 -25.03
N THR M 112 30.78 -27.60 -24.32
CA THR M 112 31.06 -27.03 -23.02
C THR M 112 32.52 -26.67 -22.89
N PHE M 113 32.77 -25.88 -21.85
CA PHE M 113 34.11 -25.42 -21.46
C PHE M 113 34.99 -26.49 -20.81
N ALA M 114 34.43 -27.66 -20.54
CA ALA M 114 35.15 -28.75 -19.88
C ALA M 114 36.69 -28.65 -20.04
N PRO N 1 18.50 -13.38 3.26
CA PRO N 1 17.95 -14.42 2.40
C PRO N 1 17.26 -13.84 1.19
N MET N 2 16.98 -14.70 0.23
CA MET N 2 16.49 -14.20 -1.03
C MET N 2 15.51 -15.20 -1.57
N PHE N 3 14.24 -14.83 -1.62
CA PHE N 3 13.26 -15.74 -2.22
C PHE N 3 12.73 -15.22 -3.56
N ILE N 4 12.88 -16.07 -4.59
CA ILE N 4 12.43 -15.76 -5.95
C ILE N 4 11.36 -16.73 -6.47
N VAL N 5 10.23 -16.21 -6.95
CA VAL N 5 9.17 -17.01 -7.60
C VAL N 5 8.90 -16.58 -9.04
N ASN N 6 9.07 -17.48 -9.98
CA ASN N 6 8.57 -17.26 -11.32
C ASN N 6 7.34 -18.13 -11.56
N THR N 7 6.25 -17.52 -12.06
CA THR N 7 5.00 -18.23 -12.23
C THR N 7 4.27 -17.75 -13.46
N ASN N 8 3.48 -18.64 -14.08
CA ASN N 8 2.65 -18.25 -15.23
C ASN N 8 1.31 -17.63 -14.84
N VAL N 9 1.07 -17.58 -13.54
CA VAL N 9 -0.02 -16.84 -12.98
C VAL N 9 0.15 -15.32 -13.27
N PRO N 10 -0.95 -14.63 -13.67
CA PRO N 10 -0.80 -13.20 -14.05
C PRO N 10 -0.74 -12.24 -12.86
N ARG N 11 -0.16 -11.05 -13.09
CA ARG N 11 0.06 -10.03 -12.02
C ARG N 11 -1.21 -9.73 -11.21
N ALA N 12 -2.35 -9.68 -11.89
CA ALA N 12 -3.63 -9.44 -11.23
C ALA N 12 -3.93 -10.49 -10.14
N SER N 13 -3.54 -11.75 -10.36
CA SER N 13 -3.77 -12.83 -9.37
C SER N 13 -2.89 -12.75 -8.11
N VAL N 14 -1.84 -11.93 -8.15
CA VAL N 14 -0.93 -11.83 -7.01
C VAL N 14 -1.51 -10.91 -5.95
N PRO N 15 -1.81 -11.44 -4.75
CA PRO N 15 -2.50 -10.63 -3.76
C PRO N 15 -1.73 -9.44 -3.26
N ASP N 16 -2.48 -8.45 -2.82
CA ASP N 16 -1.98 -7.35 -2.03
C ASP N 16 -1.38 -7.94 -0.76
N GLY N 17 -0.22 -7.41 -0.36
CA GLY N 17 0.51 -7.87 0.82
C GLY N 17 1.35 -9.14 0.69
N PHE N 18 1.37 -9.74 -0.49
CA PHE N 18 2.00 -11.05 -0.68
C PHE N 18 3.50 -11.06 -0.38
N LEU N 19 4.22 -10.03 -0.82
CA LEU N 19 5.68 -9.93 -0.59
C LEU N 19 6.05 -9.71 0.88
N SER N 20 5.22 -8.96 1.60
CA SER N 20 5.36 -8.74 3.06
C SER N 20 5.10 -10.01 3.83
N GLU N 21 4.16 -10.79 3.32
CA GLU N 21 3.81 -12.03 3.97
C GLU N 21 4.97 -12.99 3.76
N LEU N 22 5.48 -13.06 2.52
CA LEU N 22 6.62 -13.91 2.21
C LEU N 22 7.81 -13.44 3.03
N THR N 23 7.90 -12.14 3.23
CA THR N 23 8.96 -11.57 4.04
C THR N 23 8.81 -11.99 5.49
N GLN N 24 7.67 -11.70 6.11
CA GLN N 24 7.39 -12.07 7.51
C GLN N 24 7.52 -13.57 7.77
N GLN N 25 7.00 -14.38 6.85
CA GLN N 25 7.01 -15.83 7.01
C GLN N 25 8.42 -16.37 6.97
N LEU N 26 9.20 -15.97 5.96
CA LEU N 26 10.57 -16.45 5.83
C LEU N 26 11.41 -16.04 7.02
N ALA N 27 11.18 -14.82 7.49
CA ALA N 27 11.84 -14.33 8.71
C ALA N 27 11.57 -15.31 9.87
N GLN N 28 10.30 -15.67 10.05
CA GLN N 28 9.91 -16.63 11.07
C GLN N 28 10.61 -17.96 10.85
N ALA N 29 10.61 -18.48 9.63
CA ALA N 29 11.14 -19.83 9.39
C ALA N 29 12.67 -19.93 9.47
N THR N 30 13.41 -19.10 8.77
CA THR N 30 14.86 -19.16 8.80
C THR N 30 15.48 -18.65 10.12
N GLY N 31 14.77 -17.75 10.82
CA GLY N 31 15.29 -17.08 12.02
C GLY N 31 16.09 -15.82 11.70
N LYS N 32 16.09 -15.44 10.43
CA LYS N 32 16.83 -14.31 9.95
C LYS N 32 15.97 -13.08 10.10
N PRO N 33 16.56 -11.96 10.48
CA PRO N 33 15.74 -10.74 10.53
C PRO N 33 15.06 -10.38 9.18
N PRO N 34 13.84 -9.82 9.22
CA PRO N 34 13.17 -9.35 8.01
C PRO N 34 14.00 -8.33 7.24
N GLN N 35 14.66 -7.46 7.98
CA GLN N 35 15.58 -6.49 7.40
C GLN N 35 16.52 -7.07 6.32
N TYR N 36 16.81 -8.36 6.37
CA TYR N 36 17.73 -9.01 5.43
C TYR N 36 17.08 -9.94 4.42
N ILE N 37 15.75 -9.97 4.41
CA ILE N 37 15.02 -10.88 3.55
C ILE N 37 14.62 -10.18 2.27
N ALA N 38 14.98 -10.77 1.13
CA ALA N 38 14.62 -10.21 -0.16
C ALA N 38 13.63 -11.14 -0.86
N VAL N 39 12.57 -10.57 -1.42
CA VAL N 39 11.59 -11.35 -2.14
C VAL N 39 11.30 -10.74 -3.50
N HIS N 40 11.12 -11.60 -4.49
CA HIS N 40 11.01 -11.21 -5.87
C HIS N 40 9.98 -12.14 -6.54
N VAL N 41 8.81 -11.61 -6.86
CA VAL N 41 7.80 -12.39 -7.57
C VAL N 41 7.73 -11.94 -9.03
N VAL N 42 7.68 -12.91 -9.93
CA VAL N 42 7.69 -12.65 -11.36
C VAL N 42 6.50 -13.35 -12.03
N PRO N 43 5.35 -12.68 -12.12
CA PRO N 43 4.15 -13.31 -12.67
C PRO N 43 4.15 -13.30 -14.18
N ASP N 44 3.11 -13.83 -14.79
CA ASP N 44 2.88 -13.76 -16.25
C ASP N 44 3.87 -14.52 -17.10
N GLN N 45 4.57 -15.46 -16.49
CA GLN N 45 5.66 -16.09 -17.19
C GLN N 45 5.21 -17.06 -18.26
N LEU N 46 6.03 -17.17 -19.27
CA LEU N 46 5.87 -18.14 -20.34
C LEU N 46 6.51 -19.47 -19.94
N MET N 47 5.75 -20.28 -19.21
CA MET N 47 6.31 -21.52 -18.74
C MET N 47 5.34 -22.68 -18.79
N ALA N 48 5.92 -23.87 -18.75
CA ALA N 48 5.19 -25.13 -18.74
C ALA N 48 5.80 -26.01 -17.66
N PHE N 49 4.94 -26.68 -16.91
CA PHE N 49 5.35 -27.79 -16.06
C PHE N 49 4.75 -29.06 -16.66
N GLY N 50 5.62 -29.99 -17.03
CA GLY N 50 5.20 -31.28 -17.57
C GLY N 50 4.49 -31.25 -18.92
N GLY N 51 4.63 -30.17 -19.68
CA GLY N 51 3.90 -30.00 -20.94
C GLY N 51 2.68 -29.12 -20.76
N SER N 52 2.00 -29.24 -19.61
CA SER N 52 0.81 -28.46 -19.33
C SER N 52 1.16 -27.01 -19.00
N SER N 53 0.20 -26.11 -19.18
CA SER N 53 0.37 -24.72 -18.76
C SER N 53 -0.66 -24.30 -17.71
N GLU N 54 -1.03 -25.22 -16.85
CA GLU N 54 -1.83 -24.87 -15.68
C GLU N 54 -0.91 -24.08 -14.74
N PRO N 55 -1.46 -23.41 -13.73
CA PRO N 55 -0.57 -22.64 -12.85
C PRO N 55 0.58 -23.48 -12.31
N CYS N 56 1.81 -23.03 -12.56
CA CYS N 56 2.99 -23.63 -11.95
C CYS N 56 3.91 -22.55 -11.39
N ALA N 57 4.96 -22.98 -10.69
CA ALA N 57 5.97 -22.06 -10.16
C ALA N 57 7.38 -22.67 -10.24
N LEU N 58 8.37 -21.83 -10.46
CA LEU N 58 9.75 -22.24 -10.39
C LEU N 58 10.39 -21.26 -9.46
N CYS N 59 11.06 -21.75 -8.44
CA CYS N 59 11.42 -20.92 -7.32
C CYS N 59 12.83 -21.16 -6.89
N SER N 60 13.35 -20.26 -6.07
CA SER N 60 14.63 -20.46 -5.43
C SER N 60 14.68 -19.73 -4.09
N LEU N 61 15.40 -20.32 -3.12
CA LEU N 61 15.70 -19.69 -1.84
C LEU N 61 17.19 -19.79 -1.55
N HIS N 62 17.86 -18.64 -1.56
CA HIS N 62 19.26 -18.54 -1.20
C HIS N 62 19.40 -17.98 0.18
N SER N 63 20.28 -18.59 0.96
CA SER N 63 20.57 -18.14 2.30
C SER N 63 21.93 -18.58 2.77
N ILE N 64 22.57 -17.70 3.55
CA ILE N 64 23.83 -18.02 4.16
C ILE N 64 23.53 -18.84 5.39
N GLY N 65 23.59 -20.15 5.23
CA GLY N 65 23.14 -21.05 6.25
C GLY N 65 21.61 -21.11 6.37
N LYS N 66 21.16 -21.81 7.42
CA LYS N 66 19.76 -22.18 7.65
C LYS N 66 19.16 -22.93 6.46
N ILE N 67 20.00 -23.74 5.81
CA ILE N 67 19.60 -24.56 4.67
C ILE N 67 20.08 -25.98 4.96
N GLY N 68 19.18 -26.96 4.89
CA GLY N 68 19.55 -28.36 5.09
C GLY N 68 18.43 -29.36 4.84
N GLY N 69 18.65 -30.61 5.20
CA GLY N 69 17.61 -31.63 5.06
C GLY N 69 16.27 -31.25 5.67
N ALA N 70 16.23 -31.20 7.00
CA ALA N 70 14.95 -30.96 7.70
C ALA N 70 14.43 -29.51 7.53
N GLN N 71 15.34 -28.54 7.47
CA GLN N 71 14.96 -27.14 7.18
C GLN N 71 14.29 -26.96 5.80
N ASN N 72 14.85 -27.59 4.77
CA ASN N 72 14.28 -27.53 3.40
C ASN N 72 12.91 -28.24 3.24
N ARG N 73 12.72 -29.39 3.89
CA ARG N 73 11.38 -30.04 4.01
C ARG N 73 10.38 -29.04 4.63
N SER N 74 10.82 -28.41 5.71
CA SER N 74 9.98 -27.45 6.42
C SER N 74 9.71 -26.21 5.56
N TYR N 75 10.74 -25.64 4.93
CA TYR N 75 10.49 -24.51 4.03
C TYR N 75 9.60 -24.88 2.84
N SER N 76 9.68 -26.11 2.36
CA SER N 76 8.82 -26.55 1.25
C SER N 76 7.35 -26.66 1.65
N LYS N 77 7.08 -27.25 2.82
CA LYS N 77 5.72 -27.26 3.35
C LYS N 77 5.20 -25.81 3.44
N LEU N 78 5.98 -24.91 4.03
CA LEU N 78 5.58 -23.49 4.16
C LEU N 78 5.29 -22.79 2.83
N LEU N 79 6.12 -23.04 1.82
CA LEU N 79 6.14 -22.25 0.60
C LEU N 79 5.15 -22.75 -0.45
N CYS N 80 5.10 -24.06 -0.65
CA CYS N 80 4.04 -24.65 -1.46
C CYS N 80 2.68 -24.30 -0.89
N GLY N 81 2.60 -24.22 0.43
CA GLY N 81 1.40 -23.75 1.11
C GLY N 81 1.02 -22.35 0.69
N LEU N 82 1.95 -21.40 0.80
CA LEU N 82 1.66 -20.00 0.46
C LEU N 82 1.34 -19.85 -1.02
N LEU N 83 2.09 -20.55 -1.87
CA LEU N 83 1.83 -20.50 -3.30
C LEU N 83 0.50 -21.14 -3.64
N ALA N 84 0.17 -22.23 -2.97
CA ALA N 84 -1.08 -22.93 -3.20
C ALA N 84 -2.21 -22.03 -2.76
N GLU N 85 -2.16 -21.63 -1.50
CA GLU N 85 -3.26 -20.87 -0.91
C GLU N 85 -3.50 -19.53 -1.61
N ARG N 86 -2.44 -18.75 -1.79
CA ARG N 86 -2.55 -17.37 -2.28
C ARG N 86 -2.50 -17.20 -3.79
N LEU N 87 -1.80 -18.09 -4.51
CA LEU N 87 -1.70 -17.97 -5.96
C LEU N 87 -2.42 -19.09 -6.75
N ARG N 88 -3.04 -20.02 -6.03
CA ARG N 88 -3.76 -21.13 -6.66
C ARG N 88 -2.84 -21.96 -7.53
N ILE N 89 -1.65 -22.25 -7.04
CA ILE N 89 -0.71 -23.11 -7.76
C ILE N 89 -0.60 -24.46 -7.06
N SER N 90 -0.92 -25.53 -7.77
CA SER N 90 -0.93 -26.83 -7.12
C SER N 90 0.51 -27.16 -6.63
N PRO N 91 0.66 -27.68 -5.39
CA PRO N 91 2.02 -27.90 -4.90
C PRO N 91 2.87 -28.90 -5.69
N ASP N 92 2.28 -29.70 -6.57
CA ASP N 92 3.06 -30.61 -7.42
C ASP N 92 3.39 -30.03 -8.79
N ARG N 93 3.10 -28.74 -8.96
CA ARG N 93 3.62 -27.94 -10.06
C ARG N 93 4.49 -26.79 -9.50
N VAL N 94 5.21 -27.10 -8.42
CA VAL N 94 6.15 -26.20 -7.79
C VAL N 94 7.52 -26.90 -7.65
N TYR N 95 8.56 -26.26 -8.12
CA TYR N 95 9.89 -26.69 -7.80
C TYR N 95 10.59 -25.54 -7.10
N ILE N 96 11.29 -25.81 -6.00
CA ILE N 96 12.09 -24.79 -5.32
C ILE N 96 13.54 -25.24 -5.20
N ASN N 97 14.46 -24.50 -5.81
CA ASN N 97 15.89 -24.74 -5.61
C ASN N 97 16.36 -24.08 -4.32
N TYR N 98 17.01 -24.84 -3.43
CA TYR N 98 17.54 -24.30 -2.17
C TYR N 98 19.04 -24.18 -2.27
N TYR N 99 19.59 -23.07 -1.78
CA TYR N 99 21.01 -22.79 -1.91
C TYR N 99 21.62 -22.34 -0.61
N ASP N 100 22.56 -23.12 -0.10
CA ASP N 100 23.29 -22.74 1.10
C ASP N 100 24.45 -21.88 0.67
N MET N 101 24.35 -20.58 0.86
CA MET N 101 25.36 -19.64 0.33
C MET N 101 26.45 -19.45 1.37
N ASN N 102 27.69 -19.34 0.92
CA ASN N 102 28.82 -18.99 1.77
C ASN N 102 28.84 -17.47 1.95
N ALA N 103 29.21 -17.00 3.11
CA ALA N 103 29.22 -15.53 3.33
C ALA N 103 30.11 -14.79 2.33
N ALA N 104 31.19 -15.43 1.90
CA ALA N 104 32.15 -14.76 1.05
C ALA N 104 31.64 -14.65 -0.38
N ASN N 105 30.65 -15.46 -0.73
CA ASN N 105 30.01 -15.40 -2.03
C ASN N 105 28.67 -14.63 -2.05
N VAL N 106 28.46 -13.72 -1.12
CA VAL N 106 27.27 -12.88 -1.13
C VAL N 106 27.74 -11.47 -0.96
N GLY N 107 27.51 -10.66 -1.98
CA GLY N 107 27.85 -9.24 -1.93
C GLY N 107 26.71 -8.44 -1.37
N TRP N 108 27.04 -7.51 -0.49
CA TRP N 108 26.07 -6.58 0.06
C TRP N 108 26.84 -5.40 0.65
N ASN N 109 26.22 -4.23 0.52
CA ASN N 109 26.73 -2.97 1.04
C ASN N 109 28.18 -2.64 0.72
N ASN N 110 28.57 -2.83 -0.56
CA ASN N 110 29.93 -2.57 -1.08
C ASN N 110 30.98 -3.63 -0.71
N SER N 111 30.56 -4.71 -0.08
CA SER N 111 31.48 -5.74 0.39
C SER N 111 30.74 -7.05 0.42
N THR N 112 31.21 -7.99 1.24
CA THR N 112 30.52 -9.25 1.40
C THR N 112 30.22 -9.54 2.87
N PHE N 113 29.61 -10.68 3.13
CA PHE N 113 29.25 -11.05 4.49
C PHE N 113 30.39 -11.74 5.21
N ALA N 114 31.32 -12.36 4.48
CA ALA N 114 32.55 -12.84 5.09
C ALA N 114 33.16 -11.71 5.90
N PRO O 1 13.11 -32.03 -13.89
CA PRO O 1 14.13 -31.04 -14.11
C PRO O 1 13.59 -29.63 -14.36
N MET O 2 14.50 -28.65 -14.42
CA MET O 2 14.13 -27.26 -14.63
C MET O 2 15.08 -26.63 -15.63
N PHE O 3 14.52 -26.21 -16.76
CA PHE O 3 15.27 -25.52 -17.78
C PHE O 3 14.72 -24.10 -17.95
N ILE O 4 15.60 -23.10 -17.94
CA ILE O 4 15.16 -21.71 -18.12
C ILE O 4 15.94 -21.08 -19.28
N VAL O 5 15.26 -20.39 -20.18
CA VAL O 5 15.92 -19.66 -21.26
C VAL O 5 15.61 -18.17 -21.15
N ASN O 6 16.66 -17.37 -21.04
CA ASN O 6 16.53 -15.93 -21.16
C ASN O 6 17.10 -15.48 -22.50
N THR O 7 16.37 -14.63 -23.21
CA THR O 7 16.79 -14.17 -24.54
C THR O 7 16.28 -12.75 -24.85
N ASN O 8 17.03 -12.04 -25.70
CA ASN O 8 16.60 -10.73 -26.22
C ASN O 8 15.63 -10.86 -27.41
N VAL O 9 15.59 -12.05 -28.01
CA VAL O 9 14.61 -12.39 -29.04
C VAL O 9 13.21 -12.00 -28.56
N PRO O 10 12.40 -11.39 -29.45
CA PRO O 10 11.06 -10.93 -29.02
C PRO O 10 10.04 -12.06 -29.00
N ARG O 11 8.99 -11.90 -28.20
CA ARG O 11 7.98 -12.94 -27.99
C ARG O 11 7.46 -13.55 -29.29
N ALA O 12 7.15 -12.72 -30.28
CA ALA O 12 6.64 -13.19 -31.58
C ALA O 12 7.58 -14.16 -32.32
N SER O 13 8.88 -14.06 -32.10
CA SER O 13 9.82 -14.97 -32.77
C SER O 13 9.92 -16.33 -32.12
N VAL O 14 9.38 -16.47 -30.92
CA VAL O 14 9.29 -17.78 -30.27
C VAL O 14 8.09 -18.54 -30.86
N PRO O 15 8.36 -19.53 -31.73
CA PRO O 15 7.29 -20.23 -32.42
C PRO O 15 6.50 -21.06 -31.45
N ASP O 16 5.22 -21.33 -31.74
CA ASP O 16 4.41 -22.17 -30.86
C ASP O 16 4.90 -23.62 -30.91
N GLY O 17 4.75 -24.33 -29.79
CA GLY O 17 5.28 -25.68 -29.66
C GLY O 17 6.70 -25.74 -29.12
N PHE O 18 7.27 -24.58 -28.81
CA PHE O 18 8.65 -24.53 -28.36
C PHE O 18 8.79 -25.10 -26.95
N LEU O 19 7.95 -24.65 -26.01
CA LEU O 19 7.92 -25.24 -24.66
C LEU O 19 7.69 -26.77 -24.69
N SER O 20 6.84 -27.23 -25.61
CA SER O 20 6.53 -28.65 -25.76
C SER O 20 7.67 -29.41 -26.40
N GLU O 21 8.37 -28.78 -27.31
CA GLU O 21 9.54 -29.40 -27.94
C GLU O 21 10.67 -29.58 -26.91
N LEU O 22 10.88 -28.55 -26.09
CA LEU O 22 11.91 -28.57 -25.03
C LEU O 22 11.61 -29.62 -23.98
N THR O 23 10.35 -29.63 -23.53
CA THR O 23 9.88 -30.67 -22.62
C THR O 23 10.19 -32.06 -23.20
N GLN O 24 9.84 -32.31 -24.45
CA GLN O 24 10.07 -33.61 -25.06
C GLN O 24 11.54 -33.88 -25.24
N GLN O 25 12.28 -32.92 -25.78
CA GLN O 25 13.70 -33.13 -26.07
C GLN O 25 14.58 -33.22 -24.81
N LEU O 26 14.18 -32.53 -23.73
CA LEU O 26 14.88 -32.67 -22.43
C LEU O 26 14.63 -34.01 -21.76
N ALA O 27 13.40 -34.51 -21.88
CA ALA O 27 13.05 -35.85 -21.40
C ALA O 27 13.91 -36.91 -22.10
N GLN O 28 13.86 -36.94 -23.43
CA GLN O 28 14.62 -37.94 -24.20
C GLN O 28 16.08 -37.92 -23.81
N ALA O 29 16.64 -36.72 -23.67
CA ALA O 29 18.06 -36.55 -23.43
C ALA O 29 18.46 -36.86 -21.99
N THR O 30 17.62 -36.51 -21.03
CA THR O 30 17.95 -36.73 -19.62
C THR O 30 17.46 -38.09 -19.09
N GLY O 31 16.55 -38.72 -19.82
CA GLY O 31 15.90 -39.92 -19.33
C GLY O 31 15.12 -39.65 -18.05
N LYS O 32 14.53 -38.46 -17.96
CA LYS O 32 13.56 -38.13 -16.92
C LYS O 32 12.21 -38.14 -17.64
N PRO O 33 11.13 -38.37 -16.89
CA PRO O 33 9.84 -38.33 -17.54
C PRO O 33 9.43 -36.89 -17.87
N PRO O 34 8.83 -36.68 -19.07
CA PRO O 34 8.31 -35.37 -19.50
C PRO O 34 7.42 -34.66 -18.47
N GLN O 35 6.63 -35.43 -17.73
CA GLN O 35 5.69 -34.92 -16.73
C GLN O 35 6.38 -34.16 -15.62
N TYR O 36 7.67 -34.40 -15.42
CA TYR O 36 8.46 -33.73 -14.40
C TYR O 36 9.49 -32.68 -14.91
N ILE O 37 9.51 -32.43 -16.23
CA ILE O 37 10.36 -31.41 -16.83
C ILE O 37 9.59 -30.10 -16.75
N ALA O 38 10.20 -29.07 -16.19
CA ALA O 38 9.58 -27.75 -16.22
C ALA O 38 10.42 -26.80 -17.12
N VAL O 39 9.75 -26.05 -17.98
CA VAL O 39 10.47 -25.18 -18.88
C VAL O 39 9.92 -23.77 -18.84
N HIS O 40 10.80 -22.81 -19.14
CA HIS O 40 10.53 -21.38 -18.95
C HIS O 40 11.35 -20.59 -19.94
N VAL O 41 10.65 -19.84 -20.79
CA VAL O 41 11.27 -19.00 -21.78
C VAL O 41 10.94 -17.57 -21.40
N VAL O 42 12.00 -16.78 -21.26
CA VAL O 42 11.90 -15.35 -20.96
C VAL O 42 12.48 -14.56 -22.14
N PRO O 43 11.58 -14.06 -23.04
CA PRO O 43 11.94 -13.25 -24.21
C PRO O 43 11.90 -11.75 -23.94
N ASP O 44 12.28 -10.96 -24.97
CA ASP O 44 12.30 -9.48 -24.93
C ASP O 44 13.22 -8.90 -23.83
N GLN O 45 14.24 -9.62 -23.42
CA GLN O 45 15.10 -9.16 -22.34
C GLN O 45 16.16 -8.13 -22.81
N LEU O 46 16.56 -7.25 -21.89
CA LEU O 46 17.68 -6.34 -22.13
C LEU O 46 18.95 -7.08 -21.80
N MET O 47 19.60 -7.66 -22.81
CA MET O 47 20.85 -8.34 -22.57
C MET O 47 21.88 -8.07 -23.65
N ALA O 48 23.15 -8.22 -23.30
CA ALA O 48 24.20 -8.19 -24.29
C ALA O 48 24.98 -9.43 -24.07
N PHE O 49 25.73 -9.80 -25.09
CA PHE O 49 26.63 -10.93 -25.01
C PHE O 49 27.85 -10.48 -25.83
N GLY O 50 28.98 -10.27 -25.14
CA GLY O 50 30.19 -9.81 -25.80
C GLY O 50 30.11 -8.38 -26.30
N GLY O 51 29.29 -7.57 -25.63
CA GLY O 51 29.14 -6.17 -25.95
C GLY O 51 28.03 -5.92 -26.93
N SER O 52 27.60 -6.98 -27.64
CA SER O 52 26.63 -6.85 -28.74
C SER O 52 25.28 -7.23 -28.26
N SER O 53 24.26 -6.52 -28.71
CA SER O 53 22.88 -6.95 -28.40
C SER O 53 22.18 -7.66 -29.58
N GLU O 54 22.98 -8.27 -30.47
CA GLU O 54 22.49 -9.26 -31.41
C GLU O 54 21.90 -10.45 -30.61
N PRO O 55 20.99 -11.22 -31.25
CA PRO O 55 20.29 -12.32 -30.59
C PRO O 55 21.23 -13.28 -29.82
N CYS O 56 20.94 -13.49 -28.53
CA CYS O 56 21.74 -14.29 -27.58
C CYS O 56 20.86 -14.95 -26.50
N ALA O 57 21.45 -15.82 -25.71
CA ALA O 57 20.68 -16.51 -24.69
C ALA O 57 21.54 -16.89 -23.49
N LEU O 58 20.95 -16.83 -22.31
CA LEU O 58 21.53 -17.44 -21.12
C LEU O 58 20.57 -18.48 -20.53
N CYS O 59 21.07 -19.70 -20.37
CA CYS O 59 20.21 -20.80 -19.95
C CYS O 59 20.76 -21.48 -18.73
N SER O 60 19.84 -22.19 -18.06
CA SER O 60 20.16 -22.98 -16.89
C SER O 60 19.34 -24.26 -16.93
N LEU O 61 20.01 -25.37 -16.65
CA LEU O 61 19.37 -26.68 -16.41
C LEU O 61 19.69 -27.16 -14.98
N HIS O 62 18.69 -27.17 -14.07
CA HIS O 62 18.83 -27.78 -12.72
C HIS O 62 18.29 -29.21 -12.67
N SER O 63 19.11 -30.19 -12.31
CA SER O 63 18.62 -31.56 -12.22
C SER O 63 19.25 -32.31 -11.09
N ILE O 64 18.57 -33.33 -10.60
CA ILE O 64 19.11 -34.19 -9.57
C ILE O 64 19.66 -35.37 -10.34
N GLY O 65 20.97 -35.46 -10.45
CA GLY O 65 21.59 -36.45 -11.32
C GLY O 65 21.49 -36.05 -12.78
N LYS O 66 22.11 -36.85 -13.63
CA LYS O 66 22.06 -36.68 -15.08
C LYS O 66 22.77 -35.43 -15.52
N ILE O 67 23.71 -34.98 -14.71
CA ILE O 67 24.55 -33.85 -15.01
C ILE O 67 25.97 -34.36 -14.95
N GLY O 68 26.69 -34.28 -16.06
CA GLY O 68 28.09 -34.67 -16.06
C GLY O 68 28.84 -34.07 -17.21
N GLY O 69 30.15 -34.26 -17.24
CA GLY O 69 30.96 -33.76 -18.36
C GLY O 69 30.32 -34.09 -19.70
N ALA O 70 30.12 -35.39 -19.95
CA ALA O 70 29.66 -35.87 -21.26
C ALA O 70 28.18 -35.55 -21.53
N GLN O 71 27.37 -35.71 -20.49
CA GLN O 71 25.96 -35.38 -20.56
C GLN O 71 25.78 -33.89 -20.83
N ASN O 72 26.46 -33.06 -20.06
CA ASN O 72 26.39 -31.63 -20.28
C ASN O 72 26.74 -31.24 -21.72
N ARG O 73 27.75 -31.90 -22.28
CA ARG O 73 28.10 -31.71 -23.68
C ARG O 73 26.93 -32.05 -24.60
N SER O 74 26.28 -33.18 -24.35
CA SER O 74 25.23 -33.64 -25.25
C SER O 74 24.02 -32.71 -25.17
N TYR O 75 23.75 -32.24 -23.96
CA TYR O 75 22.66 -31.32 -23.72
C TYR O 75 22.94 -30.02 -24.43
N SER O 76 24.20 -29.59 -24.41
CA SER O 76 24.60 -28.31 -25.02
C SER O 76 24.48 -28.33 -26.54
N LYS O 77 24.91 -29.43 -27.17
CA LYS O 77 24.75 -29.59 -28.61
C LYS O 77 23.26 -29.59 -28.98
N LEU O 78 22.49 -30.22 -28.12
CA LEU O 78 21.05 -30.31 -28.31
C LEU O 78 20.38 -28.94 -28.24
N LEU O 79 20.60 -28.24 -27.14
CA LEU O 79 19.82 -27.06 -26.83
C LEU O 79 20.22 -25.89 -27.69
N CYS O 80 21.53 -25.73 -27.90
CA CYS O 80 22.06 -24.75 -28.85
C CYS O 80 21.47 -25.00 -30.21
N GLY O 81 21.40 -26.27 -30.60
CA GLY O 81 20.81 -26.68 -31.88
C GLY O 81 19.34 -26.30 -31.99
N LEU O 82 18.60 -26.50 -30.91
CA LEU O 82 17.21 -26.05 -30.86
C LEU O 82 17.11 -24.54 -30.90
N LEU O 83 17.90 -23.86 -30.05
CA LEU O 83 17.92 -22.41 -30.03
C LEU O 83 18.27 -21.81 -31.39
N ALA O 84 19.15 -22.46 -32.15
CA ALA O 84 19.55 -21.94 -33.47
C ALA O 84 18.45 -22.12 -34.51
N GLU O 85 17.71 -23.22 -34.45
CA GLU O 85 16.68 -23.47 -35.45
C GLU O 85 15.43 -22.62 -35.19
N ARG O 86 14.95 -22.60 -33.95
CA ARG O 86 13.65 -22.00 -33.64
C ARG O 86 13.74 -20.53 -33.31
N LEU O 87 14.78 -20.14 -32.60
CA LEU O 87 14.98 -18.73 -32.26
C LEU O 87 16.07 -18.04 -33.08
N ARG O 88 16.71 -18.78 -33.99
CA ARG O 88 17.76 -18.23 -34.88
C ARG O 88 18.81 -17.45 -34.06
N ILE O 89 19.20 -18.00 -32.93
CA ILE O 89 20.28 -17.46 -32.13
C ILE O 89 21.53 -18.31 -32.33
N SER O 90 22.66 -17.65 -32.59
CA SER O 90 23.94 -18.33 -32.82
C SER O 90 24.47 -19.06 -31.60
N PRO O 91 24.85 -20.34 -31.76
CA PRO O 91 25.35 -21.14 -30.64
C PRO O 91 26.45 -20.43 -29.86
N ASP O 92 27.32 -19.69 -30.54
CA ASP O 92 28.39 -19.02 -29.82
C ASP O 92 27.94 -17.73 -29.11
N ARG O 93 26.63 -17.47 -29.07
CA ARG O 93 26.06 -16.41 -28.25
C ARG O 93 25.06 -17.02 -27.28
N VAL O 94 25.35 -18.26 -26.86
CA VAL O 94 24.57 -18.99 -25.87
C VAL O 94 25.46 -19.60 -24.79
N TYR O 95 25.17 -19.26 -23.53
CA TYR O 95 25.73 -19.90 -22.35
C TYR O 95 24.65 -20.70 -21.69
N ILE O 96 24.95 -21.92 -21.28
CA ILE O 96 24.05 -22.71 -20.43
C ILE O 96 24.80 -23.10 -19.16
N ASN O 97 24.19 -22.89 -18.00
CA ASN O 97 24.71 -23.41 -16.72
C ASN O 97 24.00 -24.68 -16.25
N TYR O 98 24.80 -25.72 -15.96
CA TYR O 98 24.28 -26.98 -15.48
C TYR O 98 24.52 -27.09 -13.97
N TYR O 99 23.47 -27.51 -13.26
CA TYR O 99 23.46 -27.66 -11.82
C TYR O 99 22.99 -29.06 -11.48
N ASP O 100 23.89 -29.84 -10.89
CA ASP O 100 23.56 -31.15 -10.36
C ASP O 100 23.15 -30.86 -8.94
N MET O 101 21.85 -30.93 -8.67
CA MET O 101 21.33 -30.61 -7.35
C MET O 101 21.25 -31.82 -6.43
N ASN O 102 21.40 -31.58 -5.15
CA ASN O 102 21.13 -32.62 -4.17
C ASN O 102 19.63 -32.76 -3.94
N ALA O 103 19.13 -33.98 -3.81
CA ALA O 103 17.68 -34.19 -3.61
C ALA O 103 17.12 -33.39 -2.39
N ALA O 104 17.96 -33.18 -1.38
CA ALA O 104 17.60 -32.39 -0.20
C ALA O 104 17.47 -30.90 -0.46
N ASN O 105 18.00 -30.44 -1.59
CA ASN O 105 17.95 -29.03 -1.96
C ASN O 105 16.95 -28.73 -3.08
N VAL O 106 16.05 -29.67 -3.38
CA VAL O 106 14.96 -29.41 -4.32
C VAL O 106 13.58 -29.66 -3.69
N GLY O 107 12.83 -28.59 -3.53
CA GLY O 107 11.49 -28.71 -2.99
C GLY O 107 10.52 -29.11 -4.07
N TRP O 108 9.64 -30.05 -3.75
CA TRP O 108 8.52 -30.35 -4.61
C TRP O 108 7.38 -30.92 -3.76
N ASN O 109 6.17 -30.46 -4.06
CA ASN O 109 4.98 -31.08 -3.52
C ASN O 109 4.99 -31.14 -2.00
N ASN O 110 5.27 -30.00 -1.36
CA ASN O 110 5.25 -29.87 0.10
C ASN O 110 6.43 -30.46 0.87
N SER O 111 7.38 -31.02 0.14
CA SER O 111 8.55 -31.59 0.78
C SER O 111 9.71 -31.44 -0.19
N THR O 112 10.83 -32.09 0.11
CA THR O 112 11.94 -32.15 -0.81
C THR O 112 11.94 -33.50 -1.46
N PHE O 113 12.80 -33.69 -2.45
CA PHE O 113 12.98 -35.02 -3.04
C PHE O 113 13.68 -36.02 -2.10
N ALA O 114 14.34 -35.53 -1.05
CA ALA O 114 15.04 -36.40 -0.12
C ALA O 114 14.18 -36.85 1.08
N PRO P 1 35.84 28.91 8.84
CA PRO P 1 35.09 28.60 7.62
C PRO P 1 33.65 28.20 7.90
N MET P 2 32.76 28.63 7.03
CA MET P 2 31.36 28.44 7.28
C MET P 2 30.79 27.72 6.09
N PHE P 3 29.99 26.70 6.34
CA PHE P 3 29.34 25.97 5.26
C PHE P 3 27.81 25.90 5.41
N ILE P 4 27.10 26.26 4.36
CA ILE P 4 25.67 26.30 4.43
C ILE P 4 25.11 25.40 3.35
N VAL P 5 24.04 24.69 3.65
CA VAL P 5 23.37 23.94 2.60
C VAL P 5 21.84 24.09 2.65
N ASN P 6 21.25 24.48 1.52
CA ASN P 6 19.81 24.55 1.37
C ASN P 6 19.38 23.45 0.39
N THR P 7 18.34 22.72 0.76
CA THR P 7 17.84 21.66 -0.10
C THR P 7 16.35 21.41 0.12
N ASN P 8 15.72 20.86 -0.91
CA ASN P 8 14.29 20.48 -0.83
C ASN P 8 14.05 19.11 -0.19
N VAL P 9 15.13 18.36 0.04
CA VAL P 9 15.09 17.14 0.84
C VAL P 9 14.50 17.43 2.24
N PRO P 10 13.55 16.59 2.69
CA PRO P 10 12.93 16.78 4.02
C PRO P 10 13.85 16.63 5.24
N ARG P 11 13.49 17.30 6.34
CA ARG P 11 14.18 17.17 7.62
C ARG P 11 14.51 15.71 7.93
N ALA P 12 13.51 14.86 7.88
CA ALA P 12 13.64 13.46 8.26
C ALA P 12 14.65 12.68 7.40
N SER P 13 14.97 13.16 6.22
CA SER P 13 15.96 12.49 5.39
C SER P 13 17.37 12.91 5.71
N VAL P 14 17.52 13.94 6.54
CA VAL P 14 18.84 14.32 7.02
C VAL P 14 19.18 13.42 8.18
N PRO P 15 20.17 12.55 7.99
CA PRO P 15 20.47 11.64 9.09
C PRO P 15 21.17 12.37 10.22
N ASP P 16 21.08 11.78 11.41
CA ASP P 16 21.81 12.32 12.56
C ASP P 16 23.30 12.23 12.24
N GLY P 17 24.09 13.07 12.90
CA GLY P 17 25.55 13.02 12.74
C GLY P 17 26.04 13.72 11.48
N PHE P 18 25.11 14.32 10.75
CA PHE P 18 25.42 14.95 9.48
C PHE P 18 26.12 16.31 9.61
N LEU P 19 25.78 17.07 10.64
CA LEU P 19 26.48 18.32 10.90
C LEU P 19 27.86 18.00 11.43
N SER P 20 27.99 16.87 12.09
CA SER P 20 29.28 16.43 12.61
C SER P 20 30.22 16.00 11.49
N GLU P 21 29.73 15.13 10.64
CA GLU P 21 30.52 14.68 9.53
C GLU P 21 31.00 15.85 8.70
N LEU P 22 30.09 16.77 8.37
CA LEU P 22 30.47 18.02 7.69
C LEU P 22 31.55 18.81 8.44
N THR P 23 31.37 19.03 9.74
CA THR P 23 32.34 19.83 10.52
C THR P 23 33.72 19.26 10.41
N GLN P 24 33.79 17.94 10.46
CA GLN P 24 35.07 17.28 10.55
C GLN P 24 35.67 17.09 9.16
N GLN P 25 34.86 16.73 8.18
CA GLN P 25 35.38 16.61 6.83
C GLN P 25 35.93 17.94 6.35
N LEU P 26 35.21 19.00 6.64
CA LEU P 26 35.65 20.34 6.27
C LEU P 26 36.83 20.83 7.09
N ALA P 27 37.02 20.29 8.29
CA ALA P 27 38.20 20.65 9.09
C ALA P 27 39.45 20.08 8.42
N GLN P 28 39.35 18.83 8.00
CA GLN P 28 40.43 18.17 7.26
C GLN P 28 40.72 18.95 5.95
N ALA P 29 39.68 19.12 5.14
CA ALA P 29 39.81 19.67 3.78
C ALA P 29 40.33 21.11 3.73
N THR P 30 39.88 21.93 4.65
CA THR P 30 40.29 23.34 4.71
C THR P 30 41.55 23.53 5.51
N GLY P 31 41.98 22.49 6.21
CA GLY P 31 43.17 22.57 7.05
C GLY P 31 42.96 23.48 8.24
N LYS P 32 41.72 23.58 8.70
CA LYS P 32 41.38 24.48 9.79
C LYS P 32 40.87 23.63 10.96
N PRO P 33 41.15 24.08 12.22
CA PRO P 33 40.72 23.37 13.42
C PRO P 33 39.22 23.31 13.50
N PRO P 34 38.67 22.15 13.82
CA PRO P 34 37.21 22.04 13.81
C PRO P 34 36.46 23.08 14.66
N GLN P 35 37.13 23.74 15.61
CA GLN P 35 36.48 24.72 16.48
C GLN P 35 36.05 25.98 15.71
N TYR P 36 36.75 26.26 14.60
CA TYR P 36 36.44 27.42 13.76
C TYR P 36 35.48 27.14 12.62
N ILE P 37 34.98 25.91 12.52
CA ILE P 37 34.08 25.52 11.46
C ILE P 37 32.62 25.62 11.89
N ALA P 38 31.81 26.22 11.05
CA ALA P 38 30.40 26.33 11.34
C ALA P 38 29.64 25.75 10.16
N VAL P 39 28.74 24.82 10.43
CA VAL P 39 27.83 24.33 9.42
C VAL P 39 26.38 24.62 9.81
N HIS P 40 25.56 24.69 8.76
CA HIS P 40 24.19 25.12 8.84
C HIS P 40 23.44 24.30 7.81
N VAL P 41 22.41 23.58 8.25
CA VAL P 41 21.61 22.84 7.29
C VAL P 41 20.16 23.34 7.34
N VAL P 42 19.57 23.41 6.14
CA VAL P 42 18.24 23.99 5.94
C VAL P 42 17.48 23.17 4.92
N PRO P 43 16.80 22.10 5.40
CA PRO P 43 16.03 21.19 4.57
C PRO P 43 14.61 21.69 4.38
N ASP P 44 13.77 20.91 3.69
CA ASP P 44 12.33 21.22 3.47
C ASP P 44 12.17 22.53 2.79
N GLN P 45 13.07 22.85 1.87
CA GLN P 45 12.96 24.13 1.17
C GLN P 45 12.22 24.03 -0.14
N LEU P 46 11.54 25.14 -0.44
CA LEU P 46 10.80 25.33 -1.68
C LEU P 46 11.79 25.82 -2.74
N MET P 47 12.24 24.88 -3.56
CA MET P 47 13.27 25.19 -4.54
C MET P 47 13.22 24.25 -5.74
N ALA P 48 13.85 24.72 -6.81
CA ALA P 48 13.88 24.01 -8.06
C ALA P 48 15.26 24.16 -8.68
N PHE P 49 15.58 23.23 -9.53
CA PHE P 49 16.85 23.18 -10.18
C PHE P 49 16.57 22.67 -11.59
N GLY P 50 16.79 23.52 -12.58
CA GLY P 50 16.57 23.15 -13.97
C GLY P 50 15.11 23.04 -14.33
N GLY P 51 14.26 23.81 -13.67
CA GLY P 51 12.80 23.65 -13.77
C GLY P 51 12.18 22.50 -12.96
N SER P 52 12.98 21.56 -12.48
CA SER P 52 12.53 20.32 -11.81
C SER P 52 12.51 20.42 -10.27
N SER P 53 11.63 19.65 -9.64
CA SER P 53 11.53 19.61 -8.17
C SER P 53 12.23 18.41 -7.53
N GLU P 54 12.87 17.57 -8.34
CA GLU P 54 13.71 16.49 -7.82
C GLU P 54 14.72 17.02 -6.77
N PRO P 55 15.23 16.12 -5.90
CA PRO P 55 16.18 16.53 -4.86
C PRO P 55 17.38 17.29 -5.40
N CYS P 56 17.71 18.38 -4.72
CA CYS P 56 18.71 19.33 -5.17
C CYS P 56 19.16 20.15 -3.99
N ALA P 57 20.30 20.85 -4.17
CA ALA P 57 20.90 21.64 -3.09
C ALA P 57 21.66 22.83 -3.61
N LEU P 58 21.61 23.93 -2.87
CA LEU P 58 22.38 25.13 -3.14
C LEU P 58 23.13 25.42 -1.89
N CYS P 59 24.44 25.29 -1.96
CA CYS P 59 25.31 25.49 -0.80
C CYS P 59 26.26 26.62 -1.06
N SER P 60 26.85 27.12 0.01
CA SER P 60 27.95 28.04 -0.10
C SER P 60 29.02 27.74 0.93
N LEU P 61 30.26 28.06 0.61
CA LEU P 61 31.39 27.90 1.52
C LEU P 61 32.16 29.23 1.61
N HIS P 62 32.18 29.82 2.81
CA HIS P 62 32.91 31.04 3.06
C HIS P 62 34.08 30.68 3.91
N SER P 63 35.23 31.28 3.64
CA SER P 63 36.47 31.02 4.38
C SER P 63 37.50 32.08 4.11
N ILE P 64 38.26 32.47 5.13
CA ILE P 64 39.37 33.40 4.95
C ILE P 64 40.51 32.58 4.35
N GLY P 65 40.86 32.81 3.10
CA GLY P 65 41.88 32.01 2.44
C GLY P 65 41.39 30.62 2.10
N LYS P 66 42.28 29.78 1.56
CA LYS P 66 41.93 28.38 1.31
C LYS P 66 40.86 28.21 0.24
N ILE P 67 40.80 29.18 -0.67
CA ILE P 67 39.86 29.18 -1.77
C ILE P 67 40.58 29.48 -3.06
N GLY P 68 40.33 28.67 -4.08
CA GLY P 68 41.00 28.78 -5.35
C GLY P 68 40.65 27.59 -6.21
N GLY P 69 41.24 27.55 -7.41
CA GLY P 69 40.87 26.60 -8.41
C GLY P 69 40.97 25.17 -7.96
N ALA P 70 42.15 24.77 -7.49
CA ALA P 70 42.37 23.36 -7.18
C ALA P 70 41.63 23.00 -5.91
N GLN P 71 41.63 23.92 -4.96
CA GLN P 71 40.98 23.66 -3.69
C GLN P 71 39.48 23.49 -3.87
N ASN P 72 38.90 24.33 -4.71
CA ASN P 72 37.47 24.30 -4.90
C ASN P 72 37.03 23.04 -5.63
N ARG P 73 37.79 22.61 -6.64
CA ARG P 73 37.45 21.34 -7.31
C ARG P 73 37.41 20.22 -6.29
N SER P 74 38.33 20.33 -5.33
CA SER P 74 38.46 19.36 -4.25
C SER P 74 37.35 19.46 -3.21
N TYR P 75 37.02 20.68 -2.77
CA TYR P 75 35.83 20.85 -1.93
C TYR P 75 34.60 20.27 -2.59
N SER P 76 34.44 20.49 -3.89
CA SER P 76 33.23 20.09 -4.55
C SER P 76 33.14 18.59 -4.71
N LYS P 77 34.27 17.91 -4.91
CA LYS P 77 34.24 16.45 -4.97
C LYS P 77 33.76 15.89 -3.61
N LEU P 78 34.30 16.45 -2.55
CA LEU P 78 33.95 16.05 -1.20
C LEU P 78 32.46 16.25 -0.89
N LEU P 79 31.98 17.46 -1.10
CA LEU P 79 30.63 17.85 -0.68
C LEU P 79 29.56 17.19 -1.55
N CYS P 80 29.69 17.28 -2.86
CA CYS P 80 28.80 16.47 -3.72
C CYS P 80 28.78 15.02 -3.30
N GLY P 81 29.94 14.48 -2.93
CA GLY P 81 30.03 13.11 -2.45
C GLY P 81 29.16 12.87 -1.23
N LEU P 82 29.25 13.79 -0.26
CA LEU P 82 28.46 13.70 0.97
C LEU P 82 26.98 13.80 0.71
N LEU P 83 26.57 14.77 -0.09
CA LEU P 83 25.17 15.01 -0.30
C LEU P 83 24.51 13.88 -1.05
N ALA P 84 25.24 13.29 -2.00
CA ALA P 84 24.78 12.11 -2.72
C ALA P 84 24.56 10.95 -1.78
N GLU P 85 25.61 10.63 -1.03
CA GLU P 85 25.63 9.48 -0.13
C GLU P 85 24.63 9.67 1.06
N ARG P 86 24.58 10.87 1.63
CA ARG P 86 23.83 11.11 2.85
C ARG P 86 22.41 11.64 2.60
N LEU P 87 22.23 12.46 1.57
CA LEU P 87 20.92 13.03 1.30
C LEU P 87 20.29 12.50 -0.01
N ARG P 88 21.03 11.70 -0.77
CA ARG P 88 20.56 11.12 -2.04
C ARG P 88 20.28 12.17 -3.12
N ILE P 89 21.06 13.24 -3.08
CA ILE P 89 20.99 14.29 -4.08
C ILE P 89 22.01 14.02 -5.17
N SER P 90 21.55 14.02 -6.42
CA SER P 90 22.44 13.90 -7.57
C SER P 90 23.44 15.06 -7.63
N PRO P 91 24.73 14.76 -7.91
CA PRO P 91 25.74 15.82 -8.02
C PRO P 91 25.44 16.89 -9.08
N ASP P 92 24.83 16.47 -10.18
CA ASP P 92 24.41 17.42 -11.21
C ASP P 92 23.20 18.27 -10.79
N ARG P 93 22.78 18.17 -9.53
CA ARG P 93 21.72 19.01 -8.99
C ARG P 93 22.15 19.74 -7.72
N VAL P 94 23.46 19.94 -7.58
CA VAL P 94 24.01 20.72 -6.49
C VAL P 94 24.82 21.89 -7.03
N TYR P 95 24.70 23.07 -6.43
CA TYR P 95 25.61 24.15 -6.72
C TYR P 95 26.22 24.55 -5.43
N ILE P 96 27.51 24.84 -5.47
CA ILE P 96 28.21 25.31 -4.28
C ILE P 96 28.95 26.56 -4.68
N ASN P 97 28.68 27.66 -3.99
CA ASN P 97 29.42 28.90 -4.25
C ASN P 97 30.46 29.11 -3.19
N TYR P 98 31.67 29.45 -3.63
CA TYR P 98 32.86 29.59 -2.76
C TYR P 98 33.17 31.07 -2.68
N TYR P 99 33.45 31.56 -1.47
CA TYR P 99 33.78 32.96 -1.24
C TYR P 99 35.04 33.05 -0.41
N ASP P 100 36.03 33.71 -0.95
CA ASP P 100 37.27 33.95 -0.25
C ASP P 100 37.15 35.28 0.46
N MET P 101 36.85 35.22 1.74
CA MET P 101 36.70 36.44 2.55
C MET P 101 38.02 36.98 2.99
N ASN P 102 38.10 38.29 3.05
CA ASN P 102 39.22 38.95 3.65
C ASN P 102 38.97 38.94 5.11
N ALA P 103 40.05 38.94 5.90
CA ALA P 103 39.93 38.86 7.36
C ALA P 103 39.17 40.04 7.93
N ALA P 104 39.49 41.25 7.45
CA ALA P 104 38.77 42.47 7.86
C ALA P 104 37.25 42.35 7.69
N ASN P 105 36.76 41.54 6.78
CA ASN P 105 35.31 41.40 6.56
C ASN P 105 34.64 40.20 7.21
N VAL P 106 35.22 39.71 8.30
CA VAL P 106 34.58 38.67 9.05
C VAL P 106 34.66 39.05 10.51
N GLY P 107 33.51 39.29 11.11
CA GLY P 107 33.38 39.40 12.56
C GLY P 107 33.31 38.08 13.34
N TRP P 108 34.02 38.04 14.45
CA TRP P 108 33.92 36.93 15.40
C TRP P 108 34.36 37.40 16.78
N ASN P 109 33.66 36.96 17.81
CA ASN P 109 34.02 37.29 19.21
C ASN P 109 34.31 38.74 19.45
N ASN P 110 33.32 39.60 19.20
CA ASN P 110 33.38 41.08 19.47
C ASN P 110 34.35 41.90 18.64
N SER P 111 35.05 41.27 17.69
CA SER P 111 36.03 41.93 16.83
C SER P 111 36.06 41.20 15.46
N THR P 112 37.09 41.43 14.67
CA THR P 112 37.22 40.76 13.38
C THR P 112 38.55 40.09 13.33
N PHE P 113 38.75 39.25 12.30
CA PHE P 113 40.04 38.59 12.13
C PHE P 113 41.12 39.51 11.53
N ALA P 114 40.73 40.72 11.15
CA ALA P 114 41.64 41.61 10.43
C ALA P 114 43.14 41.28 10.64
N PRO Q 1 22.94 29.72 -12.98
CA PRO Q 1 22.52 30.85 -12.16
C PRO Q 1 21.58 30.45 -11.05
N MET Q 2 21.55 31.28 -10.03
CA MET Q 2 20.93 30.97 -8.77
C MET Q 2 20.20 32.21 -8.25
N PHE Q 3 18.87 32.13 -8.17
CA PHE Q 3 18.07 33.23 -7.63
C PHE Q 3 17.46 32.82 -6.30
N ILE Q 4 17.54 33.71 -5.32
CA ILE Q 4 16.97 33.45 -4.00
C ILE Q 4 16.04 34.59 -3.54
N VAL Q 5 14.85 34.25 -3.03
CA VAL Q 5 13.92 35.20 -2.41
C VAL Q 5 13.60 34.85 -0.95
N ASN Q 6 13.91 35.78 -0.05
CA ASN Q 6 13.44 35.68 1.33
C ASN Q 6 12.37 36.75 1.57
N THR Q 7 11.19 36.34 2.04
CA THR Q 7 10.10 37.31 2.28
C THR Q 7 9.32 36.94 3.52
N ASN Q 8 8.71 37.94 4.17
CA ASN Q 8 7.77 37.69 5.26
C ASN Q 8 6.31 37.42 4.80
N VAL Q 9 6.05 37.46 3.49
CA VAL Q 9 4.78 37.00 2.92
C VAL Q 9 4.60 35.50 3.12
N PRO Q 10 3.43 35.07 3.63
CA PRO Q 10 3.26 33.64 3.92
C PRO Q 10 3.25 32.74 2.69
N ARG Q 11 3.43 31.43 2.92
CA ARG Q 11 3.56 30.43 1.86
C ARG Q 11 2.29 30.34 1.02
N ALA Q 12 1.13 30.47 1.66
CA ALA Q 12 -0.15 30.45 0.94
C ALA Q 12 -0.25 31.54 -0.15
N SER Q 13 0.51 32.63 0.01
CA SER Q 13 0.56 33.74 -0.96
C SER Q 13 1.66 33.61 -2.02
N VAL Q 14 2.35 32.47 -2.06
CA VAL Q 14 3.14 32.13 -3.24
C VAL Q 14 2.26 31.39 -4.24
N PRO Q 15 2.15 31.93 -5.45
CA PRO Q 15 1.38 31.19 -6.46
C PRO Q 15 2.05 29.88 -6.80
N ASP Q 16 1.27 28.87 -7.17
CA ASP Q 16 1.82 27.72 -7.88
C ASP Q 16 2.22 28.26 -9.26
N GLY Q 17 3.30 27.72 -9.81
CA GLY Q 17 3.86 28.23 -11.07
C GLY Q 17 4.96 29.28 -10.86
N PHE Q 18 5.06 29.79 -9.63
CA PHE Q 18 6.02 30.85 -9.33
C PHE Q 18 7.51 30.50 -9.60
N LEU Q 19 7.96 29.33 -9.16
CA LEU Q 19 9.32 28.89 -9.47
C LEU Q 19 9.49 28.51 -10.95
N SER Q 20 8.42 28.08 -11.61
CA SER Q 20 8.49 27.86 -13.07
C SER Q 20 8.71 29.18 -13.78
N GLU Q 21 8.03 30.21 -13.31
CA GLU Q 21 8.03 31.49 -13.97
C GLU Q 21 9.37 32.20 -13.74
N LEU Q 22 9.84 32.20 -12.50
CA LEU Q 22 11.16 32.74 -12.19
C LEU Q 22 12.22 32.09 -13.06
N THR Q 23 12.07 30.79 -13.28
CA THR Q 23 13.03 29.99 -14.04
C THR Q 23 13.07 30.43 -15.50
N GLN Q 24 11.93 30.54 -16.15
CA GLN Q 24 11.87 30.90 -17.58
C GLN Q 24 12.19 32.36 -17.85
N GLN Q 25 11.77 33.22 -16.92
CA GLN Q 25 12.10 34.65 -16.96
C GLN Q 25 13.60 34.95 -16.85
N LEU Q 26 14.26 34.33 -15.87
CA LEU Q 26 15.68 34.55 -15.68
C LEU Q 26 16.46 33.90 -16.80
N ALA Q 27 15.98 32.75 -17.27
CA ALA Q 27 16.59 32.12 -18.44
C ALA Q 27 16.45 33.01 -19.67
N GLN Q 28 15.28 33.59 -19.88
CA GLN Q 28 15.07 34.55 -20.96
C GLN Q 28 16.02 35.72 -20.74
N ALA Q 29 16.06 36.27 -19.52
CA ALA Q 29 16.85 37.48 -19.22
C ALA Q 29 18.39 37.26 -19.22
N THR Q 30 18.89 36.20 -18.58
CA THR Q 30 20.33 35.93 -18.52
C THR Q 30 20.89 35.27 -19.78
N GLY Q 31 20.05 34.71 -20.63
CA GLY Q 31 20.53 33.96 -21.80
C GLY Q 31 21.08 32.59 -21.43
N LYS Q 32 20.84 32.19 -20.18
CA LYS Q 32 21.35 30.93 -19.62
C LYS Q 32 20.25 29.90 -19.73
N PRO Q 33 20.58 28.69 -20.18
CA PRO Q 33 19.45 27.76 -20.27
C PRO Q 33 18.76 27.53 -18.91
N PRO Q 34 17.47 27.17 -18.93
CA PRO Q 34 16.70 26.79 -17.75
C PRO Q 34 17.38 25.70 -16.92
N GLN Q 35 17.88 24.66 -17.58
CA GLN Q 35 18.58 23.53 -16.92
C GLN Q 35 19.62 23.92 -15.89
N TYR Q 36 20.19 25.12 -16.02
CA TYR Q 36 21.17 25.64 -15.07
C TYR Q 36 20.55 26.65 -14.12
N ILE Q 37 19.30 27.01 -14.34
CA ILE Q 37 18.67 27.99 -13.47
C ILE Q 37 18.29 27.31 -12.15
N ALA Q 38 18.59 27.97 -11.05
CA ALA Q 38 18.19 27.48 -9.75
C ALA Q 38 17.51 28.58 -9.02
N VAL Q 39 16.30 28.27 -8.55
CA VAL Q 39 15.44 29.23 -7.82
C VAL Q 39 15.08 28.66 -6.45
N HIS Q 40 14.97 29.56 -5.49
CA HIS Q 40 14.72 29.20 -4.11
C HIS Q 40 13.87 30.30 -3.50
N VAL Q 41 12.60 29.97 -3.21
CA VAL Q 41 11.70 30.87 -2.49
C VAL Q 41 11.63 30.49 -1.00
N VAL Q 42 11.66 31.50 -0.13
CA VAL Q 42 11.62 31.27 1.30
C VAL Q 42 10.63 32.26 1.91
N PRO Q 43 9.38 31.81 2.11
CA PRO Q 43 8.35 32.63 2.69
C PRO Q 43 8.30 32.57 4.24
N ASP Q 44 7.32 33.28 4.82
CA ASP Q 44 7.04 33.27 6.26
C ASP Q 44 8.21 33.75 7.12
N GLN Q 45 9.10 34.53 6.52
CA GLN Q 45 10.30 34.90 7.23
C GLN Q 45 10.01 35.94 8.29
N LEU Q 46 10.84 35.94 9.33
CA LEU Q 46 10.75 36.90 10.41
C LEU Q 46 11.68 38.08 10.09
N MET Q 47 11.18 39.01 9.27
CA MET Q 47 11.96 40.12 8.77
C MET Q 47 11.24 41.45 8.72
N ALA Q 48 12.03 42.52 8.71
CA ALA Q 48 11.52 43.89 8.57
C ALA Q 48 12.39 44.75 7.65
N PHE Q 49 11.76 45.79 7.12
CA PHE Q 49 12.41 46.72 6.22
C PHE Q 49 12.12 48.14 6.70
N GLY Q 50 13.19 48.84 7.08
CA GLY Q 50 13.06 50.19 7.60
C GLY Q 50 12.17 50.23 8.83
N GLY Q 51 12.33 49.23 9.70
CA GLY Q 51 11.63 49.20 11.00
C GLY Q 51 10.30 48.47 11.01
N SER Q 52 9.71 48.27 9.82
CA SER Q 52 8.32 47.82 9.68
C SER Q 52 8.18 46.46 9.01
N SER Q 53 7.30 45.63 9.54
CA SER Q 53 7.14 44.25 9.10
C SER Q 53 6.09 44.10 8.02
N GLU Q 54 5.78 45.19 7.31
CA GLU Q 54 4.92 45.08 6.15
C GLU Q 54 5.70 44.26 5.09
N PRO Q 55 4.99 43.69 4.09
CA PRO Q 55 5.68 42.85 3.09
C PRO Q 55 6.98 43.45 2.51
N CYS Q 56 8.05 42.68 2.59
CA CYS Q 56 9.33 43.01 1.97
C CYS Q 56 9.98 41.75 1.45
N ALA Q 57 11.04 41.92 0.67
CA ALA Q 57 11.81 40.79 0.13
C ALA Q 57 13.33 41.08 0.15
N LEU Q 58 14.11 40.08 0.53
CA LEU Q 58 15.54 40.16 0.41
C LEU Q 58 15.98 39.03 -0.53
N CYS Q 59 16.65 39.42 -1.62
CA CYS Q 59 17.03 38.49 -2.69
C CYS Q 59 18.49 38.56 -3.04
N SER Q 60 18.89 37.62 -3.89
CA SER Q 60 20.22 37.58 -4.44
C SER Q 60 20.17 36.76 -5.71
N LEU Q 61 20.97 37.17 -6.69
CA LEU Q 61 21.13 36.46 -7.95
C LEU Q 61 22.61 36.20 -8.21
N HIS Q 62 22.98 34.94 -8.30
CA HIS Q 62 24.36 34.60 -8.61
C HIS Q 62 24.43 34.14 -10.05
N SER Q 63 25.48 34.57 -10.74
CA SER Q 63 25.72 34.10 -12.07
C SER Q 63 27.18 34.24 -12.46
N ILE Q 64 27.61 33.27 -13.24
CA ILE Q 64 28.90 33.31 -13.85
C ILE Q 64 28.73 34.22 -15.06
N GLY Q 65 28.91 35.52 -14.86
CA GLY Q 65 28.72 36.46 -15.92
C GLY Q 65 27.26 36.80 -16.13
N LYS Q 66 27.02 37.64 -17.12
CA LYS Q 66 25.70 38.22 -17.38
C LYS Q 66 25.25 39.07 -16.19
N ILE Q 67 26.21 39.69 -15.53
CA ILE Q 67 25.99 40.58 -14.40
C ILE Q 67 26.71 41.86 -14.69
N GLY Q 68 26.03 42.98 -14.59
CA GLY Q 68 26.65 44.28 -14.87
C GLY Q 68 25.64 45.41 -14.76
N GLY Q 69 26.12 46.66 -14.85
CA GLY Q 69 25.27 47.83 -14.69
C GLY Q 69 23.92 47.78 -15.40
N ALA Q 70 23.97 47.63 -16.72
CA ALA Q 70 22.75 47.65 -17.53
C ALA Q 70 22.00 46.35 -17.34
N GLN Q 71 22.73 45.25 -17.17
CA GLN Q 71 22.08 43.97 -16.95
C GLN Q 71 21.32 44.00 -15.61
N ASN Q 72 21.94 44.53 -14.56
CA ASN Q 72 21.32 44.51 -13.23
C ASN Q 72 20.07 45.43 -13.10
N ARG Q 73 20.12 46.58 -13.75
CA ARG Q 73 18.95 47.47 -13.84
C ARG Q 73 17.81 46.72 -14.50
N SER Q 74 18.13 46.05 -15.59
CA SER Q 74 17.16 45.22 -16.29
C SER Q 74 16.59 44.14 -15.39
N TYR Q 75 17.45 43.31 -14.82
CA TYR Q 75 17.01 42.26 -13.86
C TYR Q 75 16.18 42.81 -12.67
N SER Q 76 16.61 43.90 -12.09
CA SER Q 76 15.87 44.49 -10.96
C SER Q 76 14.45 44.90 -11.37
N LYS Q 77 14.33 45.46 -12.57
CA LYS Q 77 13.01 45.85 -13.09
C LYS Q 77 12.17 44.59 -13.32
N LEU Q 78 12.79 43.58 -13.90
CA LEU Q 78 12.10 42.32 -14.11
C LEU Q 78 11.67 41.69 -12.77
N LEU Q 79 12.61 41.55 -11.86
CA LEU Q 79 12.38 40.78 -10.65
C LEU Q 79 11.43 41.51 -9.72
N CYS Q 80 11.65 42.81 -9.55
CA CYS Q 80 10.77 43.61 -8.74
C CYS Q 80 9.35 43.57 -9.29
N GLY Q 81 9.25 43.59 -10.62
CA GLY Q 81 7.97 43.47 -11.30
C GLY Q 81 7.23 42.24 -10.88
N LEU Q 82 7.94 41.11 -10.85
CA LEU Q 82 7.34 39.83 -10.47
C LEU Q 82 6.96 39.77 -9.00
N LEU Q 83 7.78 40.36 -8.14
CA LEU Q 83 7.52 40.33 -6.70
C LEU Q 83 6.32 41.18 -6.29
N ALA Q 84 6.25 42.39 -6.85
CA ALA Q 84 5.06 43.22 -6.78
C ALA Q 84 3.83 42.52 -7.39
N GLU Q 85 3.96 41.97 -8.58
CA GLU Q 85 2.78 41.41 -9.27
C GLU Q 85 2.30 40.09 -8.70
N ARG Q 86 3.22 39.21 -8.29
CA ARG Q 86 2.85 37.86 -7.83
C ARG Q 86 2.74 37.73 -6.33
N LEU Q 87 3.52 38.53 -5.59
CA LEU Q 87 3.54 38.47 -4.13
C LEU Q 87 3.10 39.78 -3.48
N ARG Q 88 2.61 40.73 -4.28
CA ARG Q 88 2.12 42.02 -3.78
C ARG Q 88 3.14 42.70 -2.88
N ILE Q 89 4.40 42.63 -3.28
CA ILE Q 89 5.45 43.32 -2.54
C ILE Q 89 5.82 44.63 -3.24
N SER Q 90 5.92 45.68 -2.45
CA SER Q 90 6.30 46.99 -2.95
C SER Q 90 7.77 46.94 -3.36
N PRO Q 91 8.08 47.41 -4.58
CA PRO Q 91 9.47 47.35 -5.06
C PRO Q 91 10.47 48.20 -4.24
N ASP Q 92 9.97 49.21 -3.54
CA ASP Q 92 10.80 50.05 -2.67
C ASP Q 92 10.95 49.44 -1.28
N ARG Q 93 10.48 48.21 -1.14
CA ARG Q 93 10.73 47.38 0.03
C ARG Q 93 11.36 46.07 -0.46
N VAL Q 94 12.21 46.16 -1.47
CA VAL Q 94 12.90 45.00 -2.02
C VAL Q 94 14.36 45.36 -2.15
N TYR Q 95 15.25 44.45 -1.75
CA TYR Q 95 16.68 44.58 -2.00
C TYR Q 95 17.16 43.32 -2.69
N ILE Q 96 17.89 43.49 -3.80
CA ILE Q 96 18.50 42.36 -4.49
C ILE Q 96 20.01 42.55 -4.53
N ASN Q 97 20.78 41.54 -4.14
CA ASN Q 97 22.24 41.56 -4.32
C ASN Q 97 22.65 40.70 -5.49
N TYR Q 98 23.51 41.26 -6.34
CA TYR Q 98 23.96 40.58 -7.51
C TYR Q 98 25.39 40.09 -7.34
N TYR Q 99 25.68 38.92 -7.90
CA TYR Q 99 27.00 38.33 -7.80
C TYR Q 99 27.47 37.83 -9.13
N ASP Q 100 28.55 38.44 -9.57
CA ASP Q 100 29.25 37.98 -10.73
C ASP Q 100 30.25 36.90 -10.25
N MET Q 101 29.86 35.66 -10.42
CA MET Q 101 30.68 34.56 -9.98
C MET Q 101 31.71 34.21 -11.02
N ASN Q 102 32.92 33.99 -10.52
CA ASN Q 102 34.00 33.45 -11.30
C ASN Q 102 33.77 31.96 -11.45
N ALA Q 103 33.98 31.39 -12.63
CA ALA Q 103 33.69 29.96 -12.86
C ALA Q 103 34.43 29.01 -11.90
N ALA Q 104 35.63 29.44 -11.50
CA ALA Q 104 36.43 28.66 -10.57
C ALA Q 104 35.80 28.61 -9.18
N ASN Q 105 34.92 29.56 -8.86
CA ASN Q 105 34.27 29.59 -7.52
C ASN Q 105 32.85 29.10 -7.50
N VAL Q 106 32.53 28.18 -8.39
CA VAL Q 106 31.22 27.62 -8.43
C VAL Q 106 31.33 26.12 -8.63
N GLY Q 107 30.95 25.36 -7.62
CA GLY Q 107 30.98 23.92 -7.69
C GLY Q 107 29.70 23.39 -8.26
N TRP Q 108 29.81 22.32 -9.03
CA TRP Q 108 28.65 21.66 -9.61
C TRP Q 108 29.15 20.30 -10.00
N ASN Q 109 28.35 19.27 -9.85
CA ASN Q 109 28.68 17.94 -10.39
C ASN Q 109 30.12 17.42 -10.11
N ASN Q 110 30.51 17.49 -8.84
CA ASN Q 110 31.78 16.97 -8.33
C ASN Q 110 32.99 17.79 -8.70
N SER Q 111 32.82 18.87 -9.45
CA SER Q 111 33.96 19.69 -9.89
C SER Q 111 33.61 21.16 -9.80
N THR Q 112 34.27 21.99 -10.58
CA THR Q 112 33.80 23.37 -10.77
C THR Q 112 33.59 23.68 -12.25
N PHE Q 113 33.08 24.86 -12.50
CA PHE Q 113 32.82 25.29 -13.88
C PHE Q 113 34.08 25.67 -14.69
N ALA Q 114 35.17 26.04 -14.01
CA ALA Q 114 36.38 26.52 -14.69
C ALA Q 114 36.81 25.66 -15.90
N PRO R 1 20.84 49.10 3.80
CA PRO R 1 21.69 47.96 4.12
C PRO R 1 20.88 46.68 4.30
N MET R 2 21.58 45.54 4.44
CA MET R 2 20.94 44.25 4.62
C MET R 2 21.64 43.49 5.73
N PHE R 3 20.93 43.24 6.83
CA PHE R 3 21.48 42.48 7.96
C PHE R 3 20.72 41.22 8.28
N ILE R 4 21.40 40.08 8.21
CA ILE R 4 20.77 38.77 8.39
C ILE R 4 21.41 38.03 9.57
N VAL R 5 20.59 37.31 10.35
CA VAL R 5 21.04 36.50 11.50
C VAL R 5 20.35 35.14 11.45
N ASN R 6 21.14 34.09 11.16
CA ASN R 6 20.68 32.71 11.28
C ASN R 6 21.21 32.20 12.60
N THR R 7 20.39 31.46 13.34
CA THR R 7 20.77 31.02 14.68
C THR R 7 19.95 29.82 15.01
N ASN R 8 20.46 29.04 15.96
CA ASN R 8 19.77 27.88 16.42
C ASN R 8 18.94 28.15 17.69
N VAL R 9 18.93 29.38 18.16
CA VAL R 9 18.06 29.77 19.29
C VAL R 9 16.63 29.65 18.78
N PRO R 10 15.69 29.16 19.63
CA PRO R 10 14.34 28.98 19.09
C PRO R 10 13.57 30.28 19.07
N ARG R 11 12.51 30.36 18.26
CA ARG R 11 11.74 31.60 18.03
C ARG R 11 11.33 32.33 19.33
N ALA R 12 10.85 31.57 20.31
CA ALA R 12 10.32 32.14 21.55
C ALA R 12 11.34 32.99 22.33
N SER R 13 12.62 32.76 22.08
CA SER R 13 13.69 33.47 22.81
C SER R 13 14.16 34.72 22.06
N VAL R 14 13.68 34.91 20.83
CA VAL R 14 13.85 36.17 20.14
C VAL R 14 12.81 37.15 20.71
N PRO R 15 13.28 38.13 21.51
CA PRO R 15 12.28 39.03 22.12
C PRO R 15 11.51 39.81 21.08
N ASP R 16 10.30 40.27 21.43
CA ASP R 16 9.62 41.27 20.62
C ASP R 16 10.38 42.59 20.81
N GLY R 17 10.59 43.31 19.72
CA GLY R 17 11.41 44.54 19.73
C GLY R 17 12.84 44.35 19.24
N PHE R 18 13.22 43.12 18.89
CA PHE R 18 14.58 42.76 18.48
C PHE R 18 14.95 43.28 17.07
N LEU R 19 14.07 43.05 16.11
CA LEU R 19 14.26 43.60 14.76
C LEU R 19 14.40 45.12 14.83
N SER R 20 13.47 45.77 15.54
CA SER R 20 13.48 47.25 15.68
C SER R 20 14.77 47.73 16.33
N GLU R 21 15.23 47.01 17.34
CA GLU R 21 16.47 47.35 18.01
C GLU R 21 17.66 47.28 17.05
N LEU R 22 17.77 46.18 16.30
CA LEU R 22 18.83 46.02 15.27
C LEU R 22 18.80 47.15 14.23
N THR R 23 17.59 47.49 13.77
CA THR R 23 17.38 48.59 12.82
C THR R 23 17.98 49.88 13.35
N GLN R 24 17.67 50.23 14.60
CA GLN R 24 18.09 51.51 15.17
C GLN R 24 19.55 51.51 15.55
N GLN R 25 20.06 50.35 15.98
CA GLN R 25 21.46 50.22 16.33
C GLN R 25 22.34 50.24 15.10
N LEU R 26 21.87 49.63 14.02
CA LEU R 26 22.60 49.59 12.74
C LEU R 26 22.61 50.95 12.05
N ALA R 27 21.47 51.64 12.09
CA ALA R 27 21.41 53.05 11.67
C ALA R 27 22.43 53.97 12.39
N GLN R 28 22.41 54.02 13.73
CA GLN R 28 23.44 54.77 14.50
C GLN R 28 24.87 54.45 14.06
N ALA R 29 25.12 53.17 13.82
CA ALA R 29 26.47 52.67 13.59
C ALA R 29 26.92 52.93 12.17
N THR R 30 26.14 52.50 11.19
CA THR R 30 26.52 52.68 9.78
C THR R 30 26.44 54.14 9.34
N GLY R 31 25.68 54.96 10.07
CA GLY R 31 25.32 56.29 9.60
C GLY R 31 24.20 56.27 8.57
N LYS R 32 23.65 55.10 8.22
CA LYS R 32 22.56 54.99 7.23
C LYS R 32 21.16 55.28 7.81
N PRO R 33 20.22 55.69 6.95
CA PRO R 33 18.94 56.03 7.52
C PRO R 33 18.20 54.77 7.98
N PRO R 34 17.50 54.85 9.13
CA PRO R 34 16.74 53.71 9.61
C PRO R 34 15.71 53.17 8.61
N GLN R 35 15.11 54.04 7.79
CA GLN R 35 14.09 53.61 6.85
C GLN R 35 14.61 52.65 5.76
N TYR R 36 15.94 52.54 5.62
CA TYR R 36 16.52 51.71 4.57
C TYR R 36 17.27 50.49 5.11
N ILE R 37 17.28 50.31 6.43
CA ILE R 37 17.90 49.12 7.03
C ILE R 37 16.88 48.00 7.01
N ALA R 38 17.25 46.86 6.41
CA ALA R 38 16.42 45.65 6.39
C ALA R 38 17.06 44.60 7.29
N VAL R 39 16.25 44.05 8.19
CA VAL R 39 16.70 43.00 9.09
C VAL R 39 15.89 41.73 8.88
N HIS R 40 16.57 40.62 9.07
CA HIS R 40 16.04 39.31 8.78
C HIS R 40 16.59 38.40 9.84
N VAL R 41 15.70 37.76 10.62
CA VAL R 41 16.08 36.80 11.66
C VAL R 41 15.53 35.43 11.31
N VAL R 42 16.39 34.43 11.41
CA VAL R 42 16.03 33.04 11.10
C VAL R 42 16.36 32.17 12.29
N PRO R 43 15.35 31.89 13.13
CA PRO R 43 15.60 31.07 14.30
C PRO R 43 15.33 29.59 14.04
N ASP R 44 15.50 28.75 15.07
CA ASP R 44 15.22 27.29 15.01
C ASP R 44 15.98 26.56 13.91
N GLN R 45 17.21 26.97 13.65
CA GLN R 45 18.02 26.37 12.58
C GLN R 45 18.84 25.22 13.08
N LEU R 46 19.08 24.26 12.19
CA LEU R 46 19.96 23.13 12.46
C LEU R 46 21.37 23.56 12.13
N MET R 47 22.11 24.01 13.15
CA MET R 47 23.46 24.47 12.90
C MET R 47 24.40 24.21 14.05
N ALA R 48 25.66 24.00 13.68
CA ALA R 48 26.69 23.69 14.63
C ALA R 48 27.80 24.71 14.47
N PHE R 49 28.44 25.09 15.57
CA PHE R 49 29.62 25.92 15.52
C PHE R 49 30.68 25.22 16.36
N GLY R 50 31.82 24.89 15.73
CA GLY R 50 32.87 24.14 16.39
C GLY R 50 32.43 22.77 16.87
N GLY R 51 31.59 22.10 16.07
CA GLY R 51 31.08 20.77 16.43
C GLY R 51 29.90 20.77 17.39
N SER R 52 29.84 21.77 18.27
CA SER R 52 28.77 21.92 19.26
C SER R 52 27.51 22.49 18.67
N SER R 53 26.41 22.19 19.33
CA SER R 53 25.14 22.79 18.98
C SER R 53 24.60 23.60 20.15
N GLU R 54 25.47 24.02 21.05
CA GLU R 54 25.14 25.14 21.96
C GLU R 54 24.77 26.35 21.08
N PRO R 55 23.99 27.30 21.64
CA PRO R 55 23.45 28.35 20.77
C PRO R 55 24.54 29.11 20.01
N CYS R 56 24.28 29.44 18.76
CA CYS R 56 25.29 30.05 17.91
C CYS R 56 24.65 30.95 16.85
N ALA R 57 25.45 31.63 16.04
CA ALA R 57 24.87 32.51 15.03
C ALA R 57 25.79 32.79 13.86
N LEU R 58 25.23 32.73 12.66
CA LEU R 58 25.87 33.19 11.42
C LEU R 58 25.14 34.39 10.85
N CYS R 59 25.86 35.47 10.68
CA CYS R 59 25.23 36.71 10.29
C CYS R 59 25.92 37.30 9.07
N SER R 60 25.19 38.15 8.37
CA SER R 60 25.77 38.92 7.26
C SER R 60 25.25 40.34 7.24
N LEU R 61 26.14 41.27 6.91
CA LEU R 61 25.78 42.67 6.57
C LEU R 61 26.24 43.10 5.14
N HIS R 62 25.29 43.37 4.25
CA HIS R 62 25.53 43.95 2.95
C HIS R 62 25.25 45.46 3.00
N SER R 63 26.17 46.24 2.46
CA SER R 63 26.03 47.66 2.43
C SER R 63 26.89 48.24 1.32
N ILE R 64 26.39 49.34 0.73
CA ILE R 64 27.11 50.14 -0.22
C ILE R 64 27.87 51.19 0.56
N GLY R 65 29.14 50.92 0.81
CA GLY R 65 29.94 51.77 1.68
C GLY R 65 29.75 51.41 3.13
N LYS R 66 30.53 52.09 3.98
CA LYS R 66 30.46 51.92 5.43
C LYS R 66 30.94 50.53 5.85
N ILE R 67 31.82 49.92 5.05
CA ILE R 67 32.33 48.60 5.30
C ILE R 67 33.85 48.82 5.30
N GLY R 68 34.54 48.50 6.39
CA GLY R 68 35.99 48.62 6.46
C GLY R 68 36.58 48.03 7.74
N GLY R 69 37.90 48.12 7.88
CA GLY R 69 38.57 47.63 9.08
C GLY R 69 37.90 48.06 10.37
N ALA R 70 38.11 49.32 10.74
CA ALA R 70 37.66 49.91 12.01
C ALA R 70 36.17 49.78 12.19
N GLN R 71 35.43 49.95 11.10
CA GLN R 71 33.95 49.98 11.15
C GLN R 71 33.43 48.62 11.48
N ASN R 72 33.94 47.59 10.77
CA ASN R 72 33.52 46.19 10.95
C ASN R 72 33.86 45.70 12.35
N ARG R 73 35.03 46.13 12.81
CA ARG R 73 35.48 45.93 14.18
C ARG R 73 34.45 46.49 15.16
N SER R 74 33.97 47.69 14.83
CA SER R 74 32.97 48.41 15.61
C SER R 74 31.63 47.73 15.55
N TYR R 75 31.19 47.38 14.36
CA TYR R 75 29.89 46.74 14.18
C TYR R 75 29.85 45.39 14.89
N SER R 76 30.97 44.68 14.83
CA SER R 76 31.07 43.35 15.45
C SER R 76 30.90 43.44 16.96
N LYS R 77 31.60 44.40 17.56
CA LYS R 77 31.47 44.65 18.99
C LYS R 77 30.02 44.90 19.34
N LEU R 78 29.39 45.67 18.47
CA LEU R 78 28.00 46.05 18.64
C LEU R 78 27.07 44.88 18.50
N LEU R 79 27.19 44.14 17.39
CA LEU R 79 26.23 43.09 17.05
C LEU R 79 26.40 41.81 17.86
N CYS R 80 27.64 41.46 18.21
CA CYS R 80 27.89 40.35 19.11
C CYS R 80 27.31 40.70 20.49
N GLY R 81 27.55 41.93 20.93
CA GLY R 81 26.94 42.47 22.15
C GLY R 81 25.42 42.34 22.24
N LEU R 82 24.69 42.68 21.16
CA LEU R 82 23.22 42.49 21.08
C LEU R 82 22.82 41.04 21.12
N LEU R 83 23.49 40.24 20.31
CA LEU R 83 23.21 38.80 20.28
C LEU R 83 23.38 38.14 21.66
N ALA R 84 24.34 38.63 22.44
CA ALA R 84 24.63 38.11 23.78
C ALA R 84 23.54 38.45 24.77
N GLU R 85 23.21 39.73 24.83
CA GLU R 85 22.24 40.26 25.77
C GLU R 85 20.82 39.73 25.46
N ARG R 86 20.38 39.82 24.21
CA ARG R 86 18.99 39.52 23.89
C ARG R 86 18.76 38.06 23.55
N LEU R 87 19.76 37.36 23.01
CA LEU R 87 19.58 35.97 22.56
C LEU R 87 20.46 34.92 23.29
N ARG R 88 21.26 35.40 24.24
CA ARG R 88 22.13 34.55 25.06
C ARG R 88 23.24 33.81 24.29
N ILE R 89 23.44 34.18 23.02
CA ILE R 89 24.46 33.55 22.18
C ILE R 89 25.85 34.07 22.54
N SER R 90 26.77 33.14 22.83
CA SER R 90 28.13 33.53 23.19
C SER R 90 28.90 34.22 22.03
N PRO R 91 29.55 35.35 22.31
CA PRO R 91 30.25 36.10 21.24
C PRO R 91 31.29 35.30 20.40
N ASP R 92 31.92 34.29 20.99
CA ASP R 92 32.82 33.45 20.23
C ASP R 92 32.08 32.37 19.46
N ARG R 93 30.75 32.38 19.50
CA ARG R 93 29.95 31.48 18.67
C ARG R 93 29.08 32.30 17.74
N VAL R 94 29.67 33.39 17.24
CA VAL R 94 29.03 34.20 16.24
C VAL R 94 30.03 34.56 15.16
N TYR R 95 29.69 34.24 13.92
CA TYR R 95 30.43 34.82 12.79
C TYR R 95 29.57 35.87 12.13
N ILE R 96 30.18 36.96 11.71
CA ILE R 96 29.48 38.00 10.91
C ILE R 96 30.23 38.28 9.64
N ASN R 97 29.63 37.98 8.50
CA ASN R 97 30.20 38.34 7.21
C ASN R 97 29.82 39.75 6.73
N TYR R 98 30.84 40.57 6.46
CA TYR R 98 30.65 41.93 5.96
C TYR R 98 30.87 41.97 4.46
N TYR R 99 30.00 42.68 3.77
CA TYR R 99 30.07 42.74 2.33
C TYR R 99 29.90 44.17 1.87
N ASP R 100 30.92 44.71 1.23
CA ASP R 100 30.85 46.02 0.65
C ASP R 100 30.38 45.95 -0.78
N MET R 101 29.10 46.11 -0.98
CA MET R 101 28.59 46.04 -2.34
C MET R 101 28.88 47.29 -3.21
N ASN R 102 29.28 47.03 -4.43
CA ASN R 102 29.17 48.01 -5.49
C ASN R 102 27.70 48.37 -5.74
N ALA R 103 27.47 49.65 -6.01
CA ALA R 103 26.13 50.16 -6.20
C ALA R 103 25.46 49.55 -7.41
N ALA R 104 26.21 49.23 -8.43
CA ALA R 104 25.60 48.55 -9.59
C ALA R 104 25.11 47.12 -9.30
N ASN R 105 25.47 46.58 -8.13
CA ASN R 105 25.13 45.21 -7.79
C ASN R 105 24.03 45.06 -6.73
N VAL R 106 23.26 46.11 -6.49
CA VAL R 106 22.12 46.06 -5.57
C VAL R 106 20.85 46.58 -6.27
N GLY R 107 19.84 45.73 -6.45
CA GLY R 107 18.53 46.19 -6.91
C GLY R 107 17.70 46.80 -5.78
N TRP R 108 16.82 47.73 -6.13
CA TRP R 108 15.90 48.37 -5.19
C TRP R 108 14.97 49.29 -5.97
N ASN R 109 13.68 49.14 -5.74
CA ASN R 109 12.71 50.01 -6.40
C ASN R 109 12.73 49.96 -7.93
N ASN R 110 12.83 48.74 -8.49
CA ASN R 110 12.83 48.48 -9.95
C ASN R 110 14.11 48.84 -10.68
N SER R 111 15.21 48.95 -9.97
CA SER R 111 16.40 49.51 -10.57
C SER R 111 17.56 49.17 -9.65
N THR R 112 18.73 49.77 -9.91
CA THR R 112 19.85 49.66 -8.97
C THR R 112 20.14 51.01 -8.26
N PHE R 113 21.07 51.02 -7.30
CA PHE R 113 21.51 52.26 -6.67
C PHE R 113 22.47 53.01 -7.57
N ALA R 114 22.94 52.37 -8.64
CA ALA R 114 23.75 53.06 -9.66
C ALA R 114 22.97 53.35 -10.95
#